data_1V3K
#
_entry.id   1V3K
#
_cell.length_a   64.88
_cell.length_b   74.43
_cell.length_c   79.01
_cell.angle_alpha   85.15
_cell.angle_beta   105.05
_cell.angle_gamma   101.02
#
_symmetry.space_group_name_H-M   'P 1'
#
loop_
_entity.id
_entity.type
_entity.pdbx_description
1 polymer 'Cyclomaltodextrin glucanotransferase'
2 non-polymer 'CALCIUM ION'
3 water water
#
_entity_poly.entity_id   1
_entity_poly.type   'polypeptide(L)'
_entity_poly.pdbx_seq_one_letter_code
;APDTSVSNKQNFSTDVIYQIFTDRFSDGNPANNPTGAAFDGSCTNLRLYCGGDWQGIINKINDGYLTGMGITAIWISQPV
ENIYSVINYSGVNNTAYHGYWARDFKKTNPAYGTMQDFKNLIDTAHAHNIKVIIDFAPNHTSPASSDDPSFAENGRLYDN
GNLLGGYTNDTQNLFHHYGGTDFSTIENGIYKNLYDLADLNHNNSSVDVYLKDAIKMWLDLGVDGIRVDAVKHMPFGWQK
SFMATINNYKPVFTFGEWFLGVNEISPEYHQFANESGMSLLDYRFAQKARQVFRDNTDNMYGLKAMLEGSEVDYAQVNDQ
VTFIDNHDMERFHTSNGDRRKLEQALAFTLTSRGVPAIYYGSEQYMSGGNDPDNRARLPSFSTTTTAYQVIQKLAPLRKS
NPAIAYGSTHERWINNDVIIYERKFGNNVAVVAINRNMNTPASITGLVTSLPRGSYNDVLGGILNGNTLTVGAGGAASNF
TLAPGGTAVWQYTTDATTPIIGNVGPMMAKPGVTITIDGRGFGSGKGTVYFGTTAVTGADIVAWEDTQIQVKIPAVPGGI
YDIRVANAAGAASNIYDNFEVLTGDQVTVRFVINNATTALGQNVFLTGNVSELGNWDPNNAIGPMYNQVVYQYPTWYYDV
SVPAGQTIEFKFLKKQGSTVTWEGGANRTFTTPTSGTATVNVNWQP
;
_entity_poly.pdbx_strand_id   A,B
#
loop_
_chem_comp.id
_chem_comp.type
_chem_comp.name
_chem_comp.formula
CA non-polymer 'CALCIUM ION' 'Ca 2'
#
# COMPACT_ATOMS: atom_id res chain seq x y z
N ALA A 1 25.80 13.24 -3.40
CA ALA A 1 26.51 12.30 -2.55
C ALA A 1 25.48 11.22 -2.24
N PRO A 2 25.77 9.96 -1.87
CA PRO A 2 24.74 8.96 -1.66
C PRO A 2 23.88 9.23 -0.44
N ASP A 3 22.74 8.59 -0.38
CA ASP A 3 21.83 8.67 0.74
C ASP A 3 22.52 8.28 2.04
N THR A 4 23.47 7.33 2.03
CA THR A 4 24.12 6.82 3.21
C THR A 4 25.26 7.72 3.71
N SER A 5 25.65 8.73 2.99
CA SER A 5 26.73 9.59 3.39
C SER A 5 26.52 10.24 4.75
N VAL A 6 27.62 10.48 5.46
CA VAL A 6 27.60 11.23 6.70
C VAL A 6 27.16 12.65 6.40
N SER A 7 27.28 13.18 5.17
CA SER A 7 26.87 14.55 4.96
C SER A 7 25.35 14.70 4.81
N ASN A 8 24.57 13.61 4.81
CA ASN A 8 23.13 13.70 4.69
C ASN A 8 22.58 14.09 6.06
N LYS A 9 22.48 15.38 6.34
CA LYS A 9 21.96 15.83 7.62
C LYS A 9 20.44 15.79 7.67
N GLN A 10 19.75 15.54 6.56
CA GLN A 10 18.32 15.63 6.57
C GLN A 10 17.60 14.35 6.95
N ASN A 11 18.14 13.18 6.68
CA ASN A 11 17.38 11.93 6.90
C ASN A 11 18.32 10.95 7.54
N PHE A 12 17.79 10.22 8.51
CA PHE A 12 18.61 9.33 9.32
C PHE A 12 18.13 7.89 9.32
N SER A 13 17.27 7.44 8.41
CA SER A 13 16.79 6.07 8.46
C SER A 13 17.93 5.11 8.19
N THR A 14 19.03 5.51 7.52
CA THR A 14 20.12 4.58 7.27
C THR A 14 21.08 4.56 8.46
N ASP A 15 20.80 5.33 9.52
CA ASP A 15 21.69 5.39 10.67
C ASP A 15 21.24 4.58 11.87
N VAL A 16 22.20 4.31 12.75
CA VAL A 16 21.89 3.82 14.09
C VAL A 16 22.55 4.84 15.03
N ILE A 17 21.65 5.43 15.83
CA ILE A 17 21.98 6.45 16.83
C ILE A 17 22.41 5.77 18.15
N TYR A 18 23.48 6.25 18.81
CA TYR A 18 23.87 5.83 20.15
C TYR A 18 23.64 7.05 21.08
N GLN A 19 22.70 6.93 22.03
CA GLN A 19 22.35 8.02 22.93
C GLN A 19 23.28 8.01 24.12
N ILE A 20 23.99 9.12 24.33
CA ILE A 20 25.00 9.26 25.35
C ILE A 20 24.64 10.35 26.34
N PHE A 21 24.63 10.04 27.63
CA PHE A 21 24.62 11.10 28.66
C PHE A 21 26.09 11.44 28.77
N THR A 22 26.53 12.61 28.28
CA THR A 22 27.94 12.95 28.20
C THR A 22 28.71 12.72 29.50
N ASP A 23 28.10 13.05 30.63
CA ASP A 23 28.79 12.98 31.89
C ASP A 23 29.05 11.55 32.38
N ARG A 24 28.34 10.59 31.80
CA ARG A 24 28.36 9.24 32.31
C ARG A 24 29.05 8.25 31.36
N PHE A 25 29.72 8.78 30.35
CA PHE A 25 30.30 7.93 29.33
C PHE A 25 31.81 7.87 29.53
N SER A 26 32.63 8.87 29.24
CA SER A 26 34.05 8.76 29.54
C SER A 26 34.65 10.12 29.84
N ASP A 27 35.40 10.17 30.93
CA ASP A 27 36.07 11.38 31.34
C ASP A 27 37.42 11.35 30.64
N GLY A 28 37.47 11.99 29.47
CA GLY A 28 38.71 12.08 28.72
C GLY A 28 39.61 13.20 29.18
N ASN A 29 39.08 14.18 29.90
CA ASN A 29 39.89 15.31 30.37
C ASN A 29 39.47 15.63 31.81
N PRO A 30 40.19 15.11 32.80
CA PRO A 30 39.94 15.39 34.21
C PRO A 30 40.18 16.83 34.59
N ALA A 31 40.96 17.64 33.88
CA ALA A 31 41.14 19.04 34.26
C ALA A 31 39.88 19.86 34.12
N ASN A 32 38.87 19.41 33.35
CA ASN A 32 37.65 20.22 33.21
C ASN A 32 36.54 19.76 34.17
N ASN A 33 36.89 18.85 35.09
CA ASN A 33 35.90 18.30 35.99
C ASN A 33 35.47 19.37 36.99
N PRO A 34 34.16 19.52 37.30
CA PRO A 34 33.68 20.35 38.39
C PRO A 34 34.37 19.94 39.68
N THR A 35 34.50 20.83 40.65
CA THR A 35 35.15 20.51 41.91
C THR A 35 34.16 20.66 43.04
N GLY A 36 34.54 20.07 44.15
CA GLY A 36 33.79 20.31 45.36
C GLY A 36 32.51 19.54 45.41
N ALA A 37 31.52 20.22 45.95
CA ALA A 37 30.21 19.64 46.17
C ALA A 37 29.48 19.15 44.89
N ALA A 38 29.92 19.69 43.74
CA ALA A 38 29.35 19.40 42.45
C ALA A 38 29.90 18.12 41.82
N PHE A 39 31.00 17.56 42.35
CA PHE A 39 31.67 16.47 41.67
C PHE A 39 31.72 15.20 42.48
N ASP A 40 31.51 14.05 41.88
CA ASP A 40 31.73 12.79 42.55
C ASP A 40 32.42 11.88 41.54
N GLY A 41 33.72 11.78 41.63
CA GLY A 41 34.50 10.91 40.78
C GLY A 41 34.13 9.44 40.91
N SER A 42 33.55 8.98 42.01
CA SER A 42 33.21 7.57 42.07
C SER A 42 31.92 7.28 41.30
N CYS A 43 31.19 8.37 41.00
CA CYS A 43 29.88 8.34 40.39
C CYS A 43 28.95 7.37 41.14
N THR A 44 28.96 7.44 42.48
CA THR A 44 27.95 6.71 43.22
C THR A 44 26.77 7.60 43.62
N ASN A 45 26.90 8.95 43.65
CA ASN A 45 25.77 9.84 43.86
C ASN A 45 25.53 10.29 42.42
N LEU A 46 24.48 9.70 41.84
CA LEU A 46 24.14 9.89 40.43
C LEU A 46 23.48 11.21 40.07
N ARG A 47 23.44 12.18 40.99
CA ARG A 47 22.90 13.51 40.69
C ARG A 47 24.00 14.54 40.64
N LEU A 48 25.23 14.07 40.74
CA LEU A 48 26.37 14.95 40.71
C LEU A 48 27.09 14.70 39.40
N TYR A 49 28.07 15.55 39.08
CA TYR A 49 28.91 15.33 37.92
C TYR A 49 29.90 14.21 38.22
N CYS A 50 29.98 13.17 37.39
CA CYS A 50 31.02 12.15 37.48
C CYS A 50 32.25 12.44 36.62
N GLY A 51 32.20 13.43 35.68
CA GLY A 51 33.37 13.89 34.93
C GLY A 51 33.45 13.63 33.41
N GLY A 52 32.50 12.87 32.85
CA GLY A 52 32.44 12.55 31.42
C GLY A 52 32.29 13.78 30.53
N ASP A 53 33.02 13.75 29.42
CA ASP A 53 33.12 14.94 28.56
C ASP A 53 33.26 14.63 27.09
N TRP A 54 33.39 15.64 26.23
CA TRP A 54 33.52 15.45 24.79
C TRP A 54 34.83 14.79 24.42
N GLN A 55 35.95 15.06 25.08
CA GLN A 55 37.18 14.35 24.81
C GLN A 55 37.08 12.82 25.02
N GLY A 56 36.16 12.43 25.90
CA GLY A 56 35.94 11.04 26.24
C GLY A 56 35.23 10.36 25.08
N ILE A 57 34.27 11.05 24.47
CA ILE A 57 33.56 10.55 23.30
C ILE A 57 34.55 10.49 22.15
N ILE A 58 35.36 11.53 21.89
CA ILE A 58 36.40 11.49 20.85
C ILE A 58 37.30 10.27 21.06
N ASN A 59 37.73 9.97 22.27
CA ASN A 59 38.59 8.82 22.47
C ASN A 59 37.93 7.50 22.13
N LYS A 60 36.61 7.42 22.34
CA LYS A 60 35.90 6.19 22.09
C LYS A 60 35.48 6.00 20.64
N ILE A 61 35.52 7.09 19.89
CA ILE A 61 35.35 7.02 18.45
C ILE A 61 36.71 6.60 17.90
N ASN A 62 37.80 7.27 18.27
CA ASN A 62 39.14 6.99 17.77
C ASN A 62 39.65 5.60 17.99
N ASP A 63 39.38 5.03 19.15
CA ASP A 63 39.89 3.72 19.49
C ASP A 63 39.03 2.57 19.01
N GLY A 64 37.95 2.90 18.30
CA GLY A 64 37.09 1.89 17.71
C GLY A 64 35.98 1.31 18.59
N TYR A 65 35.72 1.77 19.84
CA TYR A 65 34.63 1.20 20.62
C TYR A 65 33.28 1.47 19.94
N LEU A 66 33.04 2.72 19.53
CA LEU A 66 31.78 3.10 18.91
C LEU A 66 31.67 2.70 17.45
N THR A 67 32.76 2.85 16.67
CA THR A 67 32.72 2.47 15.27
C THR A 67 32.73 0.95 15.09
N GLY A 68 33.30 0.16 16.02
CA GLY A 68 33.33 -1.29 15.89
C GLY A 68 31.95 -1.90 16.00
N MET A 69 31.10 -1.14 16.68
CA MET A 69 29.70 -1.46 16.89
C MET A 69 28.86 -1.16 15.68
N GLY A 70 29.32 -0.35 14.74
CA GLY A 70 28.49 0.02 13.60
C GLY A 70 27.64 1.24 13.89
N ILE A 71 27.89 2.03 14.95
CA ILE A 71 27.10 3.21 15.27
C ILE A 71 27.37 4.25 14.20
N THR A 72 26.40 4.96 13.67
CA THR A 72 26.72 5.98 12.68
C THR A 72 26.21 7.35 13.13
N ALA A 73 25.63 7.50 14.32
CA ALA A 73 25.18 8.82 14.80
C ALA A 73 25.25 8.81 16.32
N ILE A 74 25.70 9.88 16.97
CA ILE A 74 25.67 9.89 18.44
C ILE A 74 24.71 11.00 18.84
N TRP A 75 23.93 10.79 19.91
CA TRP A 75 23.00 11.79 20.41
C TRP A 75 23.58 12.17 21.78
N ILE A 76 23.98 13.41 21.96
CA ILE A 76 24.62 13.84 23.20
C ILE A 76 23.80 14.87 24.00
N SER A 77 24.17 15.05 25.26
CA SER A 77 23.54 16.00 26.18
C SER A 77 23.62 17.42 25.63
N GLN A 78 22.68 18.30 26.02
CA GLN A 78 22.61 19.65 25.50
C GLN A 78 23.95 20.30 25.74
N PRO A 79 24.59 20.92 24.73
CA PRO A 79 25.97 21.37 24.85
C PRO A 79 26.15 22.74 25.51
N VAL A 80 25.04 23.44 25.76
CA VAL A 80 25.12 24.84 26.20
C VAL A 80 25.46 25.00 27.68
N GLU A 81 26.02 26.16 28.02
CA GLU A 81 26.33 26.46 29.39
C GLU A 81 25.11 26.33 30.32
N ASN A 82 25.29 25.56 31.40
CA ASN A 82 24.27 25.33 32.41
C ASN A 82 24.60 26.09 33.69
N ILE A 83 23.68 26.17 34.65
CA ILE A 83 23.95 26.79 35.95
C ILE A 83 24.98 25.95 36.70
N TYR A 84 25.75 26.68 37.51
CA TYR A 84 26.81 26.11 38.32
C TYR A 84 26.38 25.70 39.71
N SER A 85 25.24 26.16 40.24
CA SER A 85 24.70 25.81 41.53
C SER A 85 24.58 24.33 41.86
N VAL A 86 24.85 23.95 43.10
CA VAL A 86 24.54 22.59 43.54
C VAL A 86 23.25 22.82 44.33
N ILE A 87 22.13 22.27 43.89
CA ILE A 87 20.86 22.50 44.53
C ILE A 87 20.56 21.35 45.44
N ASN A 88 20.18 21.69 46.66
CA ASN A 88 19.85 20.71 47.66
C ASN A 88 18.35 20.53 47.63
N TYR A 89 17.83 19.41 47.12
CA TYR A 89 16.41 19.17 47.17
C TYR A 89 16.25 18.18 48.30
N SER A 90 15.78 18.69 49.44
CA SER A 90 15.53 17.89 50.64
C SER A 90 16.62 16.90 51.01
N GLY A 91 17.77 17.53 51.26
CA GLY A 91 18.92 16.78 51.67
C GLY A 91 19.78 16.41 50.48
N VAL A 92 19.24 15.93 49.36
CA VAL A 92 20.15 15.50 48.31
C VAL A 92 20.56 16.65 47.39
N ASN A 93 21.86 16.66 47.16
CA ASN A 93 22.44 17.65 46.29
C ASN A 93 22.29 17.23 44.83
N ASN A 94 22.04 18.22 43.96
CA ASN A 94 21.73 18.05 42.55
C ASN A 94 22.51 19.01 41.68
N THR A 95 23.09 18.55 40.57
CA THR A 95 23.80 19.43 39.67
C THR A 95 23.16 19.37 38.28
N ALA A 96 23.62 20.21 37.36
CA ALA A 96 23.20 20.22 35.98
C ALA A 96 24.00 19.20 35.15
N TYR A 97 24.31 17.99 35.66
CA TYR A 97 25.14 17.03 34.93
C TYR A 97 24.51 16.62 33.61
N HIS A 98 23.17 16.65 33.60
CA HIS A 98 22.35 16.24 32.46
C HIS A 98 22.24 17.30 31.38
N GLY A 99 22.72 18.53 31.56
CA GLY A 99 22.67 19.50 30.48
C GLY A 99 21.36 20.24 30.35
N TYR A 100 20.32 19.87 31.10
CA TYR A 100 19.02 20.49 30.96
C TYR A 100 18.74 21.84 31.58
N TRP A 101 19.63 22.42 32.38
CA TRP A 101 19.34 23.66 33.09
C TRP A 101 20.21 24.77 32.51
N ALA A 102 19.89 25.18 31.30
CA ALA A 102 20.66 26.20 30.62
C ALA A 102 20.71 27.59 31.24
N ARG A 103 21.82 28.29 31.05
CA ARG A 103 21.89 29.70 31.42
C ARG A 103 22.40 30.50 30.24
N ASP A 104 23.12 29.90 29.26
CA ASP A 104 23.53 30.66 28.09
C ASP A 104 23.57 29.69 26.90
N PHE A 105 22.63 29.85 25.99
CA PHE A 105 22.55 28.95 24.85
C PHE A 105 23.56 29.22 23.75
N LYS A 106 24.42 30.21 23.98
CA LYS A 106 25.46 30.55 23.04
C LYS A 106 26.84 30.13 23.49
N LYS A 107 27.02 29.47 24.62
CA LYS A 107 28.35 29.12 25.09
C LYS A 107 28.30 27.66 25.43
N THR A 108 29.43 26.97 25.61
CA THR A 108 29.40 25.57 26.03
C THR A 108 29.38 25.42 27.56
N ASN A 109 28.97 24.22 27.97
CA ASN A 109 29.10 23.78 29.34
C ASN A 109 30.55 23.37 29.47
N PRO A 110 31.36 24.09 30.25
CA PRO A 110 32.79 23.85 30.40
C PRO A 110 33.16 22.49 30.99
N ALA A 111 32.25 21.84 31.68
CA ALA A 111 32.53 20.52 32.18
C ALA A 111 32.60 19.56 31.01
N TYR A 112 31.84 19.85 29.95
CA TYR A 112 31.88 18.98 28.79
C TYR A 112 33.06 19.35 27.89
N GLY A 113 33.37 20.64 27.81
CA GLY A 113 34.53 21.10 27.08
C GLY A 113 34.36 22.54 26.57
N THR A 114 35.34 23.00 25.79
CA THR A 114 35.31 24.34 25.24
C THR A 114 34.66 24.26 23.88
N MET A 115 34.51 25.41 23.24
CA MET A 115 34.06 25.52 21.87
C MET A 115 34.98 24.76 20.94
N GLN A 116 36.31 24.87 21.10
CA GLN A 116 37.26 24.07 20.32
C GLN A 116 37.11 22.58 20.58
N ASP A 117 36.81 22.12 21.80
CA ASP A 117 36.56 20.71 22.01
C ASP A 117 35.31 20.26 21.28
N PHE A 118 34.26 21.11 21.24
CA PHE A 118 33.04 20.79 20.49
C PHE A 118 33.35 20.63 19.01
N LYS A 119 34.09 21.58 18.44
CA LYS A 119 34.54 21.50 17.05
C LYS A 119 35.35 20.25 16.78
N ASN A 120 36.28 19.90 17.65
CA ASN A 120 37.03 18.67 17.47
C ASN A 120 36.09 17.47 17.51
N LEU A 121 34.96 17.51 18.23
CA LEU A 121 34.06 16.37 18.30
C LEU A 121 33.32 16.20 16.98
N ILE A 122 32.87 17.34 16.46
CA ILE A 122 32.18 17.34 15.16
C ILE A 122 33.13 16.76 14.13
N ASP A 123 34.32 17.33 13.99
CA ASP A 123 35.26 16.87 13.01
C ASP A 123 35.70 15.43 13.21
N THR A 124 35.91 14.95 14.45
CA THR A 124 36.29 13.56 14.64
C THR A 124 35.14 12.62 14.26
N ALA A 125 33.91 12.99 14.62
CA ALA A 125 32.79 12.14 14.34
C ALA A 125 32.59 12.07 12.83
N HIS A 126 32.58 13.22 12.15
CA HIS A 126 32.42 13.26 10.71
C HIS A 126 33.52 12.49 10.00
N ALA A 127 34.78 12.58 10.42
CA ALA A 127 35.87 11.85 9.82
C ALA A 127 35.72 10.36 10.01
N HIS A 128 34.83 9.91 10.91
CA HIS A 128 34.59 8.49 11.10
C HIS A 128 33.19 8.11 10.67
N ASN A 129 32.55 8.95 9.84
CA ASN A 129 31.19 8.78 9.34
C ASN A 129 30.11 8.67 10.39
N ILE A 130 30.29 9.51 11.43
CA ILE A 130 29.33 9.58 12.50
C ILE A 130 28.79 11.01 12.53
N LYS A 131 27.47 11.02 12.48
CA LYS A 131 26.66 12.22 12.62
C LYS A 131 26.49 12.60 14.10
N VAL A 132 26.27 13.86 14.43
CA VAL A 132 26.21 14.29 15.82
C VAL A 132 24.86 14.97 16.03
N ILE A 133 24.01 14.44 16.91
CA ILE A 133 22.73 15.01 17.27
C ILE A 133 22.92 15.64 18.64
N ILE A 134 22.45 16.87 18.87
CA ILE A 134 22.51 17.50 20.18
C ILE A 134 21.09 17.68 20.75
N ASP A 135 20.89 17.51 22.05
CA ASP A 135 19.69 17.98 22.72
C ASP A 135 19.60 19.49 22.66
N PHE A 136 18.38 20.02 22.65
CA PHE A 136 18.21 21.47 22.70
C PHE A 136 16.92 21.59 23.49
N ALA A 137 16.92 22.40 24.54
CA ALA A 137 15.78 22.49 25.43
C ALA A 137 15.27 23.91 25.57
N PRO A 138 14.57 24.47 24.58
CA PRO A 138 14.19 25.88 24.56
C PRO A 138 12.99 26.23 25.46
N ASN A 139 12.47 25.27 26.21
CA ASN A 139 11.31 25.52 27.02
C ASN A 139 11.61 26.31 28.30
N HIS A 140 12.82 26.23 28.86
CA HIS A 140 13.12 26.77 30.17
C HIS A 140 14.61 27.08 30.30
N THR A 141 14.99 27.84 31.34
CA THR A 141 16.40 27.95 31.71
C THR A 141 16.71 26.94 32.83
N SER A 142 16.60 27.31 34.12
CA SER A 142 16.96 26.45 35.23
C SER A 142 16.04 26.63 36.46
N PRO A 143 16.14 25.86 37.58
CA PRO A 143 15.30 26.01 38.76
C PRO A 143 15.33 27.45 39.28
N ALA A 144 14.18 27.99 39.66
CA ALA A 144 14.13 29.37 40.11
C ALA A 144 12.93 29.58 40.98
N SER A 145 13.02 30.60 41.84
CA SER A 145 11.93 31.00 42.70
C SER A 145 11.93 32.51 42.53
N SER A 146 10.82 33.13 42.13
CA SER A 146 10.80 34.58 42.08
C SER A 146 10.74 35.10 43.51
N ASP A 147 10.15 34.34 44.45
CA ASP A 147 10.09 34.75 45.84
C ASP A 147 11.46 34.74 46.49
N ASP A 148 12.31 33.77 46.18
CA ASP A 148 13.64 33.73 46.74
C ASP A 148 14.70 33.96 45.68
N PRO A 149 15.15 35.20 45.41
CA PRO A 149 16.17 35.48 44.43
C PRO A 149 17.46 34.74 44.70
N SER A 150 17.68 34.17 45.88
CA SER A 150 18.96 33.56 46.15
C SER A 150 18.95 32.09 45.82
N PHE A 151 17.80 31.53 45.51
CA PHE A 151 17.76 30.13 45.18
C PHE A 151 18.43 29.90 43.81
N ALA A 152 19.42 29.00 43.76
CA ALA A 152 20.14 28.60 42.56
C ALA A 152 20.64 29.81 41.78
N GLU A 153 20.47 29.99 40.47
CA GLU A 153 20.91 31.24 39.83
C GLU A 153 19.72 32.08 39.37
N ASN A 154 18.56 31.91 40.03
CA ASN A 154 17.33 32.63 39.75
C ASN A 154 16.87 32.53 38.30
N GLY A 155 17.16 31.38 37.68
CA GLY A 155 16.74 31.09 36.30
C GLY A 155 17.34 32.04 35.28
N ARG A 156 18.37 32.84 35.61
CA ARG A 156 18.93 33.85 34.73
C ARG A 156 19.38 33.39 33.35
N LEU A 157 19.13 34.22 32.35
CA LEU A 157 19.46 33.91 30.97
C LEU A 157 20.48 34.93 30.54
N TYR A 158 21.56 34.44 29.97
CA TYR A 158 22.62 35.28 29.46
C TYR A 158 22.67 35.07 27.97
N ASP A 159 23.11 36.07 27.21
CA ASP A 159 23.32 35.98 25.78
C ASP A 159 24.81 36.21 25.58
N ASN A 160 25.54 35.10 25.39
CA ASN A 160 26.99 35.09 25.23
C ASN A 160 27.71 35.95 26.28
N GLY A 161 27.27 35.78 27.52
CA GLY A 161 27.87 36.45 28.66
C GLY A 161 27.11 37.69 29.05
N ASN A 162 26.22 38.23 28.22
CA ASN A 162 25.48 39.42 28.63
C ASN A 162 24.17 39.04 29.30
N LEU A 163 23.91 39.47 30.53
CA LEU A 163 22.72 39.03 31.21
C LEU A 163 21.52 39.70 30.61
N LEU A 164 20.60 38.84 30.21
CA LEU A 164 19.35 39.34 29.71
C LEU A 164 18.39 39.57 30.87
N GLY A 165 18.24 38.64 31.80
CA GLY A 165 17.30 38.80 32.91
C GLY A 165 17.17 37.52 33.72
N GLY A 166 16.49 37.67 34.86
CA GLY A 166 16.26 36.65 35.85
C GLY A 166 14.76 36.53 36.12
N TYR A 167 14.42 35.53 36.91
CA TYR A 167 13.03 35.23 37.22
C TYR A 167 12.43 36.20 38.26
N THR A 168 13.20 36.69 39.23
CA THR A 168 12.73 37.69 40.16
C THR A 168 12.89 39.02 39.46
N ASN A 169 11.90 39.90 39.57
CA ASN A 169 11.95 41.21 38.95
C ASN A 169 12.21 41.18 37.44
N ASP A 170 11.37 40.36 36.84
CA ASP A 170 11.36 40.13 35.42
C ASP A 170 10.50 41.20 34.77
N THR A 171 10.97 42.46 34.68
CA THR A 171 10.15 43.52 34.10
C THR A 171 9.96 43.39 32.59
N GLN A 172 10.91 42.77 31.86
CA GLN A 172 10.78 42.54 30.42
C GLN A 172 9.87 41.34 30.08
N ASN A 173 9.36 40.61 31.07
CA ASN A 173 8.62 39.38 30.88
C ASN A 173 9.28 38.38 29.96
N LEU A 174 10.52 38.02 30.26
CA LEU A 174 11.20 36.97 29.55
C LEU A 174 10.63 35.61 29.89
N PHE A 175 9.93 35.52 31.03
CA PHE A 175 9.48 34.26 31.57
C PHE A 175 8.00 34.37 31.87
N HIS A 176 7.42 33.21 32.04
CA HIS A 176 6.04 33.04 32.44
C HIS A 176 5.95 33.05 33.94
N HIS A 177 4.89 33.66 34.48
CA HIS A 177 4.72 33.77 35.92
C HIS A 177 3.31 33.35 36.31
N TYR A 178 2.99 32.12 35.93
CA TYR A 178 1.64 31.66 36.15
C TYR A 178 1.60 30.55 37.18
N GLY A 179 2.69 30.21 37.83
CA GLY A 179 2.66 29.10 38.77
C GLY A 179 3.16 27.84 38.06
N GLY A 180 3.00 26.67 38.69
CA GLY A 180 3.55 25.43 38.18
C GLY A 180 2.42 24.59 37.63
N THR A 181 2.70 23.75 36.65
CA THR A 181 1.69 22.92 36.02
C THR A 181 1.35 21.77 36.95
N ASP A 182 0.10 21.35 36.83
CA ASP A 182 -0.40 20.12 37.43
C ASP A 182 -0.66 19.11 36.31
N PHE A 183 -0.29 19.46 35.06
CA PHE A 183 -0.43 18.61 33.89
C PHE A 183 -1.87 18.24 33.58
N SER A 184 -2.88 19.01 34.00
CA SER A 184 -4.26 18.61 33.78
C SER A 184 -4.69 18.74 32.33
N THR A 185 -4.15 19.76 31.65
CA THR A 185 -4.47 20.00 30.26
C THR A 185 -3.16 20.30 29.55
N ILE A 186 -3.20 20.15 28.22
CA ILE A 186 -2.06 20.52 27.42
C ILE A 186 -1.84 22.03 27.59
N GLU A 187 -2.87 22.88 27.64
CA GLU A 187 -2.70 24.31 27.83
C GLU A 187 -1.98 24.64 29.12
N ASN A 188 -2.42 23.97 30.19
CA ASN A 188 -1.83 24.12 31.52
C ASN A 188 -0.34 23.80 31.50
N GLY A 189 0.00 22.66 30.87
CA GLY A 189 1.39 22.21 30.77
C GLY A 189 2.25 23.07 29.88
N ILE A 190 1.71 23.97 29.06
CA ILE A 190 2.56 24.80 28.19
C ILE A 190 3.00 26.13 28.85
N TYR A 191 1.99 26.81 29.44
CA TYR A 191 2.18 28.15 29.97
C TYR A 191 2.54 28.22 31.43
N LYS A 192 2.34 27.14 32.18
CA LYS A 192 2.82 27.09 33.55
C LYS A 192 4.18 26.39 33.60
N ASN A 193 4.94 26.59 34.67
CA ASN A 193 6.27 26.01 34.80
C ASN A 193 6.26 24.49 35.00
N LEU A 194 7.17 23.78 34.36
CA LEU A 194 7.43 22.36 34.63
C LEU A 194 8.21 22.29 35.93
N TYR A 195 7.62 21.78 37.02
CA TYR A 195 8.28 21.71 38.34
C TYR A 195 8.71 23.12 38.76
N ASP A 196 10.00 23.43 38.90
CA ASP A 196 10.48 24.74 39.31
C ASP A 196 11.31 25.43 38.25
N LEU A 197 11.27 24.89 37.05
CA LEU A 197 12.08 25.39 35.94
C LEU A 197 11.45 26.66 35.44
N ALA A 198 12.24 27.73 35.36
CA ALA A 198 11.75 29.02 34.88
C ALA A 198 11.32 28.90 33.40
N ASP A 199 10.02 29.02 33.16
CA ASP A 199 9.43 28.87 31.84
C ASP A 199 9.70 30.07 30.96
N LEU A 200 10.36 29.84 29.81
CA LEU A 200 10.62 30.91 28.86
C LEU A 200 9.33 31.31 28.16
N ASN A 201 9.21 32.62 27.98
CA ASN A 201 8.09 33.20 27.30
C ASN A 201 8.45 33.45 25.85
N HIS A 202 7.97 32.57 24.94
CA HIS A 202 8.32 32.69 23.52
C HIS A 202 7.55 33.76 22.76
N ASN A 203 6.51 34.32 23.37
CA ASN A 203 5.77 35.44 22.80
C ASN A 203 6.60 36.69 23.10
N ASN A 204 7.64 36.67 23.93
CA ASN A 204 8.49 37.86 24.06
C ASN A 204 9.44 37.88 22.85
N SER A 205 9.50 38.96 22.05
CA SER A 205 10.35 39.04 20.88
C SER A 205 11.83 38.83 21.13
N SER A 206 12.36 39.34 22.24
CA SER A 206 13.74 39.09 22.59
C SER A 206 13.97 37.61 22.80
N VAL A 207 13.05 36.89 23.42
CA VAL A 207 13.27 35.47 23.67
C VAL A 207 13.20 34.72 22.35
N ASP A 208 12.20 35.06 21.55
CA ASP A 208 11.99 34.39 20.27
C ASP A 208 13.23 34.47 19.36
N VAL A 209 13.73 35.69 19.17
CA VAL A 209 14.86 35.94 18.31
C VAL A 209 16.12 35.30 18.85
N TYR A 210 16.40 35.44 20.16
CA TYR A 210 17.54 34.85 20.83
C TYR A 210 17.60 33.34 20.62
N LEU A 211 16.51 32.61 20.83
CA LEU A 211 16.54 31.17 20.66
C LEU A 211 16.76 30.73 19.24
N LYS A 212 16.20 31.51 18.29
CA LYS A 212 16.39 31.24 16.88
C LYS A 212 17.82 31.55 16.45
N ASP A 213 18.43 32.66 16.91
CA ASP A 213 19.83 32.96 16.69
C ASP A 213 20.74 31.91 17.30
N ALA A 214 20.36 31.39 18.45
CA ALA A 214 21.14 30.39 19.14
C ALA A 214 21.12 29.08 18.37
N ILE A 215 19.99 28.56 17.89
CA ILE A 215 20.04 27.28 17.16
C ILE A 215 20.82 27.41 15.85
N LYS A 216 20.74 28.56 15.18
CA LYS A 216 21.53 28.81 13.99
C LYS A 216 23.01 28.72 14.25
N MET A 217 23.48 29.24 15.38
CA MET A 217 24.88 29.16 15.75
C MET A 217 25.35 27.70 15.85
N TRP A 218 24.57 26.85 16.51
CA TRP A 218 24.92 25.46 16.63
C TRP A 218 24.86 24.79 15.27
N LEU A 219 23.94 25.16 14.38
CA LEU A 219 23.89 24.63 13.03
C LEU A 219 25.13 25.04 12.28
N ASP A 220 25.58 26.27 12.51
CA ASP A 220 26.80 26.76 11.93
C ASP A 220 28.02 25.99 12.41
N LEU A 221 27.99 25.43 13.62
CA LEU A 221 29.11 24.65 14.06
C LEU A 221 29.10 23.23 13.49
N GLY A 222 28.12 22.81 12.70
CA GLY A 222 28.21 21.54 11.99
C GLY A 222 27.39 20.42 12.59
N VAL A 223 26.39 20.71 13.44
CA VAL A 223 25.64 19.62 14.05
C VAL A 223 24.76 19.04 12.96
N ASP A 224 24.44 17.75 13.09
CA ASP A 224 23.67 17.07 12.07
C ASP A 224 22.24 16.79 12.48
N GLY A 225 21.84 17.03 13.74
CA GLY A 225 20.50 16.71 14.16
C GLY A 225 20.20 17.38 15.47
N ILE A 226 18.92 17.52 15.83
CA ILE A 226 18.52 18.24 17.05
C ILE A 226 17.48 17.39 17.72
N ARG A 227 17.57 17.10 19.02
CA ARG A 227 16.49 16.43 19.70
C ARG A 227 15.94 17.53 20.61
N VAL A 228 14.69 17.91 20.41
CA VAL A 228 14.07 18.97 21.19
C VAL A 228 13.32 18.33 22.35
N ASP A 229 13.71 18.84 23.52
CA ASP A 229 13.15 18.47 24.79
C ASP A 229 11.80 19.14 24.99
N ALA A 230 10.86 18.40 25.62
CA ALA A 230 9.57 18.90 26.08
C ALA A 230 8.67 19.58 25.07
N VAL A 231 8.45 18.92 23.92
CA VAL A 231 7.64 19.54 22.87
C VAL A 231 6.17 19.68 23.25
N LYS A 232 5.72 18.90 24.25
CA LYS A 232 4.35 18.98 24.71
C LYS A 232 4.14 20.21 25.58
N HIS A 233 5.22 20.90 25.97
CA HIS A 233 5.16 21.98 26.93
C HIS A 233 5.52 23.37 26.40
N MET A 234 5.53 23.47 25.07
CA MET A 234 5.72 24.70 24.32
C MET A 234 4.59 24.83 23.31
N PRO A 235 4.17 26.06 22.94
CA PRO A 235 3.09 26.28 22.00
C PRO A 235 3.46 25.62 20.66
N PHE A 236 2.55 24.85 20.07
CA PHE A 236 2.77 24.22 18.75
C PHE A 236 3.09 25.28 17.71
N GLY A 237 2.34 26.38 17.69
CA GLY A 237 2.58 27.45 16.76
C GLY A 237 3.99 27.99 16.83
N TRP A 238 4.54 28.17 18.05
CA TRP A 238 5.89 28.68 18.15
C TRP A 238 6.87 27.65 17.63
N GLN A 239 6.69 26.38 17.99
CA GLN A 239 7.62 25.35 17.55
C GLN A 239 7.60 25.20 16.03
N LYS A 240 6.44 25.40 15.38
CA LYS A 240 6.40 25.38 13.91
C LYS A 240 7.19 26.56 13.32
N SER A 241 7.22 27.76 13.92
CA SER A 241 8.05 28.82 13.37
C SER A 241 9.51 28.53 13.66
N PHE A 242 9.80 27.87 14.78
CA PHE A 242 11.15 27.45 15.10
C PHE A 242 11.61 26.42 14.08
N MET A 243 10.80 25.42 13.72
CA MET A 243 11.21 24.46 12.69
C MET A 243 11.40 25.14 11.35
N ALA A 244 10.57 26.14 11.04
CA ALA A 244 10.69 26.88 9.81
C ALA A 244 12.02 27.60 9.72
N THR A 245 12.49 28.17 10.84
CA THR A 245 13.79 28.86 10.93
C THR A 245 14.90 27.89 10.61
N ILE A 246 14.88 26.70 11.18
CA ILE A 246 15.90 25.70 10.89
C ILE A 246 15.83 25.26 9.43
N ASN A 247 14.65 24.87 8.97
CA ASN A 247 14.52 24.30 7.65
C ASN A 247 14.78 25.30 6.55
N ASN A 248 14.46 26.57 6.79
CA ASN A 248 14.71 27.57 5.77
C ASN A 248 16.13 28.07 5.87
N TYR A 249 16.91 27.62 6.85
CA TYR A 249 18.26 28.10 7.02
C TYR A 249 19.24 26.99 6.67
N LYS A 250 19.26 25.90 7.44
CA LYS A 250 20.14 24.78 7.21
C LYS A 250 19.38 23.56 7.78
N PRO A 251 18.49 22.92 6.99
CA PRO A 251 17.65 21.86 7.50
C PRO A 251 18.44 20.67 8.01
N VAL A 252 18.15 20.15 9.20
CA VAL A 252 18.83 18.97 9.74
C VAL A 252 17.68 18.19 10.35
N PHE A 253 17.88 16.90 10.46
CA PHE A 253 16.92 16.03 11.10
C PHE A 253 16.49 16.51 12.49
N THR A 254 15.23 16.84 12.80
CA THR A 254 14.89 17.27 14.13
C THR A 254 13.79 16.39 14.66
N PHE A 255 13.85 15.94 15.92
CA PHE A 255 12.77 15.14 16.48
C PHE A 255 12.57 15.59 17.91
N GLY A 256 11.37 15.45 18.44
CA GLY A 256 11.09 15.82 19.81
C GLY A 256 10.66 14.64 20.68
N GLU A 257 10.59 14.96 21.96
CA GLU A 257 10.08 14.00 22.93
C GLU A 257 8.71 14.41 23.43
N TRP A 258 7.72 13.56 23.24
CA TRP A 258 6.35 13.69 23.74
C TRP A 258 6.15 12.31 24.35
N PHE A 259 6.16 12.19 25.67
CA PHE A 259 6.04 10.89 26.34
C PHE A 259 4.64 10.29 26.20
N LEU A 260 4.58 8.98 25.98
CA LEU A 260 3.32 8.24 25.99
C LEU A 260 3.56 7.06 26.91
N GLY A 261 2.54 6.78 27.73
CA GLY A 261 2.61 5.65 28.63
C GLY A 261 2.15 4.40 27.89
N VAL A 262 2.19 3.27 28.59
CA VAL A 262 1.78 1.98 28.04
C VAL A 262 0.33 2.08 27.59
N ASN A 263 0.08 1.59 26.39
CA ASN A 263 -1.25 1.57 25.76
C ASN A 263 -1.94 2.89 25.54
N GLU A 264 -1.24 4.01 25.74
CA GLU A 264 -1.80 5.32 25.52
C GLU A 264 -1.63 5.61 24.04
N ILE A 265 -2.69 6.04 23.37
CA ILE A 265 -2.57 6.54 22.02
C ILE A 265 -3.24 7.90 22.14
N SER A 266 -2.52 8.88 21.62
CA SER A 266 -2.89 10.28 21.71
C SER A 266 -2.96 10.77 20.29
N PRO A 267 -4.11 11.31 19.89
CA PRO A 267 -4.27 12.06 18.66
C PRO A 267 -3.41 13.30 18.57
N GLU A 268 -3.20 14.07 19.65
CA GLU A 268 -2.36 15.26 19.59
C GLU A 268 -0.93 14.90 19.30
N TYR A 269 -0.44 13.77 19.80
CA TYR A 269 0.92 13.28 19.56
C TYR A 269 1.12 13.05 18.08
N HIS A 270 0.22 12.25 17.48
CA HIS A 270 0.31 11.96 16.06
C HIS A 270 0.15 13.23 15.26
N GLN A 271 -0.77 14.12 15.58
CA GLN A 271 -0.87 15.40 14.90
C GLN A 271 0.42 16.21 15.00
N PHE A 272 1.13 16.19 16.13
CA PHE A 272 2.39 16.89 16.23
C PHE A 272 3.42 16.27 15.28
N ALA A 273 3.55 14.94 15.24
CA ALA A 273 4.55 14.31 14.37
C ALA A 273 4.24 14.61 12.91
N ASN A 274 2.94 14.70 12.61
CA ASN A 274 2.54 14.91 11.22
C ASN A 274 2.52 16.33 10.73
N GLU A 275 2.49 17.35 11.59
CA GLU A 275 2.32 18.71 11.12
C GLU A 275 3.29 19.70 11.69
N SER A 276 4.20 19.32 12.58
CA SER A 276 5.04 20.31 13.22
C SER A 276 6.27 20.71 12.46
N GLY A 277 6.78 19.76 11.69
CA GLY A 277 8.01 19.95 10.96
C GLY A 277 9.06 19.05 11.57
N MET A 278 8.88 18.45 12.76
CA MET A 278 9.88 17.57 13.33
C MET A 278 9.21 16.22 13.57
N SER A 279 9.98 15.14 13.68
CA SER A 279 9.37 13.88 13.98
C SER A 279 9.42 13.68 15.50
N LEU A 280 9.09 12.47 15.97
CA LEU A 280 9.08 12.18 17.39
C LEU A 280 9.83 10.94 17.78
N LEU A 281 10.21 10.91 19.05
CA LEU A 281 10.68 9.67 19.65
C LEU A 281 9.46 8.79 19.64
N ASP A 282 9.56 7.61 19.07
CA ASP A 282 8.42 6.73 18.91
C ASP A 282 8.12 5.89 20.17
N TYR A 283 7.44 6.54 21.12
CA TYR A 283 7.03 5.91 22.36
C TYR A 283 6.03 4.81 22.11
N ARG A 284 5.26 4.93 21.05
CA ARG A 284 4.26 3.90 20.76
C ARG A 284 4.98 2.59 20.44
N PHE A 285 6.07 2.66 19.69
CA PHE A 285 6.86 1.50 19.36
C PHE A 285 7.53 0.96 20.61
N ALA A 286 8.16 1.88 21.34
CA ALA A 286 8.90 1.52 22.52
C ALA A 286 8.08 0.86 23.60
N GLN A 287 6.94 1.42 23.98
CA GLN A 287 6.13 0.83 25.01
C GLN A 287 5.62 -0.52 24.56
N LYS A 288 5.18 -0.71 23.30
CA LYS A 288 4.69 -2.03 22.89
C LYS A 288 5.84 -3.03 22.80
N ALA A 289 7.06 -2.62 22.35
CA ALA A 289 8.19 -3.54 22.29
C ALA A 289 8.48 -4.02 23.71
N ARG A 290 8.39 -3.13 24.73
CA ARG A 290 8.65 -3.53 26.10
C ARG A 290 7.54 -4.43 26.60
N GLN A 291 6.26 -4.21 26.27
CA GLN A 291 5.22 -5.14 26.67
C GLN A 291 5.40 -6.53 26.08
N VAL A 292 5.97 -6.66 24.90
CA VAL A 292 6.02 -7.98 24.26
C VAL A 292 7.33 -8.68 24.59
N PHE A 293 8.42 -7.94 24.54
CA PHE A 293 9.72 -8.54 24.77
C PHE A 293 10.18 -8.46 26.20
N ARG A 294 9.74 -7.52 27.03
CA ARG A 294 10.27 -7.37 28.37
C ARG A 294 9.28 -7.85 29.42
N ASP A 295 8.12 -7.19 29.49
CA ASP A 295 7.19 -7.42 30.56
C ASP A 295 6.18 -8.51 30.38
N ASN A 296 6.10 -9.10 29.19
CA ASN A 296 5.10 -10.09 28.87
C ASN A 296 3.67 -9.67 29.18
N THR A 297 3.34 -8.42 28.92
CA THR A 297 1.97 -7.98 29.10
C THR A 297 1.23 -7.90 27.77
N ASP A 298 1.84 -8.26 26.63
CA ASP A 298 1.12 -8.38 25.39
C ASP A 298 1.86 -9.42 24.58
N ASN A 299 1.25 -9.95 23.52
CA ASN A 299 1.91 -10.97 22.72
C ASN A 299 2.19 -10.50 21.31
N MET A 300 2.64 -11.38 20.41
CA MET A 300 3.01 -10.95 19.07
C MET A 300 1.93 -10.28 18.23
N TYR A 301 0.65 -10.57 18.51
CA TYR A 301 -0.43 -9.91 17.80
C TYR A 301 -0.50 -8.44 18.20
N GLY A 302 -0.14 -8.08 19.43
CA GLY A 302 -0.08 -6.68 19.84
C GLY A 302 1.04 -6.00 19.07
N LEU A 303 2.16 -6.72 18.89
CA LEU A 303 3.30 -6.14 18.19
C LEU A 303 2.97 -5.87 16.72
N LYS A 304 2.30 -6.85 16.09
CA LYS A 304 1.82 -6.79 14.71
C LYS A 304 0.86 -5.62 14.57
N ALA A 305 -0.11 -5.50 15.47
CA ALA A 305 -1.05 -4.42 15.40
C ALA A 305 -0.35 -3.08 15.60
N MET A 306 0.68 -2.91 16.43
CA MET A 306 1.35 -1.61 16.52
C MET A 306 2.13 -1.33 15.23
N LEU A 307 2.82 -2.33 14.68
CA LEU A 307 3.60 -2.09 13.49
C LEU A 307 2.69 -1.71 12.32
N GLU A 308 1.56 -2.40 12.18
CA GLU A 308 0.66 -2.13 11.07
C GLU A 308 -0.09 -0.83 11.23
N GLY A 309 -0.51 -0.54 12.45
CA GLY A 309 -1.19 0.70 12.77
C GLY A 309 -0.28 1.91 12.69
N SER A 310 0.96 1.85 13.14
CA SER A 310 1.83 3.01 13.07
C SER A 310 2.26 3.37 11.66
N GLU A 311 2.22 2.39 10.74
CA GLU A 311 2.57 2.65 9.37
C GLU A 311 1.59 3.63 8.72
N VAL A 312 0.36 3.63 9.24
CA VAL A 312 -0.73 4.49 8.75
C VAL A 312 -0.84 5.78 9.55
N ASP A 313 -0.76 5.68 10.87
CA ASP A 313 -0.98 6.87 11.69
C ASP A 313 0.11 7.92 11.58
N TYR A 314 1.36 7.49 11.34
CA TYR A 314 2.43 8.45 11.14
C TYR A 314 2.48 8.71 9.66
N ALA A 315 2.39 9.97 9.25
CA ALA A 315 2.50 10.33 7.85
C ALA A 315 3.87 9.91 7.33
N GLN A 316 4.97 10.15 8.06
CA GLN A 316 6.28 9.75 7.62
C GLN A 316 6.84 8.79 8.65
N VAL A 317 6.49 7.50 8.62
CA VAL A 317 6.96 6.57 9.63
C VAL A 317 8.46 6.40 9.56
N ASN A 318 9.14 6.64 8.43
CA ASN A 318 10.58 6.40 8.38
C ASN A 318 11.35 7.48 9.10
N ASP A 319 10.67 8.51 9.65
CA ASP A 319 11.35 9.54 10.40
C ASP A 319 11.23 9.41 11.90
N GLN A 320 10.54 8.40 12.39
CA GLN A 320 10.34 8.28 13.83
C GLN A 320 11.52 7.55 14.46
N VAL A 321 12.01 7.99 15.64
CA VAL A 321 13.20 7.44 16.25
C VAL A 321 12.76 6.34 17.21
N THR A 322 13.18 5.11 17.07
CA THR A 322 12.63 4.03 17.85
C THR A 322 13.66 3.70 18.91
N PHE A 323 13.26 3.00 19.99
CA PHE A 323 14.18 2.64 21.04
C PHE A 323 13.46 1.61 21.92
N ILE A 324 14.18 0.92 22.80
CA ILE A 324 13.55 0.05 23.77
C ILE A 324 13.74 0.60 25.18
N ASP A 325 14.63 1.59 25.40
CA ASP A 325 14.68 2.33 26.67
C ASP A 325 15.42 3.62 26.42
N ASN A 326 15.43 4.54 27.37
CA ASN A 326 16.15 5.78 27.18
C ASN A 326 16.26 6.43 28.55
N HIS A 327 16.63 7.70 28.61
CA HIS A 327 16.74 8.47 29.84
C HIS A 327 15.49 8.64 30.70
N ASP A 328 14.29 8.39 30.16
CA ASP A 328 13.04 8.57 30.90
C ASP A 328 12.34 7.29 31.28
N MET A 329 13.06 6.18 31.24
CA MET A 329 12.48 4.87 31.46
C MET A 329 13.44 3.99 32.23
N GLU A 330 12.90 3.00 32.94
CA GLU A 330 13.73 2.00 33.56
C GLU A 330 14.52 1.31 32.46
N ARG A 331 15.76 0.90 32.72
CA ARG A 331 16.55 0.18 31.75
C ARG A 331 15.81 -1.12 31.37
N PHE A 332 15.97 -1.57 30.14
CA PHE A 332 15.18 -2.69 29.65
C PHE A 332 15.62 -3.97 30.37
N HIS A 333 16.95 -4.14 30.50
CA HIS A 333 17.48 -5.33 31.14
C HIS A 333 17.22 -5.29 32.66
N THR A 334 16.63 -6.31 33.29
CA THR A 334 16.40 -6.29 34.74
C THR A 334 17.34 -7.29 35.42
N SER A 335 17.40 -7.33 36.74
CA SER A 335 18.31 -8.23 37.48
C SER A 335 17.99 -9.70 37.27
N ASN A 336 16.71 -9.99 37.20
CA ASN A 336 16.29 -11.35 36.96
C ASN A 336 15.78 -11.58 35.53
N GLY A 337 16.12 -10.66 34.62
CA GLY A 337 15.69 -10.79 33.25
C GLY A 337 16.73 -11.58 32.47
N ASP A 338 16.27 -12.47 31.59
CA ASP A 338 17.14 -13.22 30.71
C ASP A 338 17.78 -12.25 29.72
N ARG A 339 19.09 -12.34 29.50
CA ARG A 339 19.80 -11.44 28.58
C ARG A 339 19.35 -11.58 27.14
N ARG A 340 18.85 -12.75 26.73
CA ARG A 340 18.32 -12.94 25.39
C ARG A 340 17.16 -12.00 25.11
N LYS A 341 16.35 -11.62 26.12
CA LYS A 341 15.25 -10.71 25.91
C LYS A 341 15.81 -9.37 25.42
N LEU A 342 16.92 -8.89 25.99
CA LEU A 342 17.47 -7.62 25.56
C LEU A 342 18.04 -7.80 24.17
N GLU A 343 18.75 -8.91 23.95
CA GLU A 343 19.35 -9.20 22.66
C GLU A 343 18.32 -9.26 21.54
N GLN A 344 17.16 -9.89 21.76
CA GLN A 344 16.11 -9.90 20.76
C GLN A 344 15.50 -8.54 20.56
N ALA A 345 15.27 -7.75 21.61
CA ALA A 345 14.60 -6.46 21.43
C ALA A 345 15.49 -5.52 20.64
N LEU A 346 16.82 -5.66 20.80
CA LEU A 346 17.77 -4.88 20.04
C LEU A 346 17.76 -5.31 18.59
N ALA A 347 17.71 -6.62 18.30
CA ALA A 347 17.61 -7.13 16.94
C ALA A 347 16.33 -6.63 16.31
N PHE A 348 15.18 -6.75 16.96
CA PHE A 348 13.93 -6.20 16.46
C PHE A 348 14.08 -4.71 16.14
N THR A 349 14.62 -3.87 17.02
CA THR A 349 14.68 -2.42 16.80
C THR A 349 15.60 -2.11 15.63
N LEU A 350 16.78 -2.78 15.56
CA LEU A 350 17.72 -2.51 14.48
C LEU A 350 17.18 -2.93 13.09
N THR A 351 16.27 -3.90 12.99
CA THR A 351 15.73 -4.26 11.68
C THR A 351 14.35 -3.66 11.38
N SER A 352 13.76 -2.85 12.26
CA SER A 352 12.46 -2.26 12.05
C SER A 352 12.48 -0.88 11.44
N ARG A 353 11.33 -0.39 11.06
CA ARG A 353 11.26 0.90 10.38
C ARG A 353 11.59 2.07 11.31
N GLY A 354 12.01 3.21 10.80
CA GLY A 354 12.28 4.35 11.66
C GLY A 354 13.77 4.58 11.71
N VAL A 355 14.23 5.23 12.77
CA VAL A 355 15.63 5.57 12.97
C VAL A 355 15.93 4.91 14.32
N PRO A 356 16.68 3.80 14.46
CA PRO A 356 16.92 3.18 15.77
C PRO A 356 17.89 3.98 16.66
N ALA A 357 17.58 4.13 17.95
CA ALA A 357 18.46 4.76 18.91
C ALA A 357 18.76 3.75 20.03
N ILE A 358 20.04 3.51 20.32
CA ILE A 358 20.41 2.57 21.37
C ILE A 358 20.92 3.42 22.52
N TYR A 359 20.39 3.22 23.73
CA TYR A 359 20.81 3.96 24.90
C TYR A 359 22.15 3.41 25.38
N TYR A 360 23.08 4.33 25.71
CA TYR A 360 24.44 3.95 26.03
C TYR A 360 24.44 2.90 27.13
N GLY A 361 25.35 1.95 27.02
CA GLY A 361 25.43 0.92 28.02
C GLY A 361 24.51 -0.26 27.78
N SER A 362 23.52 -0.22 26.87
CA SER A 362 22.68 -1.38 26.55
C SER A 362 23.55 -2.60 26.23
N GLU A 363 24.59 -2.42 25.43
CA GLU A 363 25.49 -3.48 25.03
C GLU A 363 26.32 -4.09 26.13
N GLN A 364 26.27 -3.49 27.32
CA GLN A 364 26.97 -3.96 28.51
C GLN A 364 25.95 -4.45 29.55
N TYR A 365 24.68 -4.61 29.19
CA TYR A 365 23.60 -5.11 30.04
C TYR A 365 23.39 -4.32 31.33
N MET A 366 23.48 -2.99 31.25
CA MET A 366 23.22 -2.18 32.44
C MET A 366 21.74 -2.35 32.83
N SER A 367 21.49 -2.51 34.14
CA SER A 367 20.17 -2.59 34.76
C SER A 367 19.97 -1.30 35.54
N GLY A 368 18.78 -0.86 35.90
CA GLY A 368 18.62 0.38 36.63
C GLY A 368 17.18 0.78 36.59
N GLY A 369 16.62 1.40 37.63
CA GLY A 369 15.26 1.89 37.61
C GLY A 369 15.22 3.28 37.02
N ASN A 370 14.17 4.03 37.28
CA ASN A 370 14.06 5.38 36.78
C ASN A 370 15.10 6.37 37.31
N ASP A 371 15.12 7.53 36.67
CA ASP A 371 15.99 8.65 36.96
C ASP A 371 16.29 8.83 38.45
N PRO A 372 17.55 8.86 38.89
CA PRO A 372 18.74 8.84 38.05
C PRO A 372 19.37 7.49 37.88
N ASP A 373 18.72 6.43 38.32
CA ASP A 373 19.33 5.12 38.35
C ASP A 373 19.53 4.50 36.98
N ASN A 374 18.89 5.07 35.95
CA ASN A 374 19.05 4.63 34.57
C ASN A 374 20.16 5.43 33.91
N ARG A 375 20.87 6.31 34.64
CA ARG A 375 21.98 7.12 34.14
C ARG A 375 23.30 6.82 34.85
N ALA A 376 23.60 5.57 35.20
CA ALA A 376 24.87 5.23 35.83
C ALA A 376 26.02 5.37 34.85
N ARG A 377 27.26 5.45 35.30
CA ARG A 377 28.38 5.51 34.39
C ARG A 377 28.52 4.14 33.76
N LEU A 378 28.88 4.12 32.47
CA LEU A 378 29.08 2.91 31.69
C LEU A 378 30.09 2.05 32.44
N PRO A 379 29.84 0.80 32.84
CA PRO A 379 30.77 0.02 33.65
C PRO A 379 32.01 -0.57 32.97
N SER A 380 31.92 -0.74 31.66
CA SER A 380 32.88 -1.52 30.92
C SER A 380 32.87 -1.08 29.44
N PHE A 381 33.97 -1.18 28.73
CA PHE A 381 33.98 -0.92 27.31
C PHE A 381 34.37 -2.21 26.62
N SER A 382 33.86 -3.32 27.14
CA SER A 382 34.14 -4.62 26.57
C SER A 382 33.53 -4.66 25.19
N THR A 383 34.30 -5.10 24.20
CA THR A 383 33.79 -5.17 22.86
C THR A 383 33.41 -6.61 22.57
N THR A 384 33.27 -7.53 23.52
CA THR A 384 32.94 -8.86 23.12
C THR A 384 31.66 -9.39 23.73
N THR A 385 30.76 -8.52 24.24
CA THR A 385 29.50 -9.01 24.81
C THR A 385 28.63 -9.49 23.67
N THR A 386 27.66 -10.39 23.86
CA THR A 386 26.79 -10.80 22.78
C THR A 386 26.00 -9.59 22.30
N ALA A 387 25.61 -8.69 23.19
CA ALA A 387 24.87 -7.52 22.77
C ALA A 387 25.72 -6.69 21.87
N TYR A 388 27.03 -6.56 22.12
CA TYR A 388 27.86 -5.75 21.24
C TYR A 388 27.92 -6.39 19.84
N GLN A 389 28.04 -7.71 19.74
CA GLN A 389 28.08 -8.42 18.46
C GLN A 389 26.79 -8.32 17.67
N VAL A 390 25.64 -8.38 18.35
CA VAL A 390 24.34 -8.21 17.73
C VAL A 390 24.29 -6.84 17.06
N ILE A 391 24.64 -5.74 17.73
CA ILE A 391 24.57 -4.44 17.10
C ILE A 391 25.60 -4.36 15.97
N GLN A 392 26.81 -4.88 16.19
CA GLN A 392 27.88 -4.90 15.19
C GLN A 392 27.45 -5.62 13.92
N LYS A 393 26.68 -6.70 14.00
CA LYS A 393 26.23 -7.41 12.80
C LYS A 393 25.02 -6.78 12.16
N LEU A 394 24.10 -6.21 12.92
CA LEU A 394 22.89 -5.68 12.33
C LEU A 394 22.91 -4.21 11.96
N ALA A 395 23.61 -3.34 12.72
CA ALA A 395 23.61 -1.90 12.42
C ALA A 395 24.15 -1.58 11.03
N PRO A 396 25.14 -2.26 10.41
CA PRO A 396 25.55 -2.05 9.02
C PRO A 396 24.47 -2.28 7.96
N LEU A 397 23.48 -3.13 8.23
CA LEU A 397 22.46 -3.41 7.23
C LEU A 397 21.62 -2.17 6.98
N ARG A 398 21.64 -1.18 7.89
CA ARG A 398 20.91 0.06 7.66
C ARG A 398 21.55 0.83 6.51
N LYS A 399 22.86 0.75 6.37
CA LYS A 399 23.50 1.43 5.26
C LYS A 399 23.44 0.56 4.01
N SER A 400 23.56 -0.74 4.15
CA SER A 400 23.65 -1.61 2.99
C SER A 400 22.35 -2.15 2.43
N ASN A 401 21.28 -2.23 3.20
CA ASN A 401 20.07 -2.82 2.71
C ASN A 401 18.96 -1.80 2.79
N PRO A 402 18.57 -1.15 1.68
CA PRO A 402 17.49 -0.19 1.64
C PRO A 402 16.15 -0.75 2.11
N ALA A 403 15.91 -2.07 2.07
CA ALA A 403 14.65 -2.61 2.57
C ALA A 403 14.61 -2.34 4.08
N ILE A 404 15.73 -2.44 4.80
CA ILE A 404 15.78 -2.13 6.24
C ILE A 404 15.70 -0.62 6.48
N ALA A 405 16.44 0.18 5.74
CA ALA A 405 16.37 1.61 5.93
C ALA A 405 15.01 2.21 5.57
N TYR A 406 14.33 1.72 4.52
CA TYR A 406 13.13 2.37 4.02
C TYR A 406 11.87 1.55 3.82
N GLY A 407 12.00 0.23 3.86
CA GLY A 407 10.92 -0.60 3.37
C GLY A 407 9.70 -0.70 4.24
N SER A 408 8.66 -1.21 3.59
CA SER A 408 7.40 -1.51 4.20
C SER A 408 7.60 -2.70 5.16
N THR A 409 6.66 -2.98 6.04
CA THR A 409 6.80 -4.06 7.02
C THR A 409 5.59 -4.97 6.78
N HIS A 410 5.85 -6.26 6.64
CA HIS A 410 4.82 -7.19 6.25
C HIS A 410 4.94 -8.42 7.11
N GLU A 411 3.90 -8.75 7.85
CA GLU A 411 3.95 -9.92 8.69
C GLU A 411 3.77 -11.14 7.79
N ARG A 412 4.72 -12.06 7.75
CA ARG A 412 4.66 -13.28 6.96
C ARG A 412 4.29 -14.53 7.72
N TRP A 413 4.45 -14.58 9.03
CA TRP A 413 4.06 -15.75 9.84
C TRP A 413 3.93 -15.26 11.27
N ILE A 414 3.00 -15.80 12.06
CA ILE A 414 2.81 -15.34 13.43
C ILE A 414 2.07 -16.36 14.27
N ASN A 415 2.33 -16.28 15.57
CA ASN A 415 1.48 -16.93 16.55
C ASN A 415 1.74 -16.13 17.84
N ASN A 416 1.31 -16.54 19.03
CA ASN A 416 1.49 -15.72 20.23
C ASN A 416 2.89 -15.30 20.61
N ASP A 417 3.84 -16.18 20.27
CA ASP A 417 5.22 -16.00 20.64
C ASP A 417 6.20 -15.80 19.50
N VAL A 418 5.77 -15.90 18.24
CA VAL A 418 6.69 -15.87 17.11
C VAL A 418 6.19 -14.82 16.14
N ILE A 419 7.09 -14.04 15.60
CA ILE A 419 6.71 -13.22 14.47
C ILE A 419 7.83 -13.37 13.43
N ILE A 420 7.47 -13.51 12.14
CA ILE A 420 8.46 -13.45 11.07
C ILE A 420 7.96 -12.30 10.21
N TYR A 421 8.71 -11.21 10.06
CA TYR A 421 8.26 -10.11 9.22
C TYR A 421 9.27 -9.88 8.13
N GLU A 422 8.83 -9.21 7.08
CA GLU A 422 9.67 -8.95 5.93
C GLU A 422 9.66 -7.46 5.71
N ARG A 423 10.78 -6.93 5.30
CA ARG A 423 10.94 -5.52 5.01
C ARG A 423 11.23 -5.58 3.53
N LYS A 424 10.61 -4.69 2.75
CA LYS A 424 10.74 -4.75 1.32
C LYS A 424 10.84 -3.35 0.70
N PHE A 425 11.84 -3.16 -0.14
CA PHE A 425 12.01 -1.90 -0.86
C PHE A 425 12.61 -2.24 -2.22
N GLY A 426 11.73 -2.15 -3.21
CA GLY A 426 12.06 -2.51 -4.56
C GLY A 426 12.19 -4.02 -4.50
N ASN A 427 13.35 -4.49 -4.92
CA ASN A 427 13.58 -5.93 -4.85
C ASN A 427 14.57 -6.28 -3.77
N ASN A 428 14.76 -5.36 -2.85
CA ASN A 428 15.62 -5.60 -1.72
C ASN A 428 14.66 -6.12 -0.67
N VAL A 429 15.12 -7.12 0.09
CA VAL A 429 14.31 -7.83 1.06
C VAL A 429 15.16 -8.09 2.31
N ALA A 430 14.57 -8.01 3.50
CA ALA A 430 15.15 -8.55 4.72
C ALA A 430 13.99 -9.27 5.40
N VAL A 431 14.23 -10.42 6.01
CA VAL A 431 13.22 -11.24 6.66
C VAL A 431 13.78 -11.49 8.06
N VAL A 432 12.98 -11.28 9.10
CA VAL A 432 13.45 -11.43 10.46
C VAL A 432 12.52 -12.41 11.15
N ALA A 433 13.04 -13.39 11.87
CA ALA A 433 12.19 -14.35 12.57
C ALA A 433 12.60 -14.27 14.03
N ILE A 434 11.65 -14.13 14.95
CA ILE A 434 11.92 -13.96 16.36
C ILE A 434 10.99 -14.90 17.12
N ASN A 435 11.54 -15.77 17.98
CA ASN A 435 10.75 -16.65 18.85
C ASN A 435 10.99 -16.08 20.25
N ARG A 436 10.08 -15.39 20.91
CA ARG A 436 10.40 -14.84 22.23
C ARG A 436 10.27 -15.90 23.30
N ASN A 437 9.74 -17.09 23.00
CA ASN A 437 9.56 -18.06 24.05
C ASN A 437 10.91 -18.74 24.26
N MET A 438 11.39 -18.61 25.48
CA MET A 438 12.72 -19.08 25.83
C MET A 438 12.79 -20.57 26.10
N ASN A 439 11.66 -21.25 26.12
CA ASN A 439 11.58 -22.67 26.47
C ASN A 439 11.10 -23.53 25.34
N THR A 440 10.23 -23.05 24.48
CA THR A 440 9.61 -23.89 23.47
C THR A 440 10.15 -23.59 22.07
N PRO A 441 10.59 -24.60 21.31
CA PRO A 441 10.81 -24.53 19.86
C PRO A 441 9.56 -24.15 19.09
N ALA A 442 9.64 -23.41 17.97
CA ALA A 442 8.46 -23.18 17.15
C ALA A 442 8.57 -23.91 15.79
N SER A 443 7.59 -24.72 15.40
CA SER A 443 7.63 -25.39 14.10
C SER A 443 7.06 -24.41 13.07
N ILE A 444 7.88 -23.95 12.13
CA ILE A 444 7.42 -23.04 11.07
C ILE A 444 7.08 -23.87 9.81
N THR A 445 5.83 -23.77 9.37
CA THR A 445 5.39 -24.41 8.16
C THR A 445 4.65 -23.34 7.35
N GLY A 446 4.85 -23.45 6.04
CA GLY A 446 4.11 -22.59 5.15
C GLY A 446 4.64 -21.17 5.12
N LEU A 447 5.92 -20.92 5.35
CA LEU A 447 6.40 -19.57 5.31
C LEU A 447 6.64 -19.21 3.85
N VAL A 448 6.08 -18.09 3.37
CA VAL A 448 6.37 -17.59 2.03
C VAL A 448 7.02 -16.20 2.11
N THR A 449 8.03 -15.88 1.30
CA THR A 449 8.75 -14.62 1.36
C THR A 449 8.95 -14.06 -0.05
N SER A 450 9.55 -12.88 -0.15
CA SER A 450 9.92 -12.32 -1.45
C SER A 450 11.39 -12.61 -1.75
N LEU A 451 12.01 -13.56 -1.07
CA LEU A 451 13.41 -13.85 -1.33
C LEU A 451 13.48 -14.68 -2.61
N PRO A 452 14.39 -14.40 -3.54
CA PRO A 452 14.78 -15.29 -4.64
C PRO A 452 15.18 -16.66 -4.11
N ARG A 453 15.19 -17.73 -4.88
CA ARG A 453 15.63 -19.01 -4.36
C ARG A 453 17.10 -18.97 -3.96
N GLY A 454 17.48 -19.72 -2.92
CA GLY A 454 18.85 -19.77 -2.46
C GLY A 454 18.85 -20.30 -1.04
N SER A 455 20.05 -20.41 -0.47
CA SER A 455 20.30 -20.87 0.89
C SER A 455 20.86 -19.69 1.68
N TYR A 456 19.98 -18.94 2.32
CA TYR A 456 20.38 -17.72 3.00
C TYR A 456 20.97 -17.94 4.38
N ASN A 457 22.16 -17.38 4.60
CA ASN A 457 22.80 -17.53 5.89
C ASN A 457 22.29 -16.45 6.81
N ASP A 458 22.12 -16.83 8.06
CA ASP A 458 21.68 -15.89 9.07
C ASP A 458 22.73 -14.80 9.22
N VAL A 459 22.39 -13.54 9.01
CA VAL A 459 23.28 -12.41 9.22
C VAL A 459 23.82 -12.39 10.66
N LEU A 460 23.06 -12.80 11.68
CA LEU A 460 23.59 -12.91 13.03
C LEU A 460 24.58 -14.09 13.24
N GLY A 461 24.85 -14.97 12.27
CA GLY A 461 25.83 -16.06 12.45
C GLY A 461 25.44 -17.11 13.48
N GLY A 462 24.16 -17.25 13.81
CA GLY A 462 23.73 -18.23 14.78
C GLY A 462 23.92 -17.75 16.21
N ILE A 463 24.40 -16.52 16.50
CA ILE A 463 24.63 -16.14 17.88
C ILE A 463 23.35 -16.02 18.67
N LEU A 464 22.18 -15.82 18.07
CA LEU A 464 20.95 -15.86 18.84
C LEU A 464 20.20 -17.08 18.34
N ASN A 465 20.94 -18.13 18.02
CA ASN A 465 20.41 -19.41 17.59
C ASN A 465 19.61 -19.44 16.31
N GLY A 466 19.93 -18.54 15.38
CA GLY A 466 19.27 -18.50 14.10
C GLY A 466 19.79 -19.65 13.27
N ASN A 467 19.28 -19.77 12.05
CA ASN A 467 19.56 -20.91 11.20
C ASN A 467 19.56 -20.42 9.76
N THR A 468 19.97 -21.31 8.86
CA THR A 468 19.98 -21.02 7.44
C THR A 468 18.57 -21.20 6.91
N LEU A 469 18.14 -20.31 6.01
CA LEU A 469 16.84 -20.41 5.38
C LEU A 469 16.97 -20.90 3.94
N THR A 470 16.32 -22.01 3.59
CA THR A 470 16.35 -22.50 2.22
C THR A 470 15.04 -22.05 1.58
N VAL A 471 15.14 -21.28 0.50
CA VAL A 471 14.00 -20.71 -0.21
C VAL A 471 13.99 -21.40 -1.57
N GLY A 472 12.84 -21.93 -1.93
CA GLY A 472 12.67 -22.62 -3.17
C GLY A 472 11.92 -21.69 -4.10
N ALA A 473 11.16 -22.32 -4.99
CA ALA A 473 10.42 -21.62 -6.02
C ALA A 473 9.27 -20.85 -5.41
N GLY A 474 9.18 -19.65 -5.95
CA GLY A 474 8.16 -18.71 -5.55
C GLY A 474 8.30 -18.17 -4.13
N GLY A 475 9.52 -18.05 -3.59
CA GLY A 475 9.75 -17.50 -2.26
C GLY A 475 9.37 -18.41 -1.09
N ALA A 476 8.97 -19.66 -1.37
CA ALA A 476 8.58 -20.60 -0.33
C ALA A 476 9.76 -21.17 0.41
N ALA A 477 9.82 -20.97 1.72
CA ALA A 477 10.88 -21.56 2.52
C ALA A 477 10.63 -23.03 2.84
N SER A 478 11.68 -23.81 2.90
CA SER A 478 11.67 -25.17 3.39
C SER A 478 11.30 -25.09 4.87
N ASN A 479 10.49 -26.02 5.39
CA ASN A 479 10.06 -25.93 6.79
C ASN A 479 11.21 -26.02 7.78
N PHE A 480 11.14 -25.35 8.93
CA PHE A 480 12.18 -25.41 9.93
C PHE A 480 11.64 -25.26 11.34
N THR A 481 12.51 -25.50 12.32
CA THR A 481 12.16 -25.30 13.71
C THR A 481 12.94 -24.08 14.22
N LEU A 482 12.23 -23.07 14.70
CA LEU A 482 12.90 -21.91 15.25
C LEU A 482 13.20 -22.23 16.71
N ALA A 483 14.47 -22.22 17.09
CA ALA A 483 14.92 -22.51 18.45
C ALA A 483 14.25 -21.65 19.53
N PRO A 484 14.15 -22.13 20.79
CA PRO A 484 13.73 -21.33 21.93
C PRO A 484 14.60 -20.08 22.00
N GLY A 485 13.98 -18.90 22.01
CA GLY A 485 14.75 -17.66 21.98
C GLY A 485 15.39 -17.31 20.63
N GLY A 486 15.10 -18.09 19.58
CA GLY A 486 15.73 -17.93 18.26
C GLY A 486 15.42 -16.61 17.58
N THR A 487 16.45 -16.05 16.96
CA THR A 487 16.37 -14.83 16.18
C THR A 487 17.37 -14.97 15.04
N ALA A 488 16.84 -14.71 13.84
CA ALA A 488 17.61 -14.82 12.61
C ALA A 488 17.17 -13.73 11.64
N VAL A 489 18.09 -13.34 10.78
CA VAL A 489 17.87 -12.27 9.82
C VAL A 489 18.45 -12.82 8.52
N TRP A 490 17.66 -12.77 7.46
CA TRP A 490 18.06 -13.24 6.14
C TRP A 490 17.81 -12.08 5.21
N GLN A 491 18.66 -11.82 4.22
CA GLN A 491 18.45 -10.66 3.35
C GLN A 491 18.87 -10.91 1.91
N TYR A 492 18.41 -10.04 1.01
CA TYR A 492 18.80 -10.10 -0.39
C TYR A 492 18.78 -8.66 -0.92
N THR A 493 19.87 -8.18 -1.52
CA THR A 493 19.89 -6.85 -2.12
C THR A 493 20.23 -6.97 -3.59
N THR A 494 19.72 -6.00 -4.35
CA THR A 494 19.94 -5.87 -5.78
C THR A 494 19.59 -4.43 -6.20
N ASP A 495 19.73 -4.08 -7.48
CA ASP A 495 19.42 -2.73 -7.94
C ASP A 495 17.94 -2.51 -8.15
N ALA A 496 17.55 -1.27 -7.95
CA ALA A 496 16.20 -0.88 -8.27
C ALA A 496 16.36 -0.26 -9.65
N THR A 497 15.42 -0.65 -10.49
CA THR A 497 15.32 -0.16 -11.86
C THR A 497 14.30 1.02 -11.99
N THR A 498 13.25 0.92 -11.18
CA THR A 498 12.16 1.88 -11.07
C THR A 498 12.60 2.88 -10.02
N PRO A 499 12.33 4.20 -10.10
CA PRO A 499 12.49 5.13 -8.99
C PRO A 499 11.58 4.72 -7.82
N ILE A 500 12.14 4.58 -6.60
CA ILE A 500 11.36 4.39 -5.37
C ILE A 500 11.87 5.48 -4.42
N ILE A 501 10.99 6.27 -3.83
CA ILE A 501 11.40 7.27 -2.84
C ILE A 501 11.24 6.61 -1.45
N GLY A 502 12.29 6.60 -0.66
CA GLY A 502 12.26 6.06 0.70
C GLY A 502 12.12 7.12 1.77
N ASN A 503 12.55 8.35 1.55
CA ASN A 503 12.44 9.39 2.57
C ASN A 503 12.70 10.74 1.96
N VAL A 504 12.12 11.82 2.49
CA VAL A 504 12.35 13.18 2.00
C VAL A 504 12.60 14.01 3.27
N GLY A 505 13.54 14.95 3.26
CA GLY A 505 13.76 15.83 4.39
C GLY A 505 14.35 17.13 3.89
N PRO A 506 14.00 18.32 4.35
CA PRO A 506 12.95 18.57 5.33
C PRO A 506 11.57 18.36 4.72
N MET A 507 10.48 18.32 5.48
CA MET A 507 9.17 18.13 4.92
C MET A 507 8.36 19.41 4.99
N MET A 508 8.94 20.57 5.28
CA MET A 508 8.19 21.81 5.43
C MET A 508 9.22 22.88 5.18
N ALA A 509 9.07 23.77 4.19
CA ALA A 509 10.04 24.83 3.97
C ALA A 509 9.48 25.77 2.91
N LYS A 510 10.06 26.95 2.76
CA LYS A 510 9.59 27.89 1.77
C LYS A 510 10.18 27.61 0.39
N PRO A 511 9.61 28.13 -0.74
CA PRO A 511 10.21 28.07 -2.07
C PRO A 511 11.68 28.51 -2.05
N GLY A 512 12.54 27.80 -2.77
CA GLY A 512 13.94 28.18 -2.84
C GLY A 512 14.85 27.28 -2.01
N VAL A 513 14.31 26.59 -1.01
CA VAL A 513 15.11 25.74 -0.15
C VAL A 513 15.39 24.43 -0.88
N THR A 514 16.59 23.90 -0.76
CA THR A 514 16.94 22.60 -1.31
C THR A 514 16.50 21.50 -0.35
N ILE A 515 15.69 20.57 -0.81
CA ILE A 515 15.30 19.43 0.00
C ILE A 515 16.06 18.20 -0.48
N THR A 516 16.07 17.11 0.30
CA THR A 516 16.81 15.89 0.01
C THR A 516 15.82 14.73 -0.15
N ILE A 517 15.88 13.99 -1.25
CA ILE A 517 14.96 12.90 -1.54
C ILE A 517 15.86 11.68 -1.64
N ASP A 518 15.64 10.67 -0.82
CA ASP A 518 16.50 9.49 -0.81
C ASP A 518 15.72 8.28 -1.23
N GLY A 519 16.36 7.33 -1.89
CA GLY A 519 15.64 6.16 -2.32
C GLY A 519 16.57 5.34 -3.19
N ARG A 520 15.98 4.67 -4.19
CA ARG A 520 16.78 3.83 -5.08
C ARG A 520 16.26 3.95 -6.49
N GLY A 521 17.09 3.70 -7.50
CA GLY A 521 16.59 3.63 -8.87
C GLY A 521 16.33 4.97 -9.54
N PHE A 522 16.88 6.08 -9.02
CA PHE A 522 16.71 7.41 -9.63
C PHE A 522 17.54 7.51 -10.90
N GLY A 523 18.59 6.71 -11.01
CA GLY A 523 19.44 6.69 -12.18
C GLY A 523 20.46 7.81 -12.10
N SER A 524 21.46 7.72 -12.98
CA SER A 524 22.54 8.68 -12.96
C SER A 524 22.25 9.98 -13.70
N GLY A 525 21.33 9.92 -14.66
CA GLY A 525 21.03 11.10 -15.44
C GLY A 525 19.91 11.90 -14.81
N LYS A 526 20.07 13.23 -14.80
CA LYS A 526 19.07 14.10 -14.23
C LYS A 526 17.68 13.89 -14.85
N GLY A 527 16.62 13.79 -14.04
CA GLY A 527 15.27 13.51 -14.49
C GLY A 527 14.36 14.63 -14.03
N THR A 528 13.16 14.32 -13.55
CA THR A 528 12.17 15.33 -13.17
C THR A 528 11.65 15.11 -11.77
N VAL A 529 11.50 16.19 -11.00
CA VAL A 529 10.87 16.11 -9.70
C VAL A 529 9.54 16.85 -9.85
N TYR A 530 8.44 16.23 -9.41
CA TYR A 530 7.12 16.81 -9.43
C TYR A 530 6.68 17.23 -8.05
N PHE A 531 6.21 18.48 -7.92
CA PHE A 531 5.60 18.96 -6.70
C PHE A 531 4.19 19.15 -7.17
N GLY A 532 3.34 18.22 -6.80
CA GLY A 532 2.00 18.15 -7.40
C GLY A 532 2.19 17.91 -8.92
N THR A 533 1.60 18.77 -9.75
CA THR A 533 1.75 18.68 -11.20
C THR A 533 2.84 19.60 -11.72
N THR A 534 3.54 20.33 -10.84
CA THR A 534 4.62 21.22 -11.23
C THR A 534 5.91 20.43 -11.39
N ALA A 535 6.52 20.49 -12.57
CA ALA A 535 7.76 19.77 -12.80
C ALA A 535 8.94 20.67 -12.57
N VAL A 536 9.95 20.11 -11.92
CA VAL A 536 11.19 20.80 -11.62
C VAL A 536 12.24 19.98 -12.34
N THR A 537 13.04 20.67 -13.12
CA THR A 537 14.06 20.05 -13.95
C THR A 537 15.27 20.97 -13.98
N GLY A 538 16.31 20.43 -14.59
CA GLY A 538 17.51 21.18 -14.94
C GLY A 538 18.25 21.78 -13.78
N ALA A 539 18.44 23.08 -13.86
CA ALA A 539 19.24 23.80 -12.89
C ALA A 539 18.65 23.89 -11.50
N ASP A 540 17.34 23.71 -11.37
CA ASP A 540 16.75 23.71 -10.05
C ASP A 540 17.00 22.40 -9.32
N ILE A 541 17.47 21.36 -10.04
CA ILE A 541 17.82 20.10 -9.45
C ILE A 541 19.28 20.32 -9.14
N VAL A 542 19.61 20.42 -7.87
CA VAL A 542 20.96 20.71 -7.42
C VAL A 542 21.87 19.48 -7.57
N ALA A 543 21.42 18.26 -7.31
CA ALA A 543 22.24 17.06 -7.48
C ALA A 543 21.30 15.91 -7.80
N TRP A 544 21.73 14.92 -8.59
CA TRP A 544 20.90 13.78 -8.95
C TRP A 544 21.89 12.62 -9.02
N GLU A 545 21.57 11.55 -8.31
CA GLU A 545 22.31 10.31 -8.47
C GLU A 545 21.35 9.23 -8.08
N ASP A 546 21.77 7.98 -8.14
CA ASP A 546 20.79 6.93 -8.01
C ASP A 546 20.12 6.81 -6.66
N THR A 547 20.78 7.21 -5.56
CA THR A 547 20.16 7.05 -4.26
C THR A 547 19.71 8.37 -3.68
N GLN A 548 20.05 9.51 -4.30
CA GLN A 548 19.68 10.77 -3.70
C GLN A 548 19.56 11.90 -4.71
N ILE A 549 18.50 12.69 -4.56
CA ILE A 549 18.26 13.87 -5.39
C ILE A 549 18.20 15.07 -4.46
N GLN A 550 18.80 16.19 -4.81
CA GLN A 550 18.62 17.39 -4.02
C GLN A 550 18.02 18.35 -5.00
N VAL A 551 16.91 19.01 -4.64
CA VAL A 551 16.17 19.86 -5.56
C VAL A 551 15.58 21.06 -4.85
N LYS A 552 15.57 22.23 -5.47
CA LYS A 552 14.96 23.42 -4.90
C LYS A 552 13.44 23.36 -4.98
N ILE A 553 12.75 23.75 -3.92
CA ILE A 553 11.28 23.81 -3.91
C ILE A 553 10.84 24.90 -4.89
N PRO A 554 9.95 24.65 -5.87
CA PRO A 554 9.43 25.62 -6.82
C PRO A 554 8.60 26.69 -6.17
N ALA A 555 8.41 27.79 -6.87
CA ALA A 555 7.60 28.88 -6.35
C ALA A 555 6.14 28.57 -6.58
N VAL A 556 5.61 27.61 -5.84
CA VAL A 556 4.21 27.28 -5.94
C VAL A 556 3.55 27.92 -4.71
N PRO A 557 2.22 28.10 -4.70
CA PRO A 557 1.53 28.64 -3.54
C PRO A 557 1.71 27.73 -2.32
N GLY A 558 1.61 28.29 -1.11
CA GLY A 558 1.72 27.50 0.11
C GLY A 558 0.63 26.43 0.13
N GLY A 559 0.93 25.27 0.71
CA GLY A 559 -0.04 24.20 0.81
C GLY A 559 0.67 22.87 0.95
N ILE A 560 -0.06 21.78 0.85
CA ILE A 560 0.45 20.43 1.03
C ILE A 560 0.60 19.80 -0.36
N TYR A 561 1.72 19.21 -0.74
CA TYR A 561 1.94 18.62 -2.07
C TYR A 561 2.47 17.20 -1.98
N ASP A 562 2.16 16.42 -3.01
CA ASP A 562 2.74 15.10 -3.20
C ASP A 562 4.04 15.30 -3.98
N ILE A 563 5.06 14.51 -3.68
CA ILE A 563 6.34 14.55 -4.38
C ILE A 563 6.35 13.27 -5.21
N ARG A 564 6.86 13.37 -6.43
CA ARG A 564 7.03 12.22 -7.29
C ARG A 564 8.29 12.48 -8.07
N VAL A 565 9.01 11.44 -8.46
CA VAL A 565 10.25 11.57 -9.20
C VAL A 565 10.06 10.75 -10.47
N ALA A 566 10.57 11.24 -11.59
CA ALA A 566 10.54 10.49 -12.83
C ALA A 566 12.01 10.41 -13.19
N ASN A 567 12.54 9.23 -13.52
CA ASN A 567 13.94 9.19 -13.96
C ASN A 567 14.06 9.72 -15.37
N ALA A 568 15.24 9.79 -15.97
CA ALA A 568 15.42 10.32 -17.32
C ALA A 568 14.64 9.55 -18.40
N ALA A 569 14.21 8.31 -18.12
CA ALA A 569 13.45 7.51 -19.06
C ALA A 569 11.97 7.78 -18.90
N GLY A 570 11.58 8.72 -18.05
CA GLY A 570 10.19 9.00 -17.84
C GLY A 570 9.53 8.01 -16.90
N ALA A 571 10.22 7.00 -16.35
CA ALA A 571 9.57 6.07 -15.40
C ALA A 571 9.38 6.81 -14.05
N ALA A 572 8.16 6.81 -13.50
CA ALA A 572 7.82 7.52 -12.28
C ALA A 572 7.79 6.68 -10.99
N SER A 573 8.10 7.32 -9.86
CA SER A 573 8.18 6.70 -8.54
C SER A 573 6.81 6.62 -7.89
N ASN A 574 6.81 6.05 -6.69
CA ASN A 574 5.69 6.14 -5.76
C ASN A 574 5.54 7.61 -5.29
N ILE A 575 4.36 7.98 -4.83
CA ILE A 575 4.08 9.34 -4.38
C ILE A 575 4.58 9.44 -2.94
N TYR A 576 5.26 10.52 -2.59
CA TYR A 576 5.62 10.73 -1.22
C TYR A 576 4.81 11.96 -0.88
N ASP A 577 3.79 11.79 -0.09
CA ASP A 577 2.87 12.86 0.24
C ASP A 577 3.23 13.73 1.45
N ASN A 578 2.27 14.61 1.73
CA ASN A 578 2.25 15.50 2.87
C ASN A 578 3.44 16.44 2.99
N PHE A 579 3.97 16.94 1.87
CA PHE A 579 5.06 17.88 1.94
C PHE A 579 4.44 19.28 2.08
N GLU A 580 4.87 20.11 3.01
CA GLU A 580 4.26 21.40 3.17
C GLU A 580 5.14 22.50 2.62
N VAL A 581 4.66 23.24 1.62
CA VAL A 581 5.40 24.39 1.10
C VAL A 581 4.89 25.54 1.95
N LEU A 582 5.77 26.31 2.59
CA LEU A 582 5.31 27.44 3.38
C LEU A 582 5.11 28.64 2.46
N THR A 583 4.23 29.59 2.83
CA THR A 583 4.05 30.84 2.11
C THR A 583 5.33 31.65 2.19
N GLY A 584 6.18 31.47 3.19
CA GLY A 584 7.41 32.22 3.27
C GLY A 584 7.98 32.02 4.64
N ASP A 585 8.83 32.95 5.06
CA ASP A 585 9.42 32.91 6.39
C ASP A 585 8.30 33.02 7.40
N GLN A 586 8.48 32.46 8.59
CA GLN A 586 7.43 32.40 9.59
C GLN A 586 7.70 33.29 10.80
N VAL A 587 6.66 33.78 11.47
CA VAL A 587 6.75 34.48 12.74
C VAL A 587 5.54 33.95 13.53
N THR A 588 5.62 33.95 14.87
CA THR A 588 4.49 33.48 15.64
C THR A 588 3.76 34.71 16.14
N VAL A 589 2.46 34.74 15.88
CA VAL A 589 1.60 35.83 16.32
C VAL A 589 0.59 35.22 17.29
N ARG A 590 0.33 35.93 18.38
CA ARG A 590 -0.65 35.51 19.36
C ARG A 590 -1.95 36.17 18.94
N PHE A 591 -2.98 35.38 18.70
CA PHE A 591 -4.30 35.92 18.37
C PHE A 591 -5.14 35.79 19.64
N VAL A 592 -5.78 36.91 20.02
CA VAL A 592 -6.56 37.00 21.24
C VAL A 592 -7.94 37.53 20.87
N ILE A 593 -9.01 36.83 21.24
CA ILE A 593 -10.33 37.34 20.91
C ILE A 593 -11.19 37.36 22.16
N ASN A 594 -11.77 38.51 22.41
CA ASN A 594 -12.65 38.69 23.56
C ASN A 594 -14.11 38.49 23.19
N ASN A 595 -14.93 38.25 24.21
CA ASN A 595 -16.38 38.17 24.10
C ASN A 595 -16.90 37.07 23.19
N ALA A 596 -16.23 35.92 23.20
CA ALA A 596 -16.63 34.81 22.37
C ALA A 596 -17.19 33.76 23.31
N THR A 597 -18.46 33.91 23.66
CA THR A 597 -19.08 32.95 24.54
C THR A 597 -19.41 31.70 23.73
N THR A 598 -19.34 30.49 24.26
CA THR A 598 -19.65 29.30 23.51
C THR A 598 -20.53 28.39 24.37
N ALA A 599 -21.13 27.39 23.71
CA ALA A 599 -21.94 26.37 24.33
C ALA A 599 -21.06 25.22 24.77
N LEU A 600 -21.65 24.15 25.33
CA LEU A 600 -20.84 23.00 25.71
C LEU A 600 -20.40 22.34 24.40
N GLY A 601 -19.09 22.09 24.33
CA GLY A 601 -18.49 21.39 23.21
C GLY A 601 -18.23 22.30 22.03
N GLN A 602 -18.44 23.62 22.19
CA GLN A 602 -18.24 24.54 21.11
C GLN A 602 -16.97 25.28 21.43
N ASN A 603 -16.06 25.38 20.47
CA ASN A 603 -14.78 26.02 20.68
C ASN A 603 -14.54 27.06 19.63
N VAL A 604 -13.59 27.94 19.85
CA VAL A 604 -13.26 28.99 18.88
C VAL A 604 -12.02 28.55 18.10
N PHE A 605 -12.00 28.88 16.80
CA PHE A 605 -10.93 28.53 15.88
C PHE A 605 -10.62 29.78 15.09
N LEU A 606 -9.54 29.72 14.34
CA LEU A 606 -9.10 30.81 13.49
C LEU A 606 -8.87 30.33 12.06
N THR A 607 -9.23 31.05 11.00
CA THR A 607 -8.83 30.67 9.68
C THR A 607 -8.63 31.95 8.88
N GLY A 608 -8.04 31.84 7.72
CA GLY A 608 -7.72 32.99 6.91
C GLY A 608 -7.19 32.55 5.56
N ASN A 609 -6.65 33.53 4.87
CA ASN A 609 -6.34 33.39 3.47
C ASN A 609 -4.96 32.91 3.06
N VAL A 610 -4.22 32.21 3.91
CA VAL A 610 -2.89 31.68 3.55
C VAL A 610 -2.93 30.21 3.99
N SER A 611 -2.06 29.34 3.48
CA SER A 611 -2.18 27.92 3.83
C SER A 611 -1.95 27.67 5.30
N GLU A 612 -1.14 28.53 5.91
CA GLU A 612 -0.83 28.43 7.33
C GLU A 612 -2.05 28.63 8.15
N LEU A 613 -3.09 29.33 7.67
CA LEU A 613 -4.33 29.46 8.40
C LEU A 613 -5.43 28.57 7.83
N GLY A 614 -5.15 27.60 6.95
CA GLY A 614 -6.17 26.70 6.44
C GLY A 614 -6.87 27.19 5.17
N ASN A 615 -6.44 28.31 4.58
CA ASN A 615 -7.07 28.88 3.36
C ASN A 615 -8.59 28.88 3.37
N TRP A 616 -9.14 29.47 4.44
CA TRP A 616 -10.57 29.64 4.65
C TRP A 616 -11.39 28.37 4.87
N ASP A 617 -10.76 27.20 5.00
CA ASP A 617 -11.50 25.98 5.20
C ASP A 617 -11.73 25.72 6.67
N PRO A 618 -12.98 25.68 7.17
CA PRO A 618 -13.35 25.32 8.54
C PRO A 618 -12.75 24.01 9.00
N ASN A 619 -12.69 22.98 8.14
CA ASN A 619 -12.04 21.73 8.53
C ASN A 619 -10.57 21.83 8.77
N ASN A 620 -9.92 22.87 8.28
CA ASN A 620 -8.52 23.01 8.55
C ASN A 620 -8.25 24.26 9.37
N ALA A 621 -9.23 24.76 10.12
CA ALA A 621 -9.05 25.96 10.92
C ALA A 621 -8.08 25.70 12.08
N ILE A 622 -7.42 26.73 12.61
CA ILE A 622 -6.46 26.61 13.69
C ILE A 622 -7.23 26.62 15.00
N GLY A 623 -6.90 25.62 15.82
CA GLY A 623 -7.51 25.50 17.09
C GLY A 623 -7.85 24.08 17.48
N PRO A 624 -8.70 23.84 18.49
CA PRO A 624 -9.35 24.88 19.29
C PRO A 624 -8.40 25.75 20.12
N MET A 625 -8.71 27.04 20.14
CA MET A 625 -7.90 27.99 20.86
C MET A 625 -8.03 27.72 22.36
N TYR A 626 -7.19 28.40 23.13
CA TYR A 626 -7.09 28.22 24.57
C TYR A 626 -7.87 29.32 25.29
N ASN A 627 -8.22 29.10 26.56
CA ASN A 627 -8.97 30.10 27.31
C ASN A 627 -8.86 29.98 28.84
N GLN A 628 -7.78 29.43 29.43
CA GLN A 628 -7.66 29.31 30.90
C GLN A 628 -6.49 30.07 31.56
N VAL A 629 -5.26 29.90 31.06
CA VAL A 629 -4.09 30.44 31.71
C VAL A 629 -3.75 31.86 31.29
N VAL A 630 -3.33 32.17 30.05
CA VAL A 630 -2.86 33.52 29.79
C VAL A 630 -4.04 34.48 29.75
N TYR A 631 -5.17 34.06 29.18
CA TYR A 631 -6.39 34.86 29.21
C TYR A 631 -7.44 33.83 29.60
N GLN A 632 -8.59 34.28 30.09
CA GLN A 632 -9.65 33.40 30.54
C GLN A 632 -10.92 33.70 29.78
N TYR A 633 -11.63 32.60 29.55
CA TYR A 633 -12.94 32.61 28.94
C TYR A 633 -13.81 33.75 29.47
N PRO A 634 -14.57 34.52 28.67
CA PRO A 634 -14.73 34.32 27.23
C PRO A 634 -13.67 34.95 26.33
N THR A 635 -12.45 35.19 26.82
CA THR A 635 -11.40 35.58 25.94
C THR A 635 -10.69 34.28 25.59
N TRP A 636 -10.37 34.11 24.31
CA TRP A 636 -9.63 32.92 23.88
C TRP A 636 -8.34 33.38 23.26
N TYR A 637 -7.29 32.56 23.19
CA TYR A 637 -6.00 33.01 22.64
C TYR A 637 -5.26 31.80 22.06
N TYR A 638 -4.28 32.03 21.17
CA TYR A 638 -3.51 30.95 20.59
C TYR A 638 -2.30 31.52 19.89
N ASP A 639 -1.19 30.79 19.86
CA ASP A 639 0.05 31.21 19.23
C ASP A 639 0.17 30.48 17.92
N VAL A 640 0.22 31.21 16.80
CA VAL A 640 0.09 30.62 15.46
C VAL A 640 1.26 31.06 14.59
N SER A 641 1.84 30.11 13.87
CA SER A 641 2.92 30.39 12.90
C SER A 641 2.28 30.91 11.61
N VAL A 642 2.60 32.14 11.23
CA VAL A 642 2.02 32.75 10.03
C VAL A 642 3.13 33.36 9.17
N PRO A 643 2.97 33.60 7.86
CA PRO A 643 4.04 34.15 7.01
C PRO A 643 4.42 35.56 7.48
N ALA A 644 5.72 35.84 7.45
CA ALA A 644 6.28 37.08 7.91
C ALA A 644 6.15 38.19 6.89
N GLY A 645 5.98 39.44 7.34
CA GLY A 645 5.94 40.63 6.48
C GLY A 645 4.81 40.69 5.48
N GLN A 646 3.61 40.22 5.80
CA GLN A 646 2.54 40.08 4.84
C GLN A 646 1.24 40.57 5.45
N THR A 647 0.27 41.09 4.69
CA THR A 647 -1.04 41.40 5.26
C THR A 647 -1.86 40.14 5.03
N ILE A 648 -2.34 39.52 6.09
CA ILE A 648 -3.19 38.35 6.00
C ILE A 648 -4.63 38.78 6.31
N GLU A 649 -5.55 37.99 5.82
CA GLU A 649 -6.96 38.22 6.08
C GLU A 649 -7.40 36.99 6.87
N PHE A 650 -8.31 37.23 7.81
CA PHE A 650 -8.76 36.18 8.69
C PHE A 650 -10.09 36.55 9.35
N LYS A 651 -10.65 35.51 9.94
CA LYS A 651 -11.89 35.61 10.66
C LYS A 651 -11.84 34.51 11.68
N PHE A 652 -12.57 34.71 12.77
CA PHE A 652 -12.67 33.70 13.80
C PHE A 652 -13.97 32.96 13.56
N LEU A 653 -14.10 31.74 14.08
CA LEU A 653 -15.34 31.02 13.94
C LEU A 653 -15.54 30.10 15.14
N LYS A 654 -16.74 29.68 15.46
CA LYS A 654 -16.97 28.72 16.53
C LYS A 654 -17.38 27.42 15.84
N LYS A 655 -16.92 26.26 16.28
CA LYS A 655 -17.32 24.99 15.70
C LYS A 655 -17.86 24.15 16.84
N GLN A 656 -18.94 23.41 16.60
CA GLN A 656 -19.47 22.44 17.54
C GLN A 656 -19.96 21.35 16.62
N GLY A 657 -19.31 20.21 16.65
CA GLY A 657 -19.68 19.11 15.75
C GLY A 657 -19.45 19.59 14.32
N SER A 658 -20.52 19.57 13.52
CA SER A 658 -20.44 19.94 12.11
C SER A 658 -20.85 21.39 11.90
N THR A 659 -21.37 22.05 12.92
CA THR A 659 -21.88 23.40 12.77
C THR A 659 -20.74 24.40 12.97
N VAL A 660 -20.63 25.31 12.00
CA VAL A 660 -19.62 26.36 11.99
C VAL A 660 -20.38 27.65 12.09
N THR A 661 -20.04 28.53 13.01
CA THR A 661 -20.61 29.86 13.12
C THR A 661 -19.46 30.84 12.88
N TRP A 662 -19.49 31.60 11.80
CA TRP A 662 -18.46 32.55 11.44
C TRP A 662 -18.74 33.87 12.12
N GLU A 663 -17.72 34.65 12.44
CA GLU A 663 -17.95 36.03 12.85
C GLU A 663 -18.66 36.74 11.71
N GLY A 664 -19.48 37.74 12.03
CA GLY A 664 -20.10 38.57 11.01
C GLY A 664 -19.13 39.70 10.67
N GLY A 665 -19.57 40.66 9.88
CA GLY A 665 -18.74 41.79 9.52
C GLY A 665 -17.73 41.48 8.40
N ALA A 666 -16.89 42.48 8.12
CA ALA A 666 -15.82 42.34 7.15
C ALA A 666 -14.71 41.41 7.67
N ASN A 667 -13.94 40.83 6.76
CA ASN A 667 -12.78 40.01 7.10
C ASN A 667 -11.80 40.92 7.82
N ARG A 668 -11.04 40.39 8.78
CA ARG A 668 -10.01 41.13 9.50
C ARG A 668 -8.74 41.07 8.68
N THR A 669 -7.88 42.07 8.86
CA THR A 669 -6.60 42.17 8.18
C THR A 669 -5.55 42.45 9.22
N PHE A 670 -4.32 42.00 9.01
CA PHE A 670 -3.25 42.32 9.93
C PHE A 670 -1.99 42.24 9.12
N THR A 671 -1.04 43.16 9.30
CA THR A 671 0.22 43.05 8.60
C THR A 671 1.23 42.42 9.53
N THR A 672 1.75 41.23 9.26
CA THR A 672 2.64 40.57 10.18
C THR A 672 4.03 41.18 10.21
N PRO A 673 4.76 41.15 11.34
CA PRO A 673 6.14 41.62 11.45
C PRO A 673 7.09 40.77 10.60
N THR A 674 8.30 41.27 10.32
CA THR A 674 9.28 40.48 9.59
C THR A 674 10.03 39.47 10.46
N SER A 675 10.19 39.78 11.76
CA SER A 675 10.81 38.92 12.75
C SER A 675 10.16 39.21 14.11
N GLY A 676 10.41 38.38 15.12
CA GLY A 676 9.82 38.62 16.42
C GLY A 676 8.39 38.15 16.44
N THR A 677 7.63 38.70 17.36
CA THR A 677 6.29 38.19 17.58
C THR A 677 5.37 39.38 17.53
N ALA A 678 4.07 39.13 17.51
CA ALA A 678 3.11 40.21 17.61
C ALA A 678 1.86 39.64 18.24
N THR A 679 1.03 40.51 18.84
CA THR A 679 -0.25 40.11 19.41
C THR A 679 -1.41 40.87 18.76
N VAL A 680 -2.44 40.12 18.34
CA VAL A 680 -3.65 40.61 17.72
C VAL A 680 -4.70 40.51 18.81
N ASN A 681 -5.31 41.63 19.21
CA ASN A 681 -6.30 41.56 20.27
C ASN A 681 -7.57 42.17 19.72
N VAL A 682 -8.61 41.35 19.56
CA VAL A 682 -9.82 41.78 18.92
C VAL A 682 -11.06 41.32 19.68
N ASN A 683 -12.24 41.74 19.23
CA ASN A 683 -13.53 41.46 19.89
C ASN A 683 -14.43 40.77 18.89
N TRP A 684 -15.07 39.64 19.25
CA TRP A 684 -15.97 38.91 18.37
C TRP A 684 -17.00 39.85 17.75
N GLN A 685 -17.12 39.79 16.41
CA GLN A 685 -18.02 40.60 15.59
C GLN A 685 -19.18 39.66 15.36
N PRO A 686 -20.36 39.98 15.89
CA PRO A 686 -21.58 39.21 15.68
C PRO A 686 -22.09 39.27 14.24
N ALA B 1 -25.43 7.21 -13.00
CA ALA B 1 -26.11 6.13 -12.34
C ALA B 1 -25.07 5.75 -11.28
N PRO B 2 -25.38 5.09 -10.17
CA PRO B 2 -24.39 4.64 -9.22
C PRO B 2 -23.64 3.40 -9.69
N ASP B 3 -22.50 3.14 -9.08
CA ASP B 3 -21.65 1.99 -9.37
C ASP B 3 -22.39 0.65 -9.31
N THR B 4 -23.43 0.55 -8.49
CA THR B 4 -24.15 -0.68 -8.23
C THR B 4 -25.27 -0.96 -9.23
N SER B 5 -25.53 0.02 -10.10
CA SER B 5 -26.60 -0.04 -11.07
C SER B 5 -26.45 -1.22 -12.02
N VAL B 6 -27.54 -1.85 -12.49
CA VAL B 6 -27.46 -2.92 -13.52
C VAL B 6 -26.93 -2.29 -14.81
N SER B 7 -26.94 -0.96 -15.04
CA SER B 7 -26.41 -0.41 -16.27
C SER B 7 -24.90 -0.34 -16.28
N ASN B 8 -24.19 -0.66 -15.21
CA ASN B 8 -22.74 -0.54 -15.25
C ASN B 8 -22.23 -1.84 -15.88
N LYS B 9 -21.99 -1.79 -17.18
CA LYS B 9 -21.52 -2.99 -17.89
C LYS B 9 -20.01 -3.15 -17.81
N GLN B 10 -19.30 -2.12 -17.35
CA GLN B 10 -17.87 -2.19 -17.36
C GLN B 10 -17.25 -2.86 -16.15
N ASN B 11 -17.84 -2.75 -14.95
CA ASN B 11 -17.22 -3.29 -13.74
C ASN B 11 -18.22 -4.15 -13.02
N PHE B 12 -17.78 -5.30 -12.50
CA PHE B 12 -18.67 -6.25 -11.87
C PHE B 12 -18.25 -6.56 -10.45
N SER B 13 -17.36 -5.84 -9.78
CA SER B 13 -16.98 -6.15 -8.40
C SER B 13 -18.17 -6.09 -7.41
N THR B 14 -19.22 -5.29 -7.64
CA THR B 14 -20.35 -5.24 -6.73
C THR B 14 -21.34 -6.39 -7.01
N ASP B 15 -21.05 -7.27 -7.97
CA ASP B 15 -21.95 -8.32 -8.40
C ASP B 15 -21.61 -9.71 -7.91
N VAL B 16 -22.58 -10.62 -8.05
CA VAL B 16 -22.35 -12.02 -7.79
C VAL B 16 -22.90 -12.68 -9.03
N ILE B 17 -22.09 -13.44 -9.73
CA ILE B 17 -22.44 -14.09 -10.96
C ILE B 17 -22.93 -15.50 -10.64
N TYR B 18 -23.93 -15.98 -11.38
CA TYR B 18 -24.41 -17.35 -11.27
C TYR B 18 -24.15 -17.94 -12.66
N GLN B 19 -23.27 -18.91 -12.73
CA GLN B 19 -22.88 -19.58 -13.96
C GLN B 19 -23.83 -20.73 -14.23
N ILE B 20 -24.45 -20.62 -15.38
CA ILE B 20 -25.46 -21.53 -15.87
C ILE B 20 -25.05 -22.24 -17.16
N PHE B 21 -25.22 -23.55 -17.14
CA PHE B 21 -25.13 -24.34 -18.37
C PHE B 21 -26.58 -24.33 -18.82
N THR B 22 -26.92 -23.52 -19.82
CA THR B 22 -28.28 -23.32 -20.27
C THR B 22 -29.07 -24.63 -20.45
N ASP B 23 -28.48 -25.68 -21.02
CA ASP B 23 -29.21 -26.92 -21.26
C ASP B 23 -29.56 -27.68 -19.97
N ARG B 24 -28.85 -27.41 -18.88
CA ARG B 24 -28.96 -28.18 -17.64
C ARG B 24 -29.69 -27.48 -16.50
N PHE B 25 -30.30 -26.35 -16.83
CA PHE B 25 -30.95 -25.59 -15.79
C PHE B 25 -32.45 -25.77 -15.87
N SER B 26 -33.18 -25.17 -16.81
CA SER B 26 -34.62 -25.34 -16.86
C SER B 26 -35.21 -25.36 -18.27
N ASP B 27 -35.86 -26.45 -18.63
CA ASP B 27 -36.56 -26.53 -19.89
C ASP B 27 -37.87 -25.72 -19.78
N GLY B 28 -37.85 -24.43 -20.12
CA GLY B 28 -39.06 -23.62 -20.07
C GLY B 28 -39.93 -23.78 -21.31
N ASN B 29 -39.38 -24.35 -22.38
CA ASN B 29 -40.12 -24.55 -23.64
C ASN B 29 -39.70 -25.90 -24.21
N PRO B 30 -40.58 -26.89 -24.14
CA PRO B 30 -40.38 -28.22 -24.72
C PRO B 30 -40.41 -28.24 -26.24
N ALA B 31 -41.15 -27.36 -26.91
CA ALA B 31 -41.21 -27.34 -28.38
C ALA B 31 -39.90 -27.06 -29.09
N ASN B 32 -38.90 -26.42 -28.45
CA ASN B 32 -37.60 -26.20 -29.09
C ASN B 32 -36.61 -27.33 -28.77
N ASN B 33 -37.05 -28.40 -28.12
CA ASN B 33 -36.13 -29.43 -27.69
C ASN B 33 -35.65 -30.23 -28.90
N PRO B 34 -34.35 -30.51 -29.02
CA PRO B 34 -33.79 -31.42 -30.02
C PRO B 34 -34.55 -32.74 -30.00
N THR B 35 -34.51 -33.52 -31.06
CA THR B 35 -35.30 -34.73 -31.08
C THR B 35 -34.40 -35.90 -31.38
N GLY B 36 -34.97 -37.07 -31.13
CA GLY B 36 -34.33 -38.31 -31.54
C GLY B 36 -33.06 -38.54 -30.77
N ALA B 37 -32.01 -38.91 -31.50
CA ALA B 37 -30.77 -39.28 -30.86
C ALA B 37 -30.01 -38.12 -30.22
N ALA B 38 -30.38 -36.87 -30.47
CA ALA B 38 -29.70 -35.74 -29.86
C ALA B 38 -30.26 -35.41 -28.49
N PHE B 39 -31.36 -36.05 -28.07
CA PHE B 39 -32.08 -35.63 -26.89
C PHE B 39 -32.33 -36.75 -25.90
N ASP B 40 -32.17 -36.39 -24.63
CA ASP B 40 -32.57 -37.26 -23.54
C ASP B 40 -33.27 -36.40 -22.49
N GLY B 41 -34.59 -36.45 -22.47
CA GLY B 41 -35.38 -35.66 -21.54
C GLY B 41 -35.14 -36.02 -20.08
N SER B 42 -34.70 -37.25 -19.77
CA SER B 42 -34.43 -37.59 -18.38
C SER B 42 -33.06 -37.07 -17.93
N CYS B 43 -32.25 -36.61 -18.89
CA CYS B 43 -30.91 -36.12 -18.68
C CYS B 43 -30.04 -37.08 -17.86
N THR B 44 -30.20 -38.34 -18.26
CA THR B 44 -29.41 -39.41 -17.72
C THR B 44 -28.11 -39.50 -18.50
N ASN B 45 -28.11 -39.28 -19.82
CA ASN B 45 -26.89 -39.29 -20.60
C ASN B 45 -26.54 -37.82 -20.61
N LEU B 46 -25.49 -37.49 -19.89
CA LEU B 46 -25.07 -36.12 -19.73
C LEU B 46 -24.34 -35.53 -20.92
N ARG B 47 -24.34 -36.23 -22.05
CA ARG B 47 -23.76 -35.72 -23.27
C ARG B 47 -24.75 -35.40 -24.39
N LEU B 48 -26.03 -35.62 -24.13
CA LEU B 48 -27.05 -35.28 -25.10
C LEU B 48 -27.70 -34.02 -24.59
N TYR B 49 -28.60 -33.47 -25.39
CA TYR B 49 -29.38 -32.33 -24.97
C TYR B 49 -30.43 -32.79 -23.97
N CYS B 50 -30.67 -32.01 -22.92
CA CYS B 50 -31.67 -32.35 -21.93
C CYS B 50 -32.84 -31.40 -22.07
N GLY B 51 -32.73 -30.24 -22.76
CA GLY B 51 -33.94 -29.42 -22.96
C GLY B 51 -33.97 -28.00 -22.41
N GLY B 52 -33.02 -27.69 -21.53
CA GLY B 52 -32.91 -26.41 -20.85
C GLY B 52 -32.69 -25.26 -21.83
N ASP B 53 -33.35 -24.12 -21.62
CA ASP B 53 -33.36 -23.07 -22.61
C ASP B 53 -33.49 -21.68 -21.99
N TRP B 54 -33.60 -20.63 -22.80
CA TRP B 54 -33.67 -19.26 -22.32
C TRP B 54 -35.03 -18.98 -21.69
N GLN B 55 -36.12 -19.60 -22.12
CA GLN B 55 -37.39 -19.46 -21.45
C GLN B 55 -37.30 -20.00 -20.01
N GLY B 56 -36.54 -21.08 -19.80
CA GLY B 56 -36.39 -21.66 -18.48
C GLY B 56 -35.68 -20.69 -17.56
N ILE B 57 -34.66 -20.01 -18.05
CA ILE B 57 -33.97 -19.01 -17.25
C ILE B 57 -34.94 -17.84 -17.03
N ILE B 58 -35.73 -17.36 -17.97
CA ILE B 58 -36.68 -16.28 -17.72
C ILE B 58 -37.67 -16.71 -16.62
N ASN B 59 -38.20 -17.91 -16.64
CA ASN B 59 -39.12 -18.38 -15.61
C ASN B 59 -38.50 -18.36 -14.22
N LYS B 60 -37.20 -18.73 -14.11
CA LYS B 60 -36.52 -18.74 -12.83
C LYS B 60 -36.11 -17.37 -12.33
N ILE B 61 -36.10 -16.34 -13.18
CA ILE B 61 -35.91 -14.96 -12.75
C ILE B 61 -37.29 -14.48 -12.30
N ASN B 62 -38.36 -14.82 -13.03
CA ASN B 62 -39.69 -14.34 -12.70
C ASN B 62 -40.33 -14.98 -11.49
N ASP B 63 -40.01 -16.24 -11.18
CA ASP B 63 -40.65 -16.89 -10.06
C ASP B 63 -39.95 -16.70 -8.73
N GLY B 64 -38.85 -15.93 -8.76
CA GLY B 64 -38.11 -15.56 -7.57
C GLY B 64 -36.95 -16.47 -7.23
N TYR B 65 -36.68 -17.53 -7.98
CA TYR B 65 -35.59 -18.41 -7.58
C TYR B 65 -34.24 -17.70 -7.63
N LEU B 66 -33.91 -17.02 -8.73
CA LEU B 66 -32.63 -16.38 -8.82
C LEU B 66 -32.57 -15.06 -8.09
N THR B 67 -33.62 -14.24 -8.09
CA THR B 67 -33.53 -12.94 -7.43
C THR B 67 -33.51 -13.13 -5.92
N GLY B 68 -34.26 -14.15 -5.46
CA GLY B 68 -34.30 -14.52 -4.04
C GLY B 68 -32.94 -14.88 -3.46
N MET B 69 -32.06 -15.42 -4.31
CA MET B 69 -30.71 -15.78 -3.93
C MET B 69 -29.82 -14.54 -3.86
N GLY B 70 -30.24 -13.37 -4.35
CA GLY B 70 -29.37 -12.20 -4.32
C GLY B 70 -28.38 -12.19 -5.49
N ILE B 71 -28.57 -13.03 -6.52
CA ILE B 71 -27.68 -13.13 -7.70
C ILE B 71 -27.76 -11.84 -8.46
N THR B 72 -26.72 -11.20 -8.96
CA THR B 72 -26.95 -10.01 -9.75
C THR B 72 -26.40 -10.11 -11.17
N ALA B 73 -25.90 -11.29 -11.57
CA ALA B 73 -25.50 -11.43 -12.94
C ALA B 73 -25.58 -12.90 -13.28
N ILE B 74 -26.03 -13.29 -14.49
CA ILE B 74 -26.00 -14.69 -14.92
C ILE B 74 -24.95 -14.82 -16.01
N TRP B 75 -24.27 -15.95 -16.11
CA TRP B 75 -23.28 -16.23 -17.13
C TRP B 75 -23.81 -17.50 -17.76
N ILE B 76 -24.15 -17.44 -19.05
CA ILE B 76 -24.79 -18.53 -19.76
C ILE B 76 -23.95 -19.07 -20.93
N SER B 77 -24.29 -20.29 -21.42
CA SER B 77 -23.63 -20.93 -22.53
C SER B 77 -23.65 -20.01 -23.76
N GLN B 78 -22.63 -20.18 -24.62
CA GLN B 78 -22.49 -19.43 -25.88
C GLN B 78 -23.80 -19.45 -26.67
N PRO B 79 -24.37 -18.30 -27.04
CA PRO B 79 -25.73 -18.25 -27.57
C PRO B 79 -25.90 -18.63 -29.04
N VAL B 80 -24.75 -18.74 -29.72
CA VAL B 80 -24.67 -18.88 -31.18
C VAL B 80 -24.99 -20.30 -31.68
N GLU B 81 -25.39 -20.34 -32.94
CA GLU B 81 -25.86 -21.57 -33.55
C GLU B 81 -24.70 -22.53 -33.57
N ASN B 82 -24.93 -23.73 -33.02
CA ASN B 82 -23.95 -24.80 -32.98
C ASN B 82 -24.31 -25.88 -33.98
N ILE B 83 -23.37 -26.80 -34.22
CA ILE B 83 -23.65 -27.90 -35.12
C ILE B 83 -24.75 -28.76 -34.55
N TYR B 84 -25.47 -29.36 -35.48
CA TYR B 84 -26.59 -30.23 -35.17
C TYR B 84 -26.24 -31.70 -35.14
N SER B 85 -25.02 -32.10 -35.51
CA SER B 85 -24.59 -33.50 -35.57
C SER B 85 -24.65 -34.26 -34.26
N VAL B 86 -24.94 -35.55 -34.24
CA VAL B 86 -24.71 -36.31 -33.03
C VAL B 86 -23.46 -37.09 -33.41
N ILE B 87 -22.38 -36.80 -32.69
CA ILE B 87 -21.09 -37.37 -32.95
C ILE B 87 -20.90 -38.57 -32.06
N ASN B 88 -20.39 -39.67 -32.60
CA ASN B 88 -20.19 -40.84 -31.80
C ASN B 88 -18.72 -41.02 -31.47
N TYR B 89 -18.28 -40.77 -30.24
CA TYR B 89 -16.89 -41.02 -29.90
C TYR B 89 -16.90 -42.33 -29.13
N SER B 90 -16.15 -43.35 -29.57
CA SER B 90 -16.10 -44.70 -28.98
C SER B 90 -17.49 -45.30 -29.22
N GLY B 91 -18.40 -45.37 -28.26
CA GLY B 91 -19.74 -45.81 -28.54
C GLY B 91 -20.63 -44.78 -27.88
N VAL B 92 -20.12 -43.56 -27.75
CA VAL B 92 -20.81 -42.57 -26.97
C VAL B 92 -21.22 -41.45 -27.91
N ASN B 93 -22.50 -41.21 -27.97
CA ASN B 93 -23.03 -40.11 -28.75
C ASN B 93 -22.88 -38.83 -27.98
N ASN B 94 -22.65 -37.75 -28.71
CA ASN B 94 -22.32 -36.49 -28.11
C ASN B 94 -23.00 -35.43 -28.90
N THR B 95 -23.43 -34.34 -28.28
CA THR B 95 -24.06 -33.25 -28.99
C THR B 95 -23.43 -31.93 -28.53
N ALA B 96 -23.78 -30.81 -29.16
CA ALA B 96 -23.25 -29.51 -28.80
C ALA B 96 -24.07 -28.89 -27.68
N TYR B 97 -24.55 -29.64 -26.65
CA TYR B 97 -25.41 -29.10 -25.60
C TYR B 97 -24.84 -27.92 -24.82
N HIS B 98 -23.51 -27.93 -24.81
CA HIS B 98 -22.67 -26.98 -24.09
C HIS B 98 -22.44 -25.66 -24.78
N GLY B 99 -22.81 -25.56 -26.05
CA GLY B 99 -22.67 -24.32 -26.80
C GLY B 99 -21.29 -24.10 -27.35
N TYR B 100 -20.35 -25.06 -27.27
CA TYR B 100 -18.95 -24.77 -27.67
C TYR B 100 -18.55 -25.07 -29.12
N TRP B 101 -19.44 -25.70 -29.89
CA TRP B 101 -19.16 -26.15 -31.25
C TRP B 101 -19.92 -25.26 -32.22
N ALA B 102 -19.51 -24.00 -32.35
CA ALA B 102 -20.21 -23.04 -33.19
C ALA B 102 -20.22 -23.37 -34.69
N ARG B 103 -21.31 -23.07 -35.38
CA ARG B 103 -21.29 -23.12 -36.83
C ARG B 103 -21.64 -21.75 -37.37
N ASP B 104 -22.42 -20.91 -36.67
CA ASP B 104 -22.68 -19.58 -37.16
C ASP B 104 -22.80 -18.68 -35.93
N PHE B 105 -21.84 -17.76 -35.82
CA PHE B 105 -21.77 -16.82 -34.71
C PHE B 105 -22.75 -15.66 -34.84
N LYS B 106 -23.58 -15.64 -35.87
CA LYS B 106 -24.49 -14.52 -36.12
C LYS B 106 -25.92 -14.94 -35.85
N LYS B 107 -26.14 -16.19 -35.46
CA LYS B 107 -27.46 -16.73 -35.26
C LYS B 107 -27.56 -17.40 -33.91
N THR B 108 -28.73 -17.69 -33.36
CA THR B 108 -28.82 -18.36 -32.08
C THR B 108 -28.84 -19.86 -32.22
N ASN B 109 -28.55 -20.57 -31.13
CA ASN B 109 -28.74 -22.01 -31.08
C ASN B 109 -30.26 -22.20 -30.88
N PRO B 110 -31.06 -22.74 -31.82
CA PRO B 110 -32.50 -22.92 -31.66
C PRO B 110 -32.93 -23.76 -30.46
N ALA B 111 -32.10 -24.64 -29.89
CA ALA B 111 -32.51 -25.38 -28.72
C ALA B 111 -32.61 -24.45 -27.51
N TYR B 112 -31.79 -23.38 -27.50
CA TYR B 112 -31.87 -22.43 -26.41
C TYR B 112 -32.97 -21.44 -26.73
N GLY B 113 -33.13 -21.04 -28.01
CA GLY B 113 -34.21 -20.17 -28.39
C GLY B 113 -33.90 -19.37 -29.65
N THR B 114 -34.86 -18.50 -29.91
CA THR B 114 -34.86 -17.61 -31.06
C THR B 114 -34.21 -16.29 -30.66
N MET B 115 -33.92 -15.38 -31.61
CA MET B 115 -33.37 -14.10 -31.27
C MET B 115 -34.36 -13.33 -30.41
N GLN B 116 -35.65 -13.65 -30.52
CA GLN B 116 -36.71 -13.01 -29.75
C GLN B 116 -36.64 -13.51 -28.31
N ASP B 117 -36.37 -14.81 -28.12
CA ASP B 117 -36.20 -15.36 -26.79
C ASP B 117 -34.98 -14.75 -26.12
N PHE B 118 -33.86 -14.60 -26.81
CA PHE B 118 -32.68 -13.95 -26.27
C PHE B 118 -33.00 -12.52 -25.85
N LYS B 119 -33.68 -11.74 -26.71
CA LYS B 119 -34.06 -10.37 -26.36
C LYS B 119 -34.91 -10.35 -25.11
N ASN B 120 -35.87 -11.27 -24.99
CA ASN B 120 -36.72 -11.34 -23.80
C ASN B 120 -35.90 -11.69 -22.59
N LEU B 121 -34.87 -12.54 -22.71
CA LEU B 121 -33.97 -12.83 -21.61
C LEU B 121 -33.23 -11.58 -21.17
N ILE B 122 -32.65 -10.81 -22.10
CA ILE B 122 -31.97 -9.59 -21.75
C ILE B 122 -32.91 -8.66 -21.00
N ASP B 123 -34.11 -8.47 -21.53
CA ASP B 123 -35.04 -7.52 -20.96
C ASP B 123 -35.54 -7.94 -19.60
N THR B 124 -35.95 -9.19 -19.44
CA THR B 124 -36.39 -9.72 -18.14
C THR B 124 -35.25 -9.61 -17.14
N ALA B 125 -34.01 -9.94 -17.54
CA ALA B 125 -32.89 -9.86 -16.66
C ALA B 125 -32.67 -8.41 -16.23
N HIS B 126 -32.56 -7.47 -17.16
CA HIS B 126 -32.31 -6.08 -16.79
C HIS B 126 -33.44 -5.51 -15.94
N ALA B 127 -34.69 -5.90 -16.20
CA ALA B 127 -35.85 -5.50 -15.42
C ALA B 127 -35.76 -5.91 -13.96
N HIS B 128 -35.01 -6.98 -13.69
CA HIS B 128 -34.88 -7.49 -12.33
C HIS B 128 -33.45 -7.29 -11.84
N ASN B 129 -32.79 -6.27 -12.38
CA ASN B 129 -31.43 -5.91 -12.09
C ASN B 129 -30.34 -6.98 -12.16
N ILE B 130 -30.48 -7.87 -13.12
CA ILE B 130 -29.51 -8.92 -13.37
C ILE B 130 -28.77 -8.58 -14.67
N LYS B 131 -27.44 -8.64 -14.64
CA LYS B 131 -26.57 -8.46 -15.80
C LYS B 131 -26.42 -9.80 -16.53
N VAL B 132 -26.18 -9.86 -17.86
CA VAL B 132 -26.10 -11.14 -18.58
C VAL B 132 -24.71 -11.18 -19.24
N ILE B 133 -23.96 -12.23 -18.96
CA ILE B 133 -22.65 -12.48 -19.51
C ILE B 133 -22.86 -13.66 -20.44
N ILE B 134 -22.26 -13.66 -21.62
CA ILE B 134 -22.35 -14.81 -22.50
C ILE B 134 -20.93 -15.39 -22.68
N ASP B 135 -20.83 -16.72 -22.85
CA ASP B 135 -19.60 -17.31 -23.40
C ASP B 135 -19.40 -16.88 -24.87
N PHE B 136 -18.17 -16.77 -25.34
CA PHE B 136 -17.91 -16.48 -26.74
C PHE B 136 -16.63 -17.28 -26.96
N ALA B 137 -16.65 -18.15 -27.97
CA ALA B 137 -15.56 -19.08 -28.21
C ALA B 137 -14.92 -18.95 -29.58
N PRO B 138 -14.15 -17.89 -29.83
CA PRO B 138 -13.62 -17.56 -31.12
C PRO B 138 -12.37 -18.36 -31.52
N ASN B 139 -12.00 -19.43 -30.81
CA ASN B 139 -10.79 -20.13 -31.15
C ASN B 139 -11.07 -21.14 -32.24
N HIS B 140 -12.29 -21.59 -32.35
CA HIS B 140 -12.57 -22.75 -33.19
C HIS B 140 -14.03 -22.81 -33.58
N THR B 141 -14.38 -23.69 -34.53
CA THR B 141 -15.78 -23.93 -34.84
C THR B 141 -16.20 -25.22 -34.14
N SER B 142 -15.95 -26.41 -34.74
CA SER B 142 -16.45 -27.65 -34.20
C SER B 142 -15.59 -28.86 -34.54
N PRO B 143 -15.81 -30.09 -34.05
CA PRO B 143 -15.05 -31.29 -34.40
C PRO B 143 -15.03 -31.49 -35.91
N ALA B 144 -13.86 -31.73 -36.49
CA ALA B 144 -13.71 -31.84 -37.94
C ALA B 144 -12.53 -32.73 -38.23
N SER B 145 -12.56 -33.37 -39.40
CA SER B 145 -11.44 -34.15 -39.87
C SER B 145 -11.32 -33.76 -41.35
N SER B 146 -10.23 -33.15 -41.82
CA SER B 146 -10.10 -32.84 -43.25
C SER B 146 -10.08 -34.13 -44.11
N ASP B 147 -9.55 -35.24 -43.60
CA ASP B 147 -9.55 -36.53 -44.29
C ASP B 147 -10.91 -37.12 -44.55
N ASP B 148 -11.81 -36.91 -43.60
CA ASP B 148 -13.13 -37.48 -43.68
C ASP B 148 -14.12 -36.33 -43.63
N PRO B 149 -14.51 -35.69 -44.74
CA PRO B 149 -15.47 -34.61 -44.73
C PRO B 149 -16.86 -35.02 -44.29
N SER B 150 -17.15 -36.31 -44.05
CA SER B 150 -18.49 -36.67 -43.61
C SER B 150 -18.58 -36.67 -42.10
N PHE B 151 -17.45 -36.59 -41.38
CA PHE B 151 -17.49 -36.55 -39.93
C PHE B 151 -18.09 -35.20 -39.49
N ALA B 152 -19.09 -35.28 -38.60
CA ALA B 152 -19.78 -34.13 -38.01
C ALA B 152 -20.22 -33.14 -39.08
N GLU B 153 -19.96 -31.82 -39.02
CA GLU B 153 -20.34 -30.94 -40.11
C GLU B 153 -19.05 -30.39 -40.70
N ASN B 154 -17.97 -31.18 -40.61
CA ASN B 154 -16.67 -30.81 -41.14
C ASN B 154 -16.19 -29.41 -40.74
N GLY B 155 -16.61 -28.98 -39.55
CA GLY B 155 -16.18 -27.73 -38.94
C GLY B 155 -16.65 -26.54 -39.72
N ARG B 156 -17.70 -26.68 -40.55
CA ARG B 156 -18.12 -25.58 -41.41
C ARG B 156 -18.50 -24.28 -40.70
N LEU B 157 -18.13 -23.14 -41.28
CA LEU B 157 -18.45 -21.86 -40.69
C LEU B 157 -19.42 -21.10 -41.61
N TYR B 158 -20.54 -20.57 -41.12
CA TYR B 158 -21.49 -19.81 -41.92
C TYR B 158 -21.51 -18.39 -41.42
N ASP B 159 -21.95 -17.47 -42.25
CA ASP B 159 -22.04 -16.08 -41.89
C ASP B 159 -23.49 -15.83 -42.16
N ASN B 160 -24.29 -15.78 -41.11
CA ASN B 160 -25.74 -15.59 -41.19
C ASN B 160 -26.43 -16.38 -42.29
N GLY B 161 -26.07 -17.66 -42.26
CA GLY B 161 -26.65 -18.61 -43.20
C GLY B 161 -25.80 -18.83 -44.43
N ASN B 162 -24.88 -17.95 -44.78
CA ASN B 162 -24.07 -18.12 -45.97
C ASN B 162 -22.78 -18.85 -45.67
N LEU B 163 -22.50 -19.97 -46.33
CA LEU B 163 -21.30 -20.71 -46.04
C LEU B 163 -20.02 -19.97 -46.38
N LEU B 164 -19.10 -19.92 -45.42
CA LEU B 164 -17.80 -19.37 -45.69
C LEU B 164 -16.88 -20.52 -46.06
N GLY B 165 -16.92 -21.69 -45.41
CA GLY B 165 -16.05 -22.80 -45.81
C GLY B 165 -16.00 -23.84 -44.71
N GLY B 166 -15.53 -25.04 -45.06
CA GLY B 166 -15.40 -26.15 -44.15
C GLY B 166 -13.94 -26.51 -44.00
N TYR B 167 -13.60 -27.51 -43.21
CA TYR B 167 -12.21 -27.84 -42.92
C TYR B 167 -11.58 -28.64 -44.08
N THR B 168 -12.25 -29.54 -44.75
CA THR B 168 -11.70 -30.24 -45.90
C THR B 168 -11.74 -29.23 -47.06
N ASN B 169 -10.70 -29.12 -47.89
CA ASN B 169 -10.73 -28.20 -49.05
C ASN B 169 -10.90 -26.75 -48.64
N ASP B 170 -10.07 -26.39 -47.68
CA ASP B 170 -10.10 -25.05 -47.16
C ASP B 170 -9.09 -24.27 -48.01
N THR B 171 -9.52 -23.96 -49.22
CA THR B 171 -8.68 -23.24 -50.16
C THR B 171 -8.44 -21.80 -49.74
N GLN B 172 -9.42 -21.23 -49.03
CA GLN B 172 -9.31 -19.87 -48.48
C GLN B 172 -8.47 -19.78 -47.21
N ASN B 173 -8.04 -20.89 -46.62
CA ASN B 173 -7.32 -20.95 -45.36
C ASN B 173 -7.94 -20.18 -44.20
N LEU B 174 -9.19 -20.55 -44.00
CA LEU B 174 -9.97 -20.08 -42.88
C LEU B 174 -9.54 -20.79 -41.61
N PHE B 175 -8.87 -21.94 -41.74
CA PHE B 175 -8.49 -22.76 -40.60
C PHE B 175 -6.99 -23.06 -40.59
N HIS B 176 -6.45 -23.48 -39.45
CA HIS B 176 -5.07 -23.94 -39.34
C HIS B 176 -5.03 -25.42 -39.69
N HIS B 177 -3.99 -25.84 -40.40
CA HIS B 177 -3.85 -27.25 -40.78
C HIS B 177 -2.44 -27.68 -40.42
N TYR B 178 -2.15 -27.65 -39.12
CA TYR B 178 -0.84 -28.01 -38.67
C TYR B 178 -0.95 -29.27 -37.85
N GLY B 179 -2.13 -29.88 -37.76
CA GLY B 179 -2.30 -31.04 -36.91
C GLY B 179 -2.79 -30.63 -35.52
N GLY B 180 -2.80 -31.56 -34.57
CA GLY B 180 -3.28 -31.31 -33.22
C GLY B 180 -2.14 -30.96 -32.26
N THR B 181 -2.46 -30.17 -31.22
CA THR B 181 -1.49 -29.76 -30.22
C THR B 181 -1.26 -30.94 -29.27
N ASP B 182 -0.06 -30.90 -28.73
CA ASP B 182 0.35 -31.80 -27.66
C ASP B 182 0.59 -30.95 -26.42
N PHE B 183 0.17 -29.67 -26.44
CA PHE B 183 0.32 -28.72 -25.35
C PHE B 183 1.76 -28.56 -24.88
N SER B 184 2.77 -28.93 -25.68
CA SER B 184 4.14 -28.84 -25.24
C SER B 184 4.58 -27.40 -25.06
N THR B 185 4.18 -26.46 -25.92
CA THR B 185 4.59 -25.09 -25.71
C THR B 185 3.33 -24.23 -25.89
N ILE B 186 3.38 -22.96 -25.46
CA ILE B 186 2.26 -22.07 -25.70
C ILE B 186 2.09 -21.87 -27.20
N GLU B 187 3.17 -21.68 -27.96
CA GLU B 187 3.13 -21.54 -29.41
C GLU B 187 2.45 -22.77 -30.01
N ASN B 188 2.81 -23.96 -29.57
CA ASN B 188 2.20 -25.17 -30.10
C ASN B 188 0.73 -25.22 -29.80
N GLY B 189 0.26 -24.83 -28.63
CA GLY B 189 -1.16 -24.90 -28.31
C GLY B 189 -1.91 -23.75 -28.94
N ILE B 190 -1.29 -22.72 -29.51
CA ILE B 190 -2.01 -21.63 -30.21
C ILE B 190 -2.40 -21.96 -31.68
N TYR B 191 -1.40 -22.44 -32.42
CA TYR B 191 -1.55 -22.64 -33.85
C TYR B 191 -1.95 -24.04 -34.25
N LYS B 192 -1.89 -25.03 -33.35
CA LYS B 192 -2.41 -26.34 -33.69
C LYS B 192 -3.78 -26.51 -33.06
N ASN B 193 -4.49 -27.51 -33.55
CA ASN B 193 -5.85 -27.79 -33.13
C ASN B 193 -5.92 -28.29 -31.71
N LEU B 194 -6.94 -27.84 -30.98
CA LEU B 194 -7.30 -28.31 -29.65
C LEU B 194 -8.08 -29.59 -29.90
N TYR B 195 -7.51 -30.76 -29.62
CA TYR B 195 -8.13 -32.06 -29.83
C TYR B 195 -8.58 -32.12 -31.28
N ASP B 196 -9.87 -32.22 -31.63
CA ASP B 196 -10.27 -32.32 -33.02
C ASP B 196 -11.06 -31.10 -33.49
N LEU B 197 -11.04 -30.00 -32.74
CA LEU B 197 -11.82 -28.84 -33.10
C LEU B 197 -11.08 -28.08 -34.21
N ALA B 198 -11.77 -27.71 -35.28
CA ALA B 198 -11.18 -26.98 -36.39
C ALA B 198 -10.73 -25.61 -35.89
N ASP B 199 -9.42 -25.39 -35.92
CA ASP B 199 -8.85 -24.19 -35.37
C ASP B 199 -8.99 -23.03 -36.32
N LEU B 200 -9.70 -21.94 -35.98
CA LEU B 200 -9.79 -20.80 -36.86
C LEU B 200 -8.45 -20.08 -37.00
N ASN B 201 -8.24 -19.49 -38.16
CA ASN B 201 -7.03 -18.77 -38.48
C ASN B 201 -7.35 -17.28 -38.44
N HIS B 202 -6.98 -16.60 -37.36
CA HIS B 202 -7.31 -15.18 -37.19
C HIS B 202 -6.45 -14.26 -38.08
N ASN B 203 -5.39 -14.82 -38.70
CA ASN B 203 -4.55 -14.06 -39.64
C ASN B 203 -5.26 -13.93 -40.97
N ASN B 204 -6.31 -14.71 -41.23
CA ASN B 204 -7.11 -14.56 -42.44
C ASN B 204 -8.05 -13.35 -42.25
N SER B 205 -8.01 -12.28 -43.05
CA SER B 205 -8.88 -11.13 -42.85
C SER B 205 -10.37 -11.40 -42.80
N SER B 206 -10.90 -12.34 -43.56
CA SER B 206 -12.30 -12.67 -43.52
C SER B 206 -12.67 -13.18 -42.12
N VAL B 207 -11.84 -14.05 -41.52
CA VAL B 207 -12.15 -14.59 -40.20
C VAL B 207 -12.03 -13.47 -39.18
N ASP B 208 -10.94 -12.70 -39.21
CA ASP B 208 -10.72 -11.59 -38.29
C ASP B 208 -11.92 -10.63 -38.30
N VAL B 209 -12.38 -10.11 -39.45
CA VAL B 209 -13.48 -9.14 -39.49
C VAL B 209 -14.83 -9.76 -39.15
N TYR B 210 -15.03 -11.02 -39.52
CA TYR B 210 -16.24 -11.76 -39.19
C TYR B 210 -16.47 -11.84 -37.68
N LEU B 211 -15.45 -12.29 -36.92
CA LEU B 211 -15.55 -12.47 -35.48
C LEU B 211 -15.66 -11.13 -34.78
N LYS B 212 -15.04 -10.06 -35.26
CA LYS B 212 -15.25 -8.73 -34.66
C LYS B 212 -16.62 -8.19 -35.01
N ASP B 213 -17.19 -8.45 -36.19
CA ASP B 213 -18.56 -8.05 -36.50
C ASP B 213 -19.50 -8.89 -35.69
N ALA B 214 -19.23 -10.19 -35.48
CA ALA B 214 -20.11 -11.07 -34.66
C ALA B 214 -20.22 -10.55 -33.24
N ILE B 215 -19.10 -10.27 -32.56
CA ILE B 215 -19.19 -9.80 -31.19
C ILE B 215 -19.93 -8.46 -31.14
N LYS B 216 -19.71 -7.51 -32.06
CA LYS B 216 -20.44 -6.25 -32.03
C LYS B 216 -21.93 -6.43 -32.10
N MET B 217 -22.40 -7.44 -32.83
CA MET B 217 -23.81 -7.76 -32.94
C MET B 217 -24.34 -8.16 -31.57
N TRP B 218 -23.67 -9.08 -30.86
CA TRP B 218 -24.12 -9.45 -29.54
C TRP B 218 -24.03 -8.26 -28.57
N LEU B 219 -23.08 -7.34 -28.70
CA LEU B 219 -23.04 -6.15 -27.86
C LEU B 219 -24.24 -5.28 -28.20
N ASP B 220 -24.65 -5.21 -29.45
CA ASP B 220 -25.83 -4.46 -29.82
C ASP B 220 -27.08 -5.09 -29.27
N LEU B 221 -27.11 -6.40 -29.08
CA LEU B 221 -28.28 -7.02 -28.47
C LEU B 221 -28.42 -6.79 -26.95
N GLY B 222 -27.50 -6.07 -26.30
CA GLY B 222 -27.62 -5.71 -24.91
C GLY B 222 -26.81 -6.54 -23.91
N VAL B 223 -25.90 -7.45 -24.29
CA VAL B 223 -25.20 -8.25 -23.30
C VAL B 223 -24.29 -7.34 -22.48
N ASP B 224 -24.11 -7.68 -21.18
CA ASP B 224 -23.32 -6.89 -20.25
C ASP B 224 -21.93 -7.43 -20.02
N GLY B 225 -21.57 -8.65 -20.45
CA GLY B 225 -20.23 -9.14 -20.21
C GLY B 225 -19.94 -10.31 -21.15
N ILE B 226 -18.66 -10.69 -21.30
CA ILE B 226 -18.22 -11.75 -22.22
C ILE B 226 -17.19 -12.62 -21.53
N ARG B 227 -17.39 -13.94 -21.51
CA ARG B 227 -16.37 -14.83 -21.01
C ARG B 227 -15.78 -15.48 -22.25
N VAL B 228 -14.51 -15.22 -22.53
CA VAL B 228 -13.83 -15.75 -23.70
C VAL B 228 -13.20 -17.10 -23.38
N ASP B 229 -13.58 -18.11 -24.14
CA ASP B 229 -13.04 -19.45 -24.02
C ASP B 229 -11.64 -19.53 -24.63
N ALA B 230 -10.81 -20.41 -24.04
CA ALA B 230 -9.47 -20.79 -24.50
C ALA B 230 -8.52 -19.67 -24.87
N VAL B 231 -8.33 -18.70 -23.97
CA VAL B 231 -7.48 -17.58 -24.29
C VAL B 231 -6.00 -17.93 -24.41
N LYS B 232 -5.61 -19.08 -23.89
CA LYS B 232 -4.23 -19.53 -23.96
C LYS B 232 -3.97 -20.08 -25.38
N HIS B 233 -5.03 -20.30 -26.17
CA HIS B 233 -4.92 -20.99 -27.46
C HIS B 233 -5.15 -20.11 -28.68
N MET B 234 -5.10 -18.79 -28.47
CA MET B 234 -5.23 -17.83 -29.56
C MET B 234 -4.08 -16.85 -29.38
N PRO B 235 -3.59 -16.20 -30.44
CA PRO B 235 -2.47 -15.28 -30.37
C PRO B 235 -2.80 -14.12 -29.44
N PHE B 236 -1.93 -13.75 -28.49
CA PHE B 236 -2.14 -12.59 -27.63
C PHE B 236 -2.39 -11.36 -28.49
N GLY B 237 -1.58 -11.05 -29.50
CA GLY B 237 -1.80 -9.87 -30.31
C GLY B 237 -3.16 -9.86 -30.97
N TRP B 238 -3.72 -10.99 -31.42
CA TRP B 238 -5.05 -10.98 -32.00
C TRP B 238 -6.06 -10.64 -30.92
N GLN B 239 -5.94 -11.27 -29.76
CA GLN B 239 -6.86 -11.03 -28.64
C GLN B 239 -6.81 -9.59 -28.16
N LYS B 240 -5.66 -8.98 -28.15
CA LYS B 240 -5.55 -7.58 -27.79
C LYS B 240 -6.29 -6.71 -28.83
N SER B 241 -6.27 -7.07 -30.13
CA SER B 241 -6.99 -6.26 -31.13
C SER B 241 -8.48 -6.52 -31.00
N PHE B 242 -8.86 -7.72 -30.60
CA PHE B 242 -10.25 -8.05 -30.38
C PHE B 242 -10.76 -7.28 -29.17
N MET B 243 -9.98 -7.19 -28.07
CA MET B 243 -10.42 -6.38 -26.94
C MET B 243 -10.47 -4.91 -27.31
N ALA B 244 -9.54 -4.39 -28.10
CA ALA B 244 -9.65 -2.99 -28.51
C ALA B 244 -10.90 -2.73 -29.34
N THR B 245 -11.33 -3.70 -30.15
CA THR B 245 -12.57 -3.61 -30.92
C THR B 245 -13.78 -3.48 -30.01
N ILE B 246 -13.86 -4.32 -28.98
CA ILE B 246 -14.92 -4.24 -27.99
C ILE B 246 -14.86 -2.90 -27.25
N ASN B 247 -13.69 -2.55 -26.71
CA ASN B 247 -13.57 -1.39 -25.88
C ASN B 247 -13.72 -0.08 -26.58
N ASN B 248 -13.36 -0.06 -27.84
CA ASN B 248 -13.51 1.16 -28.60
C ASN B 248 -14.90 1.31 -29.13
N TYR B 249 -15.77 0.29 -28.98
CA TYR B 249 -17.11 0.33 -29.52
C TYR B 249 -18.13 0.43 -28.40
N LYS B 250 -18.25 -0.62 -27.58
CA LYS B 250 -19.23 -0.68 -26.51
C LYS B 250 -18.55 -1.49 -25.42
N PRO B 251 -17.78 -0.85 -24.51
CA PRO B 251 -16.93 -1.55 -23.56
C PRO B 251 -17.80 -2.31 -22.57
N VAL B 252 -17.54 -3.60 -22.39
CA VAL B 252 -18.26 -4.41 -21.43
C VAL B 252 -17.19 -5.24 -20.75
N PHE B 253 -17.50 -5.70 -19.55
CA PHE B 253 -16.62 -6.52 -18.75
C PHE B 253 -16.28 -7.82 -19.48
N THR B 254 -15.01 -8.08 -19.78
CA THR B 254 -14.63 -9.30 -20.48
C THR B 254 -13.58 -10.01 -19.65
N PHE B 255 -13.67 -11.33 -19.52
CA PHE B 255 -12.67 -12.10 -18.82
C PHE B 255 -12.49 -13.41 -19.54
N GLY B 256 -11.32 -14.01 -19.44
CA GLY B 256 -11.08 -15.25 -20.14
C GLY B 256 -10.78 -16.42 -19.21
N GLU B 257 -10.67 -17.60 -19.80
CA GLU B 257 -10.30 -18.81 -19.09
C GLU B 257 -8.90 -19.30 -19.49
N TRP B 258 -7.99 -19.36 -18.54
CA TRP B 258 -6.62 -19.84 -18.68
C TRP B 258 -6.47 -20.72 -17.44
N PHE B 259 -6.59 -22.00 -17.69
CA PHE B 259 -6.53 -22.98 -16.62
C PHE B 259 -5.19 -22.99 -15.92
N LEU B 260 -5.23 -23.17 -14.59
CA LEU B 260 -4.03 -23.37 -13.80
C LEU B 260 -4.35 -24.51 -12.86
N GLY B 261 -3.38 -25.41 -12.77
CA GLY B 261 -3.47 -26.57 -11.91
C GLY B 261 -3.13 -26.19 -10.48
N VAL B 262 -3.14 -27.19 -9.63
CA VAL B 262 -2.83 -26.98 -8.23
C VAL B 262 -1.36 -26.56 -8.07
N ASN B 263 -1.14 -25.50 -7.30
CA ASN B 263 0.19 -24.95 -6.99
C ASN B 263 0.90 -24.39 -8.21
N GLU B 264 0.22 -24.18 -9.33
CA GLU B 264 0.84 -23.65 -10.53
C GLU B 264 0.74 -22.14 -10.51
N ILE B 265 1.86 -21.47 -10.71
CA ILE B 265 1.85 -20.03 -10.88
C ILE B 265 2.68 -19.86 -12.16
N SER B 266 2.02 -19.18 -13.08
CA SER B 266 2.50 -18.96 -14.42
C SER B 266 2.73 -17.47 -14.54
N PRO B 267 3.90 -17.05 -15.02
CA PRO B 267 4.17 -15.66 -15.37
C PRO B 267 3.37 -15.18 -16.57
N GLU B 268 3.12 -16.08 -17.53
CA GLU B 268 2.39 -15.74 -18.74
C GLU B 268 0.93 -15.47 -18.47
N TYR B 269 0.35 -16.28 -17.56
CA TYR B 269 -1.02 -16.09 -17.07
C TYR B 269 -1.19 -14.67 -16.52
N HIS B 270 -0.28 -14.24 -15.64
CA HIS B 270 -0.40 -12.91 -15.05
C HIS B 270 -0.15 -11.83 -16.06
N GLN B 271 0.77 -12.05 -17.00
CA GLN B 271 1.01 -11.09 -18.05
C GLN B 271 -0.24 -10.87 -18.88
N PHE B 272 -0.91 -11.96 -19.26
CA PHE B 272 -2.12 -11.88 -20.01
C PHE B 272 -3.16 -11.07 -19.25
N ALA B 273 -3.50 -11.34 -17.98
CA ALA B 273 -4.49 -10.55 -17.25
C ALA B 273 -4.09 -9.10 -17.11
N ASN B 274 -2.80 -8.82 -17.10
CA ASN B 274 -2.34 -7.46 -16.87
C ASN B 274 -2.24 -6.65 -18.14
N GLU B 275 -2.11 -7.36 -19.25
CA GLU B 275 -1.87 -6.67 -20.52
C GLU B 275 -2.83 -6.91 -21.67
N SER B 276 -3.69 -7.91 -21.65
CA SER B 276 -4.50 -8.17 -22.81
C SER B 276 -5.70 -7.27 -22.97
N GLY B 277 -6.14 -6.61 -21.90
CA GLY B 277 -7.35 -5.83 -21.99
C GLY B 277 -8.50 -6.59 -21.36
N MET B 278 -8.34 -7.85 -20.99
CA MET B 278 -9.41 -8.59 -20.35
C MET B 278 -8.86 -9.13 -19.04
N SER B 279 -9.74 -9.50 -18.12
CA SER B 279 -9.27 -10.07 -16.87
C SER B 279 -9.38 -11.59 -16.95
N LEU B 280 -9.19 -12.35 -15.88
CA LEU B 280 -9.26 -13.80 -15.95
C LEU B 280 -10.07 -14.45 -14.86
N LEU B 281 -10.52 -15.67 -15.18
CA LEU B 281 -11.03 -16.56 -14.17
C LEU B 281 -9.81 -16.82 -13.29
N ASP B 282 -9.99 -16.54 -12.02
CA ASP B 282 -8.91 -16.65 -11.06
C ASP B 282 -8.69 -18.06 -10.55
N TYR B 283 -7.96 -18.84 -11.36
CA TYR B 283 -7.65 -20.23 -10.98
C TYR B 283 -6.68 -20.30 -9.84
N ARG B 284 -5.83 -19.28 -9.68
CA ARG B 284 -4.91 -19.23 -8.58
C ARG B 284 -5.70 -19.23 -7.25
N PHE B 285 -6.70 -18.37 -7.13
CA PHE B 285 -7.60 -18.35 -6.00
C PHE B 285 -8.34 -19.66 -5.89
N ALA B 286 -9.03 -20.12 -6.94
CA ALA B 286 -9.83 -21.34 -6.83
C ALA B 286 -9.13 -22.59 -6.39
N GLN B 287 -7.93 -22.79 -6.90
CA GLN B 287 -7.18 -24.00 -6.62
C GLN B 287 -6.75 -23.96 -5.17
N LYS B 288 -6.23 -22.83 -4.67
CA LYS B 288 -5.85 -22.73 -3.26
C LYS B 288 -7.07 -22.86 -2.34
N ALA B 289 -8.20 -22.17 -2.60
CA ALA B 289 -9.41 -22.36 -1.80
C ALA B 289 -9.82 -23.83 -1.73
N ARG B 290 -9.76 -24.63 -2.79
CA ARG B 290 -10.12 -26.06 -2.72
C ARG B 290 -9.09 -26.83 -1.92
N GLN B 291 -7.82 -26.47 -2.00
CA GLN B 291 -6.80 -27.11 -1.17
C GLN B 291 -7.06 -26.92 0.32
N VAL B 292 -7.44 -25.70 0.69
CA VAL B 292 -7.64 -25.37 2.09
C VAL B 292 -8.99 -25.84 2.58
N PHE B 293 -10.08 -25.56 1.88
CA PHE B 293 -11.44 -25.89 2.33
C PHE B 293 -12.02 -27.21 1.90
N ARG B 294 -11.47 -27.87 0.89
CA ARG B 294 -12.07 -29.11 0.43
C ARG B 294 -11.18 -30.30 0.65
N ASP B 295 -9.93 -30.19 0.21
CA ASP B 295 -9.08 -31.35 0.12
C ASP B 295 -8.11 -31.53 1.25
N ASN B 296 -7.83 -30.43 1.96
CA ASN B 296 -6.90 -30.36 3.07
C ASN B 296 -5.50 -30.76 2.63
N THR B 297 -5.03 -30.13 1.56
CA THR B 297 -3.68 -30.34 1.10
C THR B 297 -2.92 -29.05 1.32
N ASP B 298 -3.46 -28.11 2.10
CA ASP B 298 -2.71 -26.94 2.48
C ASP B 298 -3.48 -26.35 3.66
N ASN B 299 -2.98 -25.31 4.31
CA ASN B 299 -3.64 -24.74 5.47
C ASN B 299 -3.79 -23.22 5.35
N MET B 300 -4.22 -22.52 6.40
CA MET B 300 -4.49 -21.09 6.27
C MET B 300 -3.32 -20.21 5.92
N TYR B 301 -2.10 -20.66 6.20
CA TYR B 301 -0.93 -19.86 5.81
C TYR B 301 -0.77 -19.91 4.30
N GLY B 302 -1.18 -21.01 3.64
CA GLY B 302 -1.19 -21.11 2.18
C GLY B 302 -2.22 -20.15 1.60
N LEU B 303 -3.40 -20.10 2.24
CA LEU B 303 -4.45 -19.20 1.83
C LEU B 303 -4.00 -17.76 1.95
N LYS B 304 -3.41 -17.38 3.09
CA LYS B 304 -2.88 -16.04 3.34
C LYS B 304 -1.87 -15.69 2.24
N ALA B 305 -0.97 -16.63 1.90
CA ALA B 305 0.07 -16.31 0.94
C ALA B 305 -0.51 -16.10 -0.45
N MET B 306 -1.57 -16.85 -0.80
CA MET B 306 -2.23 -16.66 -2.07
C MET B 306 -2.90 -15.29 -2.08
N LEU B 307 -3.64 -14.90 -1.06
CA LEU B 307 -4.30 -13.59 -1.07
C LEU B 307 -3.34 -12.42 -1.13
N GLU B 308 -2.25 -12.50 -0.38
CA GLU B 308 -1.28 -11.42 -0.36
C GLU B 308 -0.50 -11.35 -1.68
N GLY B 309 -0.12 -12.53 -2.19
CA GLY B 309 0.58 -12.70 -3.45
C GLY B 309 -0.25 -12.26 -4.65
N SER B 310 -1.50 -12.68 -4.78
CA SER B 310 -2.28 -12.27 -5.93
C SER B 310 -2.64 -10.81 -5.91
N GLU B 311 -2.65 -10.18 -4.74
CA GLU B 311 -2.94 -8.76 -4.69
C GLU B 311 -1.83 -7.96 -5.38
N VAL B 312 -0.61 -8.49 -5.41
CA VAL B 312 0.53 -7.82 -6.04
C VAL B 312 0.69 -8.22 -7.50
N ASP B 313 0.56 -9.53 -7.77
CA ASP B 313 0.68 -10.08 -9.11
C ASP B 313 -0.39 -9.71 -10.12
N TYR B 314 -1.65 -9.49 -9.73
CA TYR B 314 -2.65 -9.00 -10.65
C TYR B 314 -2.59 -7.48 -10.56
N ALA B 315 -2.41 -6.75 -11.64
CA ALA B 315 -2.38 -5.31 -11.54
C ALA B 315 -3.77 -4.82 -11.12
N GLN B 316 -4.86 -5.49 -11.52
CA GLN B 316 -6.21 -5.10 -11.13
C GLN B 316 -6.93 -6.30 -10.56
N VAL B 317 -6.67 -6.58 -9.27
CA VAL B 317 -7.25 -7.76 -8.63
C VAL B 317 -8.74 -7.64 -8.50
N ASN B 318 -9.34 -6.44 -8.50
CA ASN B 318 -10.78 -6.34 -8.36
C ASN B 318 -11.55 -6.79 -9.61
N ASP B 319 -10.84 -7.09 -10.70
CA ASP B 319 -11.51 -7.57 -11.91
C ASP B 319 -11.38 -9.07 -12.10
N GLN B 320 -10.73 -9.83 -11.23
CA GLN B 320 -10.58 -11.27 -11.44
C GLN B 320 -11.80 -11.96 -10.90
N VAL B 321 -12.20 -12.99 -11.64
CA VAL B 321 -13.42 -13.70 -11.33
C VAL B 321 -13.08 -14.92 -10.50
N THR B 322 -13.51 -14.92 -9.25
CA THR B 322 -13.18 -15.96 -8.30
C THR B 322 -14.25 -17.01 -8.31
N PHE B 323 -13.99 -18.22 -7.82
CA PHE B 323 -14.96 -19.30 -7.84
C PHE B 323 -14.33 -20.45 -7.06
N ILE B 324 -15.11 -21.47 -6.70
CA ILE B 324 -14.56 -22.64 -6.04
C ILE B 324 -14.78 -23.87 -6.89
N ASP B 325 -15.60 -23.83 -7.93
CA ASP B 325 -15.65 -24.92 -8.89
C ASP B 325 -16.35 -24.31 -10.09
N ASN B 326 -16.41 -25.07 -11.18
CA ASN B 326 -16.99 -24.62 -12.42
C ASN B 326 -17.04 -25.81 -13.38
N HIS B 327 -17.30 -25.52 -14.64
CA HIS B 327 -17.44 -26.50 -15.70
C HIS B 327 -16.24 -27.41 -15.99
N ASP B 328 -15.05 -26.94 -15.62
CA ASP B 328 -13.81 -27.65 -15.89
C ASP B 328 -13.19 -28.28 -14.67
N MET B 329 -13.97 -28.57 -13.64
CA MET B 329 -13.46 -29.00 -12.34
C MET B 329 -14.45 -29.95 -11.70
N GLU B 330 -14.03 -30.89 -10.87
CA GLU B 330 -14.98 -31.70 -10.12
C GLU B 330 -15.77 -30.78 -9.18
N ARG B 331 -17.04 -31.08 -8.95
CA ARG B 331 -17.88 -30.29 -8.04
C ARG B 331 -17.21 -30.23 -6.68
N PHE B 332 -17.31 -29.10 -5.96
CA PHE B 332 -16.68 -28.93 -4.68
C PHE B 332 -17.26 -29.93 -3.68
N HIS B 333 -18.56 -29.98 -3.54
CA HIS B 333 -19.16 -30.88 -2.60
C HIS B 333 -18.99 -32.32 -3.08
N THR B 334 -18.56 -33.25 -2.22
CA THR B 334 -18.50 -34.66 -2.58
C THR B 334 -19.69 -35.37 -1.98
N SER B 335 -20.11 -36.51 -2.52
CA SER B 335 -21.22 -37.25 -1.96
C SER B 335 -20.80 -37.79 -0.59
N ASN B 336 -21.62 -37.48 0.40
CA ASN B 336 -21.42 -37.81 1.81
C ASN B 336 -20.18 -37.15 2.41
N GLY B 337 -19.87 -36.00 1.81
CA GLY B 337 -18.88 -35.08 2.33
C GLY B 337 -19.62 -34.12 3.25
N ASP B 338 -18.87 -33.33 3.99
CA ASP B 338 -19.46 -32.40 4.93
C ASP B 338 -19.93 -31.12 4.22
N ARG B 339 -21.22 -30.87 4.28
CA ARG B 339 -21.80 -29.68 3.70
C ARG B 339 -21.25 -28.38 4.20
N ARG B 340 -20.77 -28.34 5.43
CA ARG B 340 -20.25 -27.11 5.97
C ARG B 340 -18.98 -26.69 5.23
N LYS B 341 -18.24 -27.58 4.59
CA LYS B 341 -17.03 -27.16 3.86
C LYS B 341 -17.43 -26.25 2.72
N LEU B 342 -18.48 -26.68 2.02
CA LEU B 342 -18.99 -25.91 0.90
C LEU B 342 -19.55 -24.56 1.32
N GLU B 343 -20.27 -24.54 2.44
CA GLU B 343 -20.90 -23.31 2.90
C GLU B 343 -19.82 -22.32 3.34
N GLN B 344 -18.76 -22.78 4.01
CA GLN B 344 -17.67 -21.89 4.36
C GLN B 344 -16.96 -21.35 3.13
N ALA B 345 -16.69 -22.23 2.13
CA ALA B 345 -15.95 -21.80 0.96
C ALA B 345 -16.80 -20.81 0.18
N LEU B 346 -18.14 -20.97 0.11
CA LEU B 346 -18.98 -19.97 -0.55
C LEU B 346 -18.90 -18.67 0.22
N ALA B 347 -18.96 -18.70 1.56
CA ALA B 347 -18.84 -17.47 2.35
C ALA B 347 -17.52 -16.74 2.11
N PHE B 348 -16.45 -17.56 2.02
CA PHE B 348 -15.11 -17.10 1.73
C PHE B 348 -15.10 -16.35 0.42
N THR B 349 -15.56 -16.99 -0.65
CA THR B 349 -15.56 -16.39 -1.98
C THR B 349 -16.42 -15.12 -2.05
N LEU B 350 -17.62 -15.18 -1.45
CA LEU B 350 -18.53 -14.04 -1.46
C LEU B 350 -17.99 -12.81 -0.74
N THR B 351 -17.15 -12.99 0.27
CA THR B 351 -16.61 -11.82 0.95
C THR B 351 -15.20 -11.50 0.49
N SER B 352 -14.62 -12.20 -0.50
CA SER B 352 -13.25 -11.92 -0.92
C SER B 352 -13.20 -10.97 -2.10
N ARG B 353 -12.04 -10.40 -2.42
CA ARG B 353 -11.88 -9.42 -3.51
C ARG B 353 -12.17 -10.01 -4.90
N GLY B 354 -12.48 -9.20 -5.92
CA GLY B 354 -12.71 -9.73 -7.25
C GLY B 354 -14.18 -9.78 -7.56
N VAL B 355 -14.58 -10.74 -8.39
CA VAL B 355 -15.93 -10.82 -8.87
C VAL B 355 -16.32 -12.25 -8.61
N PRO B 356 -17.18 -12.60 -7.66
CA PRO B 356 -17.45 -14.01 -7.35
C PRO B 356 -18.44 -14.66 -8.30
N ALA B 357 -18.14 -15.86 -8.77
CA ALA B 357 -19.02 -16.64 -9.62
C ALA B 357 -19.39 -17.91 -8.86
N ILE B 358 -20.68 -18.23 -8.84
CA ILE B 358 -21.18 -19.47 -8.24
C ILE B 358 -21.67 -20.38 -9.36
N TYR B 359 -21.17 -21.60 -9.43
CA TYR B 359 -21.58 -22.53 -10.47
C TYR B 359 -22.98 -23.03 -10.16
N TYR B 360 -23.91 -23.10 -11.10
CA TYR B 360 -25.31 -23.44 -10.82
C TYR B 360 -25.41 -24.75 -10.02
N GLY B 361 -26.38 -24.83 -9.11
CA GLY B 361 -26.50 -26.08 -8.40
C GLY B 361 -25.62 -26.15 -7.17
N SER B 362 -24.67 -25.23 -6.97
CA SER B 362 -23.89 -25.20 -5.73
C SER B 362 -24.79 -25.16 -4.49
N GLU B 363 -25.76 -24.25 -4.49
CA GLU B 363 -26.76 -24.09 -3.43
C GLU B 363 -27.63 -25.30 -3.25
N GLN B 364 -27.62 -26.30 -4.15
CA GLN B 364 -28.38 -27.53 -3.97
C GLN B 364 -27.44 -28.71 -3.66
N TYR B 365 -26.18 -28.43 -3.32
CA TYR B 365 -25.15 -29.41 -2.96
C TYR B 365 -24.98 -30.52 -4.00
N MET B 366 -24.88 -30.09 -5.27
CA MET B 366 -24.65 -31.03 -6.36
C MET B 366 -23.23 -31.59 -6.29
N SER B 367 -23.03 -32.85 -6.64
CA SER B 367 -21.72 -33.39 -6.61
C SER B 367 -21.47 -34.12 -7.94
N GLY B 368 -20.22 -34.34 -8.31
CA GLY B 368 -19.91 -35.02 -9.54
C GLY B 368 -18.44 -34.77 -9.85
N GLY B 369 -17.90 -35.69 -10.63
CA GLY B 369 -16.53 -35.59 -11.02
C GLY B 369 -16.37 -34.69 -12.24
N ASN B 370 -15.37 -34.98 -13.05
CA ASN B 370 -15.10 -34.14 -14.19
C ASN B 370 -16.09 -34.39 -15.32
N ASP B 371 -16.12 -33.43 -16.25
CA ASP B 371 -16.89 -33.42 -17.47
C ASP B 371 -17.25 -34.79 -18.05
N PRO B 372 -18.50 -35.20 -18.29
CA PRO B 372 -19.71 -34.41 -18.09
C PRO B 372 -20.37 -34.50 -16.73
N ASP B 373 -19.79 -35.20 -15.75
CA ASP B 373 -20.43 -35.44 -14.46
C ASP B 373 -20.63 -34.25 -13.57
N ASN B 374 -19.94 -33.16 -13.89
CA ASN B 374 -20.10 -31.90 -13.20
C ASN B 374 -21.17 -31.04 -13.88
N ARG B 375 -21.89 -31.57 -14.88
CA ARG B 375 -22.92 -30.80 -15.58
C ARG B 375 -24.28 -31.48 -15.55
N ALA B 376 -24.69 -32.08 -14.43
CA ALA B 376 -26.00 -32.72 -14.35
C ALA B 376 -27.10 -31.68 -14.29
N ARG B 377 -28.34 -32.10 -14.44
CA ARG B 377 -29.46 -31.16 -14.42
C ARG B 377 -29.59 -30.72 -12.96
N LEU B 378 -29.88 -29.43 -12.70
CA LEU B 378 -30.06 -28.93 -11.35
C LEU B 378 -31.20 -29.77 -10.76
N PRO B 379 -31.07 -30.48 -9.61
CA PRO B 379 -32.09 -31.40 -9.11
C PRO B 379 -33.24 -30.82 -8.28
N SER B 380 -33.21 -29.54 -7.89
CA SER B 380 -34.23 -29.00 -7.00
C SER B 380 -34.12 -27.50 -7.15
N PHE B 381 -35.24 -26.84 -6.86
CA PHE B 381 -35.23 -25.41 -6.84
C PHE B 381 -35.67 -24.97 -5.46
N SER B 382 -35.27 -25.73 -4.42
CA SER B 382 -35.55 -25.35 -3.06
C SER B 382 -34.88 -24.05 -2.67
N THR B 383 -35.58 -23.16 -1.97
CA THR B 383 -34.97 -21.94 -1.52
C THR B 383 -34.62 -21.97 -0.04
N THR B 384 -34.70 -23.14 0.60
CA THR B 384 -34.41 -23.19 2.02
C THR B 384 -33.14 -23.95 2.40
N THR B 385 -32.24 -24.24 1.45
CA THR B 385 -31.01 -24.92 1.83
C THR B 385 -30.15 -23.89 2.56
N THR B 386 -29.25 -24.36 3.40
CA THR B 386 -28.38 -23.45 4.12
C THR B 386 -27.46 -22.75 3.13
N ALA B 387 -27.01 -23.47 2.08
CA ALA B 387 -26.17 -22.84 1.09
C ALA B 387 -26.97 -21.73 0.40
N TYR B 388 -28.26 -21.89 0.06
CA TYR B 388 -29.04 -20.80 -0.55
C TYR B 388 -29.06 -19.58 0.37
N GLN B 389 -29.20 -19.83 1.67
CA GLN B 389 -29.28 -18.76 2.67
C GLN B 389 -27.99 -18.01 2.87
N VAL B 390 -26.88 -18.73 2.77
CA VAL B 390 -25.58 -18.09 2.87
C VAL B 390 -25.44 -17.10 1.73
N ILE B 391 -25.76 -17.53 0.50
CA ILE B 391 -25.62 -16.67 -0.67
C ILE B 391 -26.55 -15.47 -0.48
N GLN B 392 -27.79 -15.71 -0.07
CA GLN B 392 -28.77 -14.65 0.12
C GLN B 392 -28.35 -13.61 1.14
N LYS B 393 -27.66 -13.98 2.22
CA LYS B 393 -27.25 -12.98 3.22
C LYS B 393 -25.99 -12.22 2.85
N LEU B 394 -25.08 -12.89 2.12
CA LEU B 394 -23.79 -12.28 1.80
C LEU B 394 -23.71 -11.60 0.46
N ALA B 395 -24.38 -12.09 -0.59
CA ALA B 395 -24.34 -11.46 -1.90
C ALA B 395 -24.75 -10.00 -1.87
N PRO B 396 -25.79 -9.50 -1.21
CA PRO B 396 -26.15 -8.09 -1.20
C PRO B 396 -25.08 -7.22 -0.57
N LEU B 397 -24.18 -7.80 0.23
CA LEU B 397 -23.15 -7.01 0.87
C LEU B 397 -22.19 -6.43 -0.12
N ARG B 398 -22.12 -6.99 -1.33
CA ARG B 398 -21.18 -6.47 -2.33
C ARG B 398 -21.77 -5.21 -2.94
N LYS B 399 -23.08 -5.04 -2.84
CA LYS B 399 -23.70 -3.82 -3.31
C LYS B 399 -23.71 -2.79 -2.19
N SER B 400 -23.93 -3.19 -0.94
CA SER B 400 -24.04 -2.22 0.15
C SER B 400 -22.72 -1.83 0.81
N ASN B 401 -21.76 -2.75 0.89
CA ASN B 401 -20.53 -2.45 1.55
C ASN B 401 -19.36 -2.33 0.59
N PRO B 402 -18.88 -1.12 0.29
CA PRO B 402 -17.73 -0.92 -0.58
C PRO B 402 -16.46 -1.62 -0.14
N ALA B 403 -16.28 -1.93 1.15
CA ALA B 403 -15.11 -2.67 1.59
C ALA B 403 -15.11 -4.07 0.98
N ILE B 404 -16.26 -4.71 0.85
CA ILE B 404 -16.31 -6.03 0.22
C ILE B 404 -16.20 -5.91 -1.29
N ALA B 405 -16.86 -4.90 -1.87
CA ALA B 405 -16.75 -4.76 -3.30
C ALA B 405 -15.35 -4.36 -3.77
N TYR B 406 -14.65 -3.48 -3.05
CA TYR B 406 -13.42 -2.87 -3.52
C TYR B 406 -12.23 -2.92 -2.59
N GLY B 407 -12.42 -3.39 -1.37
CA GLY B 407 -11.40 -3.22 -0.38
C GLY B 407 -10.15 -4.06 -0.49
N SER B 408 -9.15 -3.53 0.21
CA SER B 408 -7.88 -4.22 0.42
C SER B 408 -8.16 -5.46 1.25
N THR B 409 -7.29 -6.45 1.30
CA THR B 409 -7.50 -7.63 2.13
C THR B 409 -6.33 -7.65 3.13
N HIS B 410 -6.65 -7.78 4.41
CA HIS B 410 -5.65 -7.71 5.46
C HIS B 410 -5.83 -8.85 6.44
N GLU B 411 -4.89 -9.79 6.59
CA GLU B 411 -4.99 -10.85 7.59
C GLU B 411 -4.76 -10.19 8.97
N ARG B 412 -5.66 -10.43 9.93
CA ARG B 412 -5.56 -9.86 11.26
C ARG B 412 -5.36 -10.97 12.28
N TRP B 413 -5.70 -12.24 12.04
CA TRP B 413 -5.45 -13.27 13.02
C TRP B 413 -5.32 -14.56 12.26
N ILE B 414 -4.40 -15.45 12.65
CA ILE B 414 -4.22 -16.68 11.91
C ILE B 414 -3.53 -17.76 12.73
N ASN B 415 -3.85 -19.00 12.41
CA ASN B 415 -3.13 -20.17 12.88
C ASN B 415 -3.47 -21.20 11.79
N ASN B 416 -3.12 -22.49 11.81
CA ASN B 416 -3.39 -23.25 10.60
C ASN B 416 -4.82 -23.64 10.28
N ASP B 417 -5.79 -23.55 11.19
CA ASP B 417 -7.16 -23.78 10.79
C ASP B 417 -8.07 -22.57 10.82
N VAL B 418 -7.61 -21.39 11.21
CA VAL B 418 -8.50 -20.25 11.39
C VAL B 418 -7.92 -19.10 10.59
N ILE B 419 -8.73 -18.30 9.91
CA ILE B 419 -8.23 -17.05 9.34
C ILE B 419 -9.29 -16.00 9.64
N ILE B 420 -8.80 -14.84 10.06
CA ILE B 420 -9.69 -13.73 10.23
C ILE B 420 -9.10 -12.61 9.41
N TYR B 421 -9.81 -12.19 8.38
CA TYR B 421 -9.31 -11.12 7.53
C TYR B 421 -10.25 -9.96 7.54
N GLU B 422 -9.68 -8.87 7.14
CA GLU B 422 -10.41 -7.64 7.11
C GLU B 422 -10.36 -7.09 5.68
N ARG B 423 -11.47 -6.54 5.22
CA ARG B 423 -11.61 -5.88 3.93
C ARG B 423 -11.81 -4.43 4.33
N LYS B 424 -11.12 -3.50 3.70
CA LYS B 424 -11.23 -2.12 4.07
C LYS B 424 -11.22 -1.21 2.86
N PHE B 425 -12.14 -0.23 2.82
CA PHE B 425 -12.20 0.71 1.72
C PHE B 425 -12.61 2.01 2.38
N GLY B 426 -11.69 2.95 2.52
CA GLY B 426 -11.92 4.21 3.23
C GLY B 426 -12.23 3.85 4.67
N ASN B 427 -13.38 4.22 5.22
CA ASN B 427 -13.69 3.81 6.57
C ASN B 427 -14.71 2.70 6.66
N ASN B 428 -14.95 2.05 5.54
CA ASN B 428 -15.93 0.98 5.49
C ASN B 428 -15.11 -0.25 5.77
N VAL B 429 -15.62 -1.20 6.54
CA VAL B 429 -14.83 -2.33 7.00
C VAL B 429 -15.74 -3.53 6.96
N ALA B 430 -15.19 -4.71 6.69
CA ALA B 430 -15.88 -5.96 6.88
C ALA B 430 -14.83 -6.91 7.48
N VAL B 431 -15.16 -7.83 8.38
CA VAL B 431 -14.19 -8.69 9.06
C VAL B 431 -14.82 -10.04 8.94
N VAL B 432 -14.07 -11.04 8.53
CA VAL B 432 -14.61 -12.38 8.32
C VAL B 432 -13.75 -13.34 9.12
N ALA B 433 -14.34 -14.21 9.92
CA ALA B 433 -13.60 -15.18 10.68
C ALA B 433 -14.01 -16.56 10.23
N ILE B 434 -13.08 -17.47 9.91
CA ILE B 434 -13.46 -18.78 9.41
C ILE B 434 -12.62 -19.78 10.18
N ASN B 435 -13.25 -20.78 10.76
CA ASN B 435 -12.55 -21.84 11.44
C ASN B 435 -12.84 -23.04 10.58
N ARG B 436 -11.89 -23.58 9.85
CA ARG B 436 -12.18 -24.76 9.05
C ARG B 436 -12.14 -26.04 9.85
N ASN B 437 -11.70 -26.01 11.12
CA ASN B 437 -11.66 -27.27 11.83
C ASN B 437 -13.08 -27.53 12.28
N MET B 438 -13.59 -28.68 11.84
CA MET B 438 -14.96 -29.07 12.10
C MET B 438 -15.19 -29.72 13.48
N ASN B 439 -14.18 -29.93 14.32
CA ASN B 439 -14.48 -30.39 15.68
C ASN B 439 -13.73 -29.67 16.78
N THR B 440 -12.81 -28.76 16.47
CA THR B 440 -12.08 -28.05 17.50
C THR B 440 -12.53 -26.61 17.45
N PRO B 441 -13.07 -26.05 18.53
CA PRO B 441 -13.28 -24.61 18.64
C PRO B 441 -11.94 -23.91 18.74
N ALA B 442 -11.92 -22.60 18.52
CA ALA B 442 -10.70 -21.84 18.60
C ALA B 442 -10.89 -20.64 19.52
N SER B 443 -9.93 -20.33 20.37
CA SER B 443 -10.01 -19.19 21.26
C SER B 443 -9.27 -18.04 20.62
N ILE B 444 -10.02 -17.00 20.30
CA ILE B 444 -9.44 -15.87 19.62
C ILE B 444 -9.21 -14.81 20.67
N THR B 445 -7.91 -14.73 20.81
CA THR B 445 -7.22 -13.85 21.73
C THR B 445 -6.41 -12.83 20.94
N GLY B 446 -6.56 -11.53 21.16
CA GLY B 446 -5.65 -10.57 20.55
C GLY B 446 -6.07 -10.06 19.18
N LEU B 447 -7.34 -10.24 18.79
CA LEU B 447 -7.79 -9.76 17.49
C LEU B 447 -7.93 -8.25 17.57
N VAL B 448 -7.27 -7.50 16.67
CA VAL B 448 -7.39 -6.07 16.55
C VAL B 448 -8.04 -5.86 15.19
N THR B 449 -8.97 -4.92 15.02
CA THR B 449 -9.62 -4.66 13.74
C THR B 449 -9.78 -3.16 13.54
N SER B 450 -10.31 -2.70 12.40
CA SER B 450 -10.60 -1.29 12.21
C SER B 450 -12.05 -1.00 12.54
N LEU B 451 -12.81 -1.91 13.19
CA LEU B 451 -14.18 -1.62 13.53
C LEU B 451 -14.20 -0.56 14.64
N PRO B 452 -15.11 0.43 14.61
CA PRO B 452 -15.43 1.29 15.72
C PRO B 452 -15.81 0.49 16.96
N ARG B 453 -15.60 1.05 18.13
CA ARG B 453 -15.96 0.39 19.37
C ARG B 453 -17.48 0.12 19.40
N GLY B 454 -17.94 -1.08 19.72
CA GLY B 454 -19.34 -1.37 19.76
C GLY B 454 -19.56 -2.86 19.66
N SER B 455 -20.78 -3.34 19.47
CA SER B 455 -21.08 -4.74 19.29
C SER B 455 -21.60 -4.97 17.89
N TYR B 456 -21.22 -6.08 17.28
CA TYR B 456 -21.50 -6.34 15.87
C TYR B 456 -22.20 -7.67 15.76
N ASN B 457 -23.40 -7.66 15.20
CA ASN B 457 -24.09 -8.93 14.93
C ASN B 457 -23.39 -9.64 13.80
N ASP B 458 -23.32 -10.95 13.90
CA ASP B 458 -22.89 -11.73 12.76
C ASP B 458 -23.91 -11.52 11.64
N VAL B 459 -23.50 -11.04 10.47
CA VAL B 459 -24.39 -10.80 9.35
C VAL B 459 -25.03 -12.11 8.87
N LEU B 460 -24.38 -13.27 9.03
CA LEU B 460 -25.02 -14.52 8.67
C LEU B 460 -26.05 -14.94 9.73
N GLY B 461 -26.26 -14.16 10.81
CA GLY B 461 -27.28 -14.45 11.81
C GLY B 461 -27.07 -15.77 12.52
N GLY B 462 -25.82 -16.24 12.59
CA GLY B 462 -25.50 -17.43 13.34
C GLY B 462 -25.73 -18.70 12.57
N ILE B 463 -26.16 -18.70 11.29
CA ILE B 463 -26.45 -19.97 10.62
C ILE B 463 -25.22 -20.83 10.37
N LEU B 464 -24.03 -20.21 10.31
CA LEU B 464 -22.83 -21.02 10.20
C LEU B 464 -22.03 -20.93 11.51
N ASN B 465 -22.79 -20.89 12.61
CA ASN B 465 -22.35 -20.92 13.99
C ASN B 465 -21.48 -19.74 14.39
N GLY B 466 -21.75 -18.58 13.79
CA GLY B 466 -21.01 -17.38 14.05
C GLY B 466 -21.59 -16.70 15.27
N ASN B 467 -20.94 -15.65 15.74
CA ASN B 467 -21.28 -15.04 17.01
C ASN B 467 -21.14 -13.51 16.91
N THR B 468 -21.60 -12.81 17.95
CA THR B 468 -21.51 -11.36 18.07
C THR B 468 -20.09 -10.95 18.43
N LEU B 469 -19.58 -9.85 17.90
CA LEU B 469 -18.24 -9.42 18.22
C LEU B 469 -18.38 -8.17 19.06
N THR B 470 -17.60 -8.01 20.13
CA THR B 470 -17.63 -6.78 20.91
C THR B 470 -16.27 -6.14 20.69
N VAL B 471 -16.25 -4.91 20.23
CA VAL B 471 -15.01 -4.27 19.91
C VAL B 471 -14.93 -3.13 20.92
N GLY B 472 -13.80 -3.11 21.60
CA GLY B 472 -13.48 -2.11 22.57
C GLY B 472 -12.64 -1.02 21.90
N ALA B 473 -11.97 -0.27 22.76
CA ALA B 473 -11.15 0.84 22.34
C ALA B 473 -10.00 0.37 21.48
N GLY B 474 -9.66 1.21 20.47
CA GLY B 474 -8.60 0.91 19.51
C GLY B 474 -8.88 -0.30 18.61
N GLY B 475 -10.14 -0.70 18.41
CA GLY B 475 -10.47 -1.82 17.54
C GLY B 475 -10.11 -3.17 18.15
N ALA B 476 -9.78 -3.23 19.45
CA ALA B 476 -9.40 -4.47 20.07
C ALA B 476 -10.67 -5.24 20.38
N ALA B 477 -10.83 -6.48 19.91
CA ALA B 477 -12.04 -7.24 20.19
C ALA B 477 -11.97 -8.02 21.51
N SER B 478 -13.06 -8.19 22.24
CA SER B 478 -13.11 -9.04 23.42
C SER B 478 -12.81 -10.47 23.00
N ASN B 479 -12.29 -11.23 23.95
CA ASN B 479 -11.92 -12.61 23.76
C ASN B 479 -13.15 -13.41 23.41
N PHE B 480 -13.08 -14.33 22.44
CA PHE B 480 -14.25 -15.11 22.07
C PHE B 480 -13.83 -16.44 21.53
N THR B 481 -14.76 -17.35 21.47
CA THR B 481 -14.49 -18.67 20.94
C THR B 481 -15.25 -18.77 19.61
N LEU B 482 -14.51 -19.21 18.62
CA LEU B 482 -15.06 -19.41 17.30
C LEU B 482 -15.32 -20.90 17.27
N ALA B 483 -16.60 -21.21 17.16
CA ALA B 483 -17.05 -22.58 17.14
C ALA B 483 -16.37 -23.47 16.10
N PRO B 484 -16.34 -24.80 16.21
CA PRO B 484 -15.93 -25.71 15.15
C PRO B 484 -16.71 -25.43 13.87
N GLY B 485 -16.02 -25.21 12.75
CA GLY B 485 -16.69 -24.89 11.49
C GLY B 485 -17.37 -23.52 11.51
N GLY B 486 -17.05 -22.65 12.45
CA GLY B 486 -17.71 -21.37 12.59
C GLY B 486 -17.28 -20.37 11.54
N THR B 487 -18.23 -19.63 10.97
CA THR B 487 -17.91 -18.57 10.05
C THR B 487 -18.76 -17.39 10.51
N ALA B 488 -18.14 -16.23 10.68
CA ALA B 488 -18.89 -15.05 11.06
C ALA B 488 -18.41 -13.87 10.22
N VAL B 489 -19.27 -12.87 10.01
CA VAL B 489 -18.95 -11.76 9.13
C VAL B 489 -19.49 -10.58 9.93
N TRP B 490 -18.69 -9.56 10.19
CA TRP B 490 -19.08 -8.38 10.95
C TRP B 490 -18.74 -7.18 10.08
N GLN B 491 -19.50 -6.11 10.02
CA GLN B 491 -19.17 -4.99 9.16
C GLN B 491 -19.51 -3.64 9.73
N TYR B 492 -18.95 -2.59 9.14
CA TYR B 492 -19.26 -1.24 9.53
C TYR B 492 -19.19 -0.43 8.26
N THR B 493 -20.21 0.35 7.90
CA THR B 493 -20.12 1.24 6.76
C THR B 493 -20.29 2.66 7.26
N THR B 494 -19.69 3.62 6.59
CA THR B 494 -19.96 5.02 6.86
C THR B 494 -19.56 5.72 5.57
N ASP B 495 -20.15 6.89 5.30
CA ASP B 495 -19.89 7.58 4.03
C ASP B 495 -18.50 8.17 3.99
N ALA B 496 -17.89 8.16 2.81
CA ALA B 496 -16.57 8.69 2.63
C ALA B 496 -16.71 10.11 2.14
N THR B 497 -15.89 10.97 2.70
CA THR B 497 -15.84 12.37 2.30
C THR B 497 -14.72 12.72 1.34
N THR B 498 -13.77 11.82 1.12
CA THR B 498 -12.66 12.08 0.22
C THR B 498 -12.69 11.01 -0.86
N PRO B 499 -12.30 11.33 -2.10
CA PRO B 499 -12.44 10.40 -3.21
C PRO B 499 -11.58 9.17 -3.09
N ILE B 500 -12.14 8.01 -3.38
CA ILE B 500 -11.39 6.76 -3.41
C ILE B 500 -11.89 5.97 -4.61
N ILE B 501 -10.97 5.58 -5.48
CA ILE B 501 -11.28 4.83 -6.70
C ILE B 501 -11.15 3.37 -6.32
N GLY B 502 -12.18 2.62 -6.68
CA GLY B 502 -12.25 1.20 -6.41
C GLY B 502 -12.07 0.35 -7.67
N ASN B 503 -12.48 0.83 -8.84
CA ASN B 503 -12.34 0.03 -10.05
C ASN B 503 -12.45 0.96 -11.25
N VAL B 504 -11.82 0.64 -12.38
CA VAL B 504 -11.93 1.44 -13.60
C VAL B 504 -12.16 0.41 -14.69
N GLY B 505 -13.10 0.70 -15.57
CA GLY B 505 -13.44 -0.18 -16.69
C GLY B 505 -13.83 0.64 -17.91
N PRO B 506 -13.42 0.35 -19.14
CA PRO B 506 -12.33 -0.58 -19.48
C PRO B 506 -10.97 -0.04 -19.10
N MET B 507 -9.94 -0.89 -19.19
CA MET B 507 -8.59 -0.48 -18.90
C MET B 507 -7.72 -0.25 -20.13
N MET B 508 -8.25 -0.34 -21.36
CA MET B 508 -7.45 -0.20 -22.60
C MET B 508 -8.37 0.36 -23.65
N ALA B 509 -8.11 1.55 -24.19
CA ALA B 509 -8.98 2.18 -25.17
C ALA B 509 -8.33 3.39 -25.83
N LYS B 510 -8.85 3.81 -26.98
CA LYS B 510 -8.28 4.96 -27.69
C LYS B 510 -8.93 6.27 -27.18
N PRO B 511 -8.29 7.42 -27.43
CA PRO B 511 -8.84 8.74 -27.09
C PRO B 511 -10.28 8.92 -27.49
N GLY B 512 -11.12 9.55 -26.67
CA GLY B 512 -12.49 9.78 -27.02
C GLY B 512 -13.40 8.72 -26.43
N VAL B 513 -12.95 7.54 -26.04
CA VAL B 513 -13.85 6.57 -25.44
C VAL B 513 -14.18 6.98 -24.01
N THR B 514 -15.40 6.68 -23.57
CA THR B 514 -15.86 6.97 -22.22
C THR B 514 -15.51 5.82 -21.29
N ILE B 515 -14.75 6.07 -20.23
CA ILE B 515 -14.52 5.02 -19.26
C ILE B 515 -15.34 5.33 -18.02
N THR B 516 -15.55 4.26 -17.27
CA THR B 516 -16.30 4.25 -16.02
C THR B 516 -15.34 4.05 -14.82
N ILE B 517 -15.31 5.05 -13.93
CA ILE B 517 -14.50 5.10 -12.71
C ILE B 517 -15.50 4.92 -11.57
N ASP B 518 -15.34 3.88 -10.76
CA ASP B 518 -16.26 3.59 -9.66
C ASP B 518 -15.58 3.71 -8.30
N GLY B 519 -16.30 4.08 -7.26
CA GLY B 519 -15.69 4.17 -5.95
C GLY B 519 -16.58 4.90 -4.99
N ARG B 520 -16.01 5.74 -4.13
CA ARG B 520 -16.79 6.47 -3.12
C ARG B 520 -16.15 7.83 -2.87
N GLY B 521 -16.98 8.77 -2.46
CA GLY B 521 -16.50 10.06 -2.04
C GLY B 521 -16.19 11.00 -3.18
N PHE B 522 -16.68 10.76 -4.40
CA PHE B 522 -16.38 11.68 -5.51
C PHE B 522 -17.15 12.98 -5.37
N GLY B 523 -18.28 12.97 -4.68
CA GLY B 523 -19.10 14.16 -4.50
C GLY B 523 -20.09 14.28 -5.64
N SER B 524 -21.00 15.23 -5.51
CA SER B 524 -21.97 15.38 -6.57
C SER B 524 -21.66 16.45 -7.59
N GLY B 525 -20.73 17.37 -7.32
CA GLY B 525 -20.39 18.39 -8.32
C GLY B 525 -19.20 17.89 -9.12
N LYS B 526 -19.09 18.15 -10.43
CA LYS B 526 -17.92 17.74 -11.20
C LYS B 526 -16.63 18.31 -10.65
N GLY B 527 -15.67 17.42 -10.53
CA GLY B 527 -14.32 17.76 -10.14
C GLY B 527 -13.42 17.56 -11.34
N THR B 528 -12.32 16.84 -11.20
CA THR B 528 -11.33 16.70 -12.24
C THR B 528 -10.84 15.26 -12.27
N VAL B 529 -10.54 14.76 -13.46
CA VAL B 529 -9.96 13.42 -13.60
C VAL B 529 -8.62 13.71 -14.23
N TYR B 530 -7.56 13.06 -13.81
CA TYR B 530 -6.26 13.28 -14.39
C TYR B 530 -5.85 12.00 -15.05
N PHE B 531 -5.35 12.10 -16.28
CA PHE B 531 -4.73 10.99 -16.99
C PHE B 531 -3.29 11.48 -17.00
N GLY B 532 -2.45 10.88 -16.16
CA GLY B 532 -1.10 11.41 -15.99
C GLY B 532 -1.24 12.84 -15.43
N THR B 533 -0.63 13.86 -16.02
CA THR B 533 -0.78 15.22 -15.53
C THR B 533 -1.85 15.98 -16.29
N THR B 534 -2.55 15.30 -17.20
CA THR B 534 -3.57 15.93 -18.03
C THR B 534 -4.90 15.87 -17.31
N ALA B 535 -5.40 17.06 -17.03
CA ALA B 535 -6.66 17.20 -16.34
C ALA B 535 -7.79 17.21 -17.33
N VAL B 536 -8.89 16.54 -17.03
CA VAL B 536 -10.07 16.49 -17.88
C VAL B 536 -11.16 17.06 -17.00
N THR B 537 -11.87 18.06 -17.52
CA THR B 537 -12.94 18.73 -16.79
C THR B 537 -14.14 19.03 -17.68
N GLY B 538 -15.21 19.58 -17.10
CA GLY B 538 -16.37 20.08 -17.84
C GLY B 538 -17.07 19.07 -18.73
N ALA B 539 -17.24 19.43 -19.99
CA ALA B 539 -18.01 18.62 -20.94
C ALA B 539 -17.46 17.23 -21.24
N ASP B 540 -16.17 17.03 -21.02
CA ASP B 540 -15.57 15.74 -21.26
C ASP B 540 -15.86 14.73 -20.16
N ILE B 541 -16.38 15.20 -19.03
CA ILE B 541 -16.82 14.31 -17.98
C ILE B 541 -18.30 14.23 -18.33
N VAL B 542 -18.61 13.03 -18.80
CA VAL B 542 -19.93 12.68 -19.27
C VAL B 542 -20.88 12.59 -18.09
N ALA B 543 -20.52 12.05 -16.93
CA ALA B 543 -21.45 11.94 -15.81
C ALA B 543 -20.63 11.95 -14.53
N TRP B 544 -21.14 12.53 -13.44
CA TRP B 544 -20.37 12.56 -12.20
C TRP B 544 -21.38 12.48 -11.07
N GLU B 545 -21.13 11.54 -10.19
CA GLU B 545 -21.84 11.50 -8.94
C GLU B 545 -20.93 10.79 -7.95
N ASP B 546 -21.34 10.73 -6.69
CA ASP B 546 -20.47 10.23 -5.64
C ASP B 546 -19.85 8.86 -5.82
N THR B 547 -20.51 7.89 -6.48
CA THR B 547 -19.88 6.58 -6.62
C THR B 547 -19.40 6.26 -8.02
N GLN B 548 -19.69 7.12 -9.02
CA GLN B 548 -19.33 6.77 -10.37
C GLN B 548 -19.15 8.03 -11.18
N ILE B 549 -18.06 8.01 -11.94
CA ILE B 549 -17.71 9.03 -12.90
C ILE B 549 -17.57 8.36 -14.28
N GLN B 550 -18.08 8.99 -15.35
CA GLN B 550 -17.85 8.53 -16.72
C GLN B 550 -17.20 9.70 -17.43
N VAL B 551 -16.04 9.42 -17.99
CA VAL B 551 -15.24 10.48 -18.57
C VAL B 551 -14.64 10.01 -19.86
N LYS B 552 -14.42 10.89 -20.82
CA LYS B 552 -13.75 10.42 -22.00
C LYS B 552 -12.26 10.68 -21.96
N ILE B 553 -11.56 9.67 -22.45
CA ILE B 553 -10.11 9.67 -22.51
C ILE B 553 -9.59 10.84 -23.33
N PRO B 554 -8.76 11.74 -22.83
CA PRO B 554 -8.28 12.89 -23.56
C PRO B 554 -7.32 12.45 -24.65
N ALA B 555 -6.99 13.38 -25.55
CA ALA B 555 -6.13 13.09 -26.67
C ALA B 555 -4.67 13.19 -26.29
N VAL B 556 -4.24 12.18 -25.56
CA VAL B 556 -2.87 12.07 -25.12
C VAL B 556 -2.18 10.98 -25.94
N PRO B 557 -0.84 10.98 -26.09
CA PRO B 557 -0.08 9.93 -26.73
C PRO B 557 -0.41 8.54 -26.21
N GLY B 558 -0.27 7.52 -27.05
CA GLY B 558 -0.54 6.15 -26.63
C GLY B 558 0.45 5.82 -25.53
N GLY B 559 0.08 5.07 -24.51
CA GLY B 559 0.99 4.72 -23.43
C GLY B 559 0.23 4.34 -22.18
N ILE B 560 0.93 4.10 -21.07
CA ILE B 560 0.35 3.66 -19.81
C ILE B 560 0.25 4.87 -18.90
N TYR B 561 -0.92 5.07 -18.32
CA TYR B 561 -1.23 6.23 -17.51
C TYR B 561 -1.80 5.89 -16.16
N ASP B 562 -1.50 6.79 -15.22
CA ASP B 562 -2.14 6.74 -13.93
C ASP B 562 -3.40 7.56 -13.98
N ILE B 563 -4.43 7.07 -13.32
CA ILE B 563 -5.67 7.80 -13.21
C ILE B 563 -5.79 8.28 -11.78
N ARG B 564 -6.29 9.49 -11.63
CA ARG B 564 -6.51 10.08 -10.35
C ARG B 564 -7.74 10.97 -10.46
N VAL B 565 -8.56 11.09 -9.42
CA VAL B 565 -9.75 11.92 -9.39
C VAL B 565 -9.53 13.00 -8.32
N ALA B 566 -10.09 14.18 -8.51
CA ALA B 566 -10.04 15.24 -7.53
C ALA B 566 -11.48 15.68 -7.45
N ASN B 567 -12.09 15.72 -6.29
CA ASN B 567 -13.46 16.16 -6.20
C ASN B 567 -13.50 17.68 -6.40
N ALA B 568 -14.67 18.31 -6.39
CA ALA B 568 -14.81 19.75 -6.65
C ALA B 568 -14.07 20.67 -5.69
N ALA B 569 -13.82 20.13 -4.47
CA ALA B 569 -13.12 20.84 -3.40
C ALA B 569 -11.60 20.69 -3.50
N GLY B 570 -11.08 19.87 -4.42
CA GLY B 570 -9.65 19.77 -4.62
C GLY B 570 -9.03 18.56 -3.98
N ALA B 571 -9.75 17.77 -3.19
CA ALA B 571 -9.15 16.58 -2.58
C ALA B 571 -8.96 15.51 -3.65
N ALA B 572 -7.71 15.05 -3.82
CA ALA B 572 -7.31 14.08 -4.81
C ALA B 572 -7.47 12.66 -4.30
N SER B 573 -7.68 11.65 -5.14
CA SER B 573 -7.90 10.29 -4.70
C SER B 573 -6.58 9.53 -4.66
N ASN B 574 -6.69 8.23 -4.37
CA ASN B 574 -5.59 7.30 -4.63
C ASN B 574 -5.35 7.22 -6.15
N ILE B 575 -4.20 6.71 -6.58
CA ILE B 575 -3.88 6.55 -7.99
C ILE B 575 -4.32 5.18 -8.46
N TYR B 576 -4.99 5.06 -9.61
CA TYR B 576 -5.34 3.78 -10.17
C TYR B 576 -4.44 3.71 -11.42
N ASP B 577 -3.47 2.83 -11.40
CA ASP B 577 -2.44 2.81 -12.43
C ASP B 577 -2.68 1.77 -13.53
N ASN B 578 -1.76 1.67 -14.50
CA ASN B 578 -1.80 0.68 -15.60
C ASN B 578 -2.95 0.88 -16.59
N PHE B 579 -3.38 2.12 -16.80
CA PHE B 579 -4.43 2.34 -17.75
C PHE B 579 -3.77 2.47 -19.13
N GLU B 580 -4.22 1.75 -20.16
CA GLU B 580 -3.56 1.89 -21.45
C GLU B 580 -4.35 2.72 -22.44
N VAL B 581 -3.76 3.84 -22.87
CA VAL B 581 -4.32 4.64 -23.96
C VAL B 581 -3.68 4.10 -25.23
N LEU B 582 -4.52 3.61 -26.13
CA LEU B 582 -4.06 3.10 -27.41
C LEU B 582 -3.77 4.24 -28.37
N THR B 583 -2.84 4.07 -29.32
CA THR B 583 -2.63 5.09 -30.36
C THR B 583 -3.86 5.28 -31.24
N GLY B 584 -4.67 4.24 -31.45
CA GLY B 584 -5.86 4.36 -32.25
C GLY B 584 -6.51 3.00 -32.34
N ASP B 585 -7.41 2.80 -33.30
CA ASP B 585 -8.01 1.48 -33.54
C ASP B 585 -6.94 0.51 -33.90
N GLN B 586 -7.17 -0.77 -33.72
CA GLN B 586 -6.10 -1.73 -33.80
C GLN B 586 -6.37 -2.73 -34.92
N VAL B 587 -5.33 -3.25 -35.55
CA VAL B 587 -5.44 -4.37 -36.49
C VAL B 587 -4.32 -5.32 -36.10
N THR B 588 -4.43 -6.60 -36.38
CA THR B 588 -3.32 -7.51 -36.12
C THR B 588 -2.47 -7.76 -37.36
N VAL B 589 -1.16 -7.55 -37.27
CA VAL B 589 -0.22 -7.75 -38.36
C VAL B 589 0.73 -8.89 -37.99
N ARG B 590 0.96 -9.86 -38.88
CA ARG B 590 1.92 -10.90 -38.61
C ARG B 590 3.28 -10.37 -39.07
N PHE B 591 4.30 -10.23 -38.20
CA PHE B 591 5.64 -9.82 -38.62
C PHE B 591 6.47 -11.07 -38.78
N VAL B 592 7.25 -11.18 -39.85
CA VAL B 592 8.04 -12.37 -40.14
C VAL B 592 9.45 -11.89 -40.42
N ILE B 593 10.49 -12.48 -39.83
CA ILE B 593 11.86 -12.06 -40.05
C ILE B 593 12.60 -13.35 -40.28
N ASN B 594 13.31 -13.37 -41.40
CA ASN B 594 14.06 -14.54 -41.84
C ASN B 594 15.52 -14.27 -41.58
N ASN B 595 16.23 -15.38 -41.55
CA ASN B 595 17.66 -15.42 -41.33
C ASN B 595 18.13 -14.71 -40.06
N ALA B 596 17.34 -14.88 -39.00
CA ALA B 596 17.67 -14.35 -37.70
C ALA B 596 18.23 -15.53 -36.89
N THR B 597 19.52 -15.71 -37.10
CA THR B 597 20.25 -16.76 -36.40
C THR B 597 20.60 -16.25 -34.99
N THR B 598 20.29 -17.03 -33.98
CA THR B 598 20.60 -16.66 -32.62
C THR B 598 21.48 -17.71 -31.98
N ALA B 599 22.02 -17.27 -30.85
CA ALA B 599 22.86 -18.06 -29.98
C ALA B 599 22.04 -18.65 -28.84
N LEU B 600 22.75 -19.36 -27.95
CA LEU B 600 22.25 -19.96 -26.70
C LEU B 600 21.34 -19.02 -25.91
N GLY B 601 20.02 -19.17 -26.01
CA GLY B 601 19.12 -18.30 -25.24
C GLY B 601 19.13 -16.84 -25.67
N GLN B 602 19.35 -16.59 -26.95
CA GLN B 602 19.27 -15.27 -27.51
C GLN B 602 17.94 -15.37 -28.27
N ASN B 603 17.08 -14.36 -28.23
CA ASN B 603 15.79 -14.48 -28.91
C ASN B 603 15.54 -13.25 -29.75
N VAL B 604 14.64 -13.33 -30.72
CA VAL B 604 14.35 -12.17 -31.57
C VAL B 604 13.12 -11.48 -31.03
N PHE B 605 13.14 -10.17 -31.06
CA PHE B 605 12.09 -9.30 -30.55
C PHE B 605 11.86 -8.25 -31.60
N LEU B 606 10.76 -7.52 -31.47
CA LEU B 606 10.36 -6.46 -32.39
C LEU B 606 10.14 -5.19 -31.60
N THR B 607 10.49 -3.99 -32.03
CA THR B 607 10.06 -2.78 -31.33
C THR B 607 9.86 -1.71 -32.41
N GLY B 608 9.28 -0.58 -32.08
CA GLY B 608 9.03 0.43 -33.08
C GLY B 608 8.50 1.67 -32.42
N ASN B 609 8.13 2.62 -33.24
CA ASN B 609 7.84 3.97 -32.78
C ASN B 609 6.44 4.32 -32.29
N VAL B 610 5.61 3.35 -31.97
CA VAL B 610 4.27 3.59 -31.40
C VAL B 610 4.26 2.83 -30.06
N SER B 611 3.41 3.21 -29.07
CA SER B 611 3.42 2.56 -27.77
C SER B 611 3.09 1.08 -27.89
N GLU B 612 2.24 0.66 -28.82
CA GLU B 612 1.90 -0.75 -29.06
C GLU B 612 3.11 -1.61 -29.37
N LEU B 613 4.18 -0.98 -29.84
CA LEU B 613 5.45 -1.60 -30.18
C LEU B 613 6.57 -1.23 -29.19
N GLY B 614 6.28 -0.60 -28.06
CA GLY B 614 7.26 -0.30 -27.04
C GLY B 614 7.99 1.01 -27.16
N ASN B 615 7.69 1.86 -28.12
CA ASN B 615 8.36 3.14 -28.37
C ASN B 615 9.86 3.11 -28.29
N TRP B 616 10.36 2.11 -28.99
CA TRP B 616 11.78 1.81 -29.13
C TRP B 616 12.51 1.36 -27.88
N ASP B 617 11.86 1.09 -26.74
CA ASP B 617 12.58 0.64 -25.57
C ASP B 617 12.78 -0.87 -25.69
N PRO B 618 13.98 -1.43 -25.85
CA PRO B 618 14.21 -2.87 -25.94
C PRO B 618 13.69 -3.62 -24.74
N ASN B 619 13.59 -2.98 -23.58
CA ASN B 619 13.03 -3.59 -22.38
C ASN B 619 11.54 -3.80 -22.51
N ASN B 620 10.97 -3.03 -23.44
CA ASN B 620 9.55 -3.09 -23.75
C ASN B 620 9.19 -3.67 -25.12
N ALA B 621 10.11 -4.33 -25.80
CA ALA B 621 9.88 -4.92 -27.10
C ALA B 621 8.94 -6.12 -27.12
N ILE B 622 8.36 -6.39 -28.29
CA ILE B 622 7.40 -7.46 -28.49
C ILE B 622 8.16 -8.75 -28.71
N GLY B 623 7.81 -9.79 -27.98
CA GLY B 623 8.47 -11.07 -28.18
C GLY B 623 8.71 -11.80 -26.88
N PRO B 624 9.52 -12.87 -26.83
CA PRO B 624 10.29 -13.44 -27.93
C PRO B 624 9.35 -13.95 -29.01
N MET B 625 9.71 -13.77 -30.26
CA MET B 625 8.88 -14.22 -31.38
C MET B 625 8.87 -15.74 -31.45
N TYR B 626 8.00 -16.30 -32.28
CA TYR B 626 7.87 -17.74 -32.36
C TYR B 626 8.67 -18.23 -33.54
N ASN B 627 9.05 -19.49 -33.59
CA ASN B 627 9.84 -19.97 -34.69
C ASN B 627 9.69 -21.45 -34.90
N GLN B 628 8.52 -22.03 -34.61
CA GLN B 628 8.38 -23.45 -34.84
C GLN B 628 7.22 -23.91 -35.72
N VAL B 629 6.00 -23.39 -35.53
CA VAL B 629 4.85 -23.98 -36.19
C VAL B 629 4.58 -23.34 -37.53
N VAL B 630 4.20 -22.06 -37.56
CA VAL B 630 3.87 -21.45 -38.84
C VAL B 630 5.14 -21.23 -39.66
N TYR B 631 6.27 -20.82 -39.06
CA TYR B 631 7.54 -20.69 -39.77
C TYR B 631 8.54 -21.31 -38.81
N GLN B 632 9.68 -21.79 -39.30
CA GLN B 632 10.68 -22.44 -38.49
C GLN B 632 11.95 -21.62 -38.50
N TYR B 633 12.66 -21.62 -37.38
CA TYR B 633 13.97 -20.97 -37.22
C TYR B 633 14.92 -21.31 -38.37
N PRO B 634 15.74 -20.41 -38.95
CA PRO B 634 15.90 -19.03 -38.51
C PRO B 634 14.85 -18.03 -38.95
N THR B 635 13.66 -18.47 -39.34
CA THR B 635 12.55 -17.55 -39.54
C THR B 635 11.80 -17.51 -38.20
N TRP B 636 11.43 -16.32 -37.79
CA TRP B 636 10.69 -16.06 -36.57
C TRP B 636 9.45 -15.27 -36.99
N TYR B 637 8.30 -15.42 -36.32
CA TYR B 637 7.04 -14.75 -36.65
C TYR B 637 6.28 -14.37 -35.38
N TYR B 638 5.39 -13.38 -35.41
CA TYR B 638 4.59 -13.05 -34.23
C TYR B 638 3.43 -12.21 -34.71
N ASP B 639 2.26 -12.36 -34.09
CA ASP B 639 1.05 -11.60 -34.42
C ASP B 639 0.91 -10.46 -33.43
N VAL B 640 0.98 -9.21 -33.84
CA VAL B 640 1.04 -8.07 -32.92
C VAL B 640 -0.14 -7.13 -33.15
N SER B 641 -0.80 -6.59 -32.14
CA SER B 641 -1.82 -5.59 -32.37
C SER B 641 -1.09 -4.26 -32.60
N VAL B 642 -1.39 -3.55 -33.69
CA VAL B 642 -0.77 -2.26 -34.01
C VAL B 642 -1.85 -1.28 -34.40
N PRO B 643 -1.69 0.04 -34.26
CA PRO B 643 -2.71 1.01 -34.64
C PRO B 643 -2.96 0.88 -36.14
N ALA B 644 -4.21 1.04 -36.53
CA ALA B 644 -4.66 0.84 -37.88
C ALA B 644 -4.47 2.09 -38.73
N GLY B 645 -4.26 1.91 -40.05
CA GLY B 645 -4.20 3.01 -40.98
C GLY B 645 -3.04 3.96 -40.78
N GLN B 646 -1.85 3.57 -40.34
CA GLN B 646 -0.78 4.52 -40.23
C GLN B 646 0.54 3.86 -40.48
N THR B 647 1.52 4.71 -40.77
CA THR B 647 2.84 4.23 -41.09
C THR B 647 3.59 4.08 -39.77
N ILE B 648 4.11 2.89 -39.53
CA ILE B 648 4.91 2.63 -38.37
C ILE B 648 6.33 2.37 -38.84
N GLU B 649 7.29 2.83 -38.04
CA GLU B 649 8.70 2.50 -38.21
C GLU B 649 9.00 1.46 -37.17
N PHE B 650 9.87 0.52 -37.51
CA PHE B 650 10.18 -0.56 -36.62
C PHE B 650 11.54 -1.18 -36.95
N LYS B 651 12.07 -1.96 -36.02
CA LYS B 651 13.27 -2.72 -36.22
C LYS B 651 13.15 -3.99 -35.39
N PHE B 652 13.88 -5.01 -35.78
CA PHE B 652 13.97 -6.23 -35.01
C PHE B 652 15.26 -6.13 -34.21
N LEU B 653 15.35 -6.87 -33.11
CA LEU B 653 16.54 -6.91 -32.30
C LEU B 653 16.63 -8.31 -31.71
N LYS B 654 17.80 -8.66 -31.22
CA LYS B 654 17.99 -9.93 -30.56
C LYS B 654 18.39 -9.54 -29.16
N LYS B 655 17.88 -10.24 -28.16
CA LYS B 655 18.23 -10.00 -26.77
C LYS B 655 18.74 -11.27 -26.13
N GLN B 656 19.87 -11.14 -25.44
CA GLN B 656 20.48 -12.21 -24.64
C GLN B 656 20.96 -11.50 -23.38
N GLY B 657 20.16 -11.59 -22.31
CA GLY B 657 20.42 -10.87 -21.08
C GLY B 657 20.08 -9.43 -21.40
N SER B 658 20.98 -8.47 -21.17
CA SER B 658 20.72 -7.10 -21.57
C SER B 658 21.56 -6.74 -22.81
N THR B 659 22.07 -7.77 -23.49
CA THR B 659 22.83 -7.54 -24.69
C THR B 659 21.73 -7.52 -25.74
N VAL B 660 21.49 -6.30 -26.20
CA VAL B 660 20.55 -6.04 -27.26
C VAL B 660 21.39 -5.90 -28.52
N THR B 661 21.09 -6.68 -29.56
CA THR B 661 21.80 -6.65 -30.82
C THR B 661 20.72 -6.17 -31.79
N TRP B 662 20.81 -4.92 -32.24
CA TRP B 662 19.87 -4.34 -33.18
C TRP B 662 20.20 -4.72 -34.61
N GLU B 663 19.21 -4.70 -35.51
CA GLU B 663 19.46 -4.86 -36.92
C GLU B 663 20.19 -3.62 -37.36
N GLY B 664 20.99 -3.71 -38.41
CA GLY B 664 21.57 -2.52 -38.96
C GLY B 664 20.58 -1.98 -39.97
N GLY B 665 20.90 -0.82 -40.51
CA GLY B 665 20.10 -0.26 -41.57
C GLY B 665 19.28 0.90 -41.05
N ALA B 666 18.45 1.42 -41.95
CA ALA B 666 17.52 2.46 -41.62
C ALA B 666 16.34 1.69 -41.05
N ASN B 667 15.48 2.42 -40.35
CA ASN B 667 14.29 1.85 -39.75
C ASN B 667 13.36 1.35 -40.83
N ARG B 668 12.75 0.18 -40.69
CA ARG B 668 11.79 -0.28 -41.67
C ARG B 668 10.49 0.53 -41.47
N THR B 669 9.66 0.62 -42.50
CA THR B 669 8.41 1.35 -42.41
C THR B 669 7.32 0.46 -42.96
N PHE B 670 6.07 0.67 -42.56
CA PHE B 670 4.97 -0.11 -43.09
C PHE B 670 3.72 0.69 -42.82
N THR B 671 2.75 0.79 -43.73
CA THR B 671 1.49 1.45 -43.43
C THR B 671 0.52 0.33 -43.17
N THR B 672 -0.05 0.33 -41.97
CA THR B 672 -0.97 -0.70 -41.50
C THR B 672 -2.34 -0.60 -42.16
N PRO B 673 -3.03 -1.71 -42.45
CA PRO B 673 -4.38 -1.71 -43.00
C PRO B 673 -5.34 -0.96 -42.10
N THR B 674 -6.49 -0.51 -42.59
CA THR B 674 -7.45 0.14 -41.73
C THR B 674 -8.30 -0.92 -41.08
N SER B 675 -8.39 -2.13 -41.63
CA SER B 675 -9.14 -3.22 -41.01
C SER B 675 -8.54 -4.52 -41.49
N GLY B 676 -8.83 -5.67 -40.88
CA GLY B 676 -8.29 -6.93 -41.35
C GLY B 676 -6.86 -7.08 -40.91
N THR B 677 -6.15 -8.02 -41.49
CA THR B 677 -4.80 -8.31 -41.09
C THR B 677 -3.84 -8.02 -42.22
N ALA B 678 -2.54 -8.17 -42.00
CA ALA B 678 -1.52 -7.96 -43.00
C ALA B 678 -0.34 -8.79 -42.53
N THR B 679 0.63 -9.07 -43.39
CA THR B 679 1.79 -9.85 -43.04
C THR B 679 3.01 -9.08 -43.52
N VAL B 680 4.10 -8.92 -42.74
CA VAL B 680 5.31 -8.21 -43.15
C VAL B 680 6.34 -9.32 -43.16
N ASN B 681 6.89 -9.70 -44.30
CA ASN B 681 7.83 -10.82 -44.31
C ASN B 681 9.14 -10.15 -44.69
N VAL B 682 10.19 -10.25 -43.88
CA VAL B 682 11.37 -9.42 -44.03
C VAL B 682 12.65 -10.22 -43.76
N ASN B 683 13.86 -9.74 -44.09
CA ASN B 683 15.12 -10.47 -43.97
C ASN B 683 16.00 -9.71 -42.99
N TRP B 684 16.73 -10.36 -42.07
CA TRP B 684 17.59 -9.66 -41.13
C TRP B 684 18.63 -8.78 -41.86
N GLN B 685 18.67 -7.50 -41.47
CA GLN B 685 19.61 -6.50 -41.99
C GLN B 685 20.70 -6.49 -40.93
N PRO B 686 21.92 -6.91 -41.27
CA PRO B 686 23.10 -6.80 -40.40
C PRO B 686 23.50 -5.34 -40.29
CA CA C . 36.13 15.70 32.55
CA CA D . 6.46 26.07 28.46
CA CA E . -36.31 -26.62 -24.48
CA CA F . -5.87 -21.61 -31.81
#